data_3EUQ
#
_entry.id   3EUQ
#
_cell.length_a   69.689
_cell.length_b   105.116
_cell.length_c   105.078
_cell.angle_alpha   90.00
_cell.angle_beta   90.35
_cell.angle_gamma   90.00
#
_symmetry.space_group_name_H-M   'P 1 21 1'
#
loop_
_entity.id
_entity.type
_entity.pdbx_description
1 polymer 'Putative uncharacterized protein'
2 non-polymer 'HEXAETHYLENE GLYCOL'
3 water water
#
_entity_poly.entity_id   1
_entity_poly.type   'polypeptide(L)'
_entity_poly.pdbx_seq_one_letter_code
;LGLSITGLGVQYPPYSLGPDAIDILSKRYHPESPAMKKVLAINRYTGIDQRSSIGNPDHPLVNKPNPPTVKELHEVFMSD
GVPLAVEASRKAMAEARLVPAQITHMVSTTCTDSANPGYDHYVAKELGLSDRLEKVLLHGIG(CSD)SGGLAALRTAANL
CLGHTARGKPARILVLALEVSTTMVRSELESIDALQETRIGIALFSDCASAVILSNGIGEAPGKPAIYDLLGWENRVIPD
SEHDLGGDVDPMGWKVVLSPRVPVLAKASLQPTYADLLSSLQDQLPSSYQKPADFDWAMHPGGATILSGAESAMGLTPEH
MRASYDRYINHGNSSSATIFSVLNRLREKDMDALAPGGKVKEYVVGCAFGPGINVEMCMLKRR
;
_entity_poly.pdbx_strand_id   A,B,C,D
#
loop_
_chem_comp.id
_chem_comp.type
_chem_comp.name
_chem_comp.formula
P6G non-polymer 'HEXAETHYLENE GLYCOL' 'C12 H26 O7'
#
# COMPACT_ATOMS: atom_id res chain seq x y z
N LEU A 1 -34.51 -15.67 -14.15
CA LEU A 1 -33.96 -14.34 -13.75
C LEU A 1 -33.37 -13.60 -14.95
N GLY A 2 -33.20 -14.32 -16.05
CA GLY A 2 -32.60 -13.76 -17.26
C GLY A 2 -31.10 -13.51 -17.13
N LEU A 3 -30.44 -14.28 -16.27
CA LEU A 3 -29.00 -14.15 -16.05
C LEU A 3 -28.22 -15.23 -16.75
N SER A 4 -27.27 -14.81 -17.57
CA SER A 4 -26.47 -15.77 -18.32
C SER A 4 -25.00 -15.41 -18.41
N ILE A 5 -24.16 -16.43 -18.33
CA ILE A 5 -22.75 -16.29 -18.64
C ILE A 5 -22.61 -16.51 -20.13
N THR A 6 -22.24 -15.45 -20.85
CA THR A 6 -22.17 -15.47 -22.33
C THR A 6 -20.74 -15.65 -22.85
N GLY A 7 -19.76 -15.46 -21.98
CA GLY A 7 -18.38 -15.67 -22.38
C GLY A 7 -17.53 -15.95 -21.18
N LEU A 8 -16.51 -16.77 -21.37
CA LEU A 8 -15.53 -17.05 -20.33
C LEU A 8 -14.15 -16.94 -20.98
N GLY A 9 -13.17 -16.45 -20.22
CA GLY A 9 -11.80 -16.33 -20.69
C GLY A 9 -10.86 -16.58 -19.54
N VAL A 10 -9.75 -17.24 -19.83
CA VAL A 10 -8.76 -17.61 -18.83
C VAL A 10 -7.37 -17.36 -19.41
N GLN A 11 -6.47 -16.80 -18.61
CA GLN A 11 -5.07 -16.66 -19.03
C GLN A 11 -4.14 -17.06 -17.91
N TYR A 12 -3.44 -18.18 -18.07
CA TYR A 12 -2.35 -18.53 -17.16
C TYR A 12 -1.08 -17.83 -17.64
N PRO A 13 -0.15 -17.54 -16.72
CA PRO A 13 1.19 -17.06 -17.07
C PRO A 13 2.07 -18.07 -17.83
N PRO A 14 3.27 -17.63 -18.29
CA PRO A 14 4.12 -18.42 -19.20
C PRO A 14 4.78 -19.67 -18.60
N TYR A 15 4.94 -19.69 -17.27
CA TYR A 15 5.75 -20.72 -16.60
C TYR A 15 4.93 -21.77 -15.87
N SER A 16 5.40 -23.01 -15.92
CA SER A 16 4.83 -24.13 -15.17
C SER A 16 5.95 -24.74 -14.34
N LEU A 17 5.79 -24.65 -13.01
CA LEU A 17 6.81 -25.07 -12.07
C LEU A 17 6.44 -26.35 -11.33
N GLY A 18 7.39 -27.27 -11.27
CA GLY A 18 7.24 -28.50 -10.52
C GLY A 18 7.48 -28.31 -9.04
N PRO A 19 7.37 -29.38 -8.24
CA PRO A 19 7.61 -29.34 -6.79
C PRO A 19 9.05 -28.96 -6.39
N ASP A 20 10.01 -29.08 -7.31
CA ASP A 20 11.40 -28.74 -7.01
C ASP A 20 11.67 -27.23 -6.99
N ALA A 21 10.75 -26.44 -7.59
CA ALA A 21 10.88 -24.98 -7.59
C ALA A 21 11.09 -24.40 -6.18
N ILE A 22 10.27 -24.83 -5.22
CA ILE A 22 10.44 -24.34 -3.85
C ILE A 22 11.65 -24.97 -3.12
N ASP A 23 11.98 -26.23 -3.44
CA ASP A 23 13.21 -26.86 -2.98
C ASP A 23 14.45 -26.05 -3.36
N ILE A 24 14.47 -25.59 -4.61
CA ILE A 24 15.59 -24.82 -5.15
C ILE A 24 15.72 -23.52 -4.34
N LEU A 25 14.61 -22.79 -4.24
CA LEU A 25 14.60 -21.48 -3.56
C LEU A 25 14.88 -21.62 -2.07
N SER A 26 14.38 -22.69 -1.47
CA SER A 26 14.57 -22.93 -0.05
C SER A 26 16.03 -23.16 0.27
N LYS A 27 16.68 -24.07 -0.46
CA LYS A 27 18.11 -24.33 -0.27
C LYS A 27 18.94 -23.05 -0.47
N ARG A 28 18.54 -22.25 -1.45
CA ARG A 28 19.23 -20.99 -1.77
C ARG A 28 19.26 -20.01 -0.59
N TYR A 29 18.15 -19.90 0.13
CA TYR A 29 18.01 -18.80 1.10
C TYR A 29 17.97 -19.17 2.58
N HIS A 30 17.87 -20.47 2.84
CA HIS A 30 17.75 -20.94 4.21
C HIS A 30 18.48 -22.26 4.42
N PRO A 31 19.15 -22.37 5.57
CA PRO A 31 19.72 -23.66 5.89
C PRO A 31 18.59 -24.59 6.32
N GLU A 32 18.80 -25.90 6.19
CA GLU A 32 17.85 -26.91 6.63
C GLU A 32 17.40 -26.62 8.07
N SER A 33 16.10 -26.81 8.31
CA SER A 33 15.53 -26.72 9.67
C SER A 33 14.39 -27.74 9.74
N PRO A 34 13.94 -28.11 10.97
CA PRO A 34 12.79 -29.01 11.08
C PRO A 34 11.50 -28.55 10.38
N ALA A 35 11.13 -27.28 10.54
CA ALA A 35 9.87 -26.81 9.93
C ALA A 35 9.98 -26.76 8.41
N MET A 36 11.10 -26.25 7.91
CA MET A 36 11.36 -26.23 6.48
C MET A 36 11.28 -27.63 5.90
N LYS A 37 11.90 -28.62 6.56
CA LYS A 37 11.86 -30.01 6.08
C LYS A 37 10.43 -30.57 5.97
N LYS A 38 9.58 -30.25 6.95
CA LYS A 38 8.19 -30.70 6.92
C LYS A 38 7.42 -30.05 5.78
N VAL A 39 7.67 -28.76 5.54
CA VAL A 39 7.02 -28.04 4.45
C VAL A 39 7.42 -28.60 3.08
N LEU A 40 8.70 -28.86 2.91
CA LEU A 40 9.17 -29.42 1.66
C LEU A 40 8.61 -30.84 1.40
N ALA A 41 8.39 -31.61 2.46
CA ALA A 41 7.74 -32.91 2.35
C ALA A 41 6.27 -32.71 1.97
N ILE A 42 5.60 -31.77 2.67
CA ILE A 42 4.22 -31.45 2.40
C ILE A 42 3.99 -31.02 0.95
N ASN A 43 4.97 -30.30 0.40
CA ASN A 43 4.92 -29.80 -0.97
C ASN A 43 4.61 -30.94 -1.96
N ARG A 44 5.03 -32.15 -1.60
CA ARG A 44 4.91 -33.29 -2.50
C ARG A 44 3.74 -34.23 -2.19
N TYR A 45 2.95 -33.87 -1.19
CA TYR A 45 1.79 -34.66 -0.77
C TYR A 45 0.51 -34.05 -1.33
N THR A 46 0.67 -32.95 -2.06
CA THR A 46 -0.47 -32.17 -2.48
C THR A 46 -1.25 -32.82 -3.61
N GLY A 47 -0.52 -33.47 -4.52
CA GLY A 47 -1.11 -34.05 -5.72
C GLY A 47 -1.21 -33.01 -6.82
N ILE A 48 -0.48 -31.91 -6.65
CA ILE A 48 -0.33 -30.89 -7.68
C ILE A 48 0.90 -31.25 -8.51
N ASP A 49 0.69 -31.51 -9.79
CA ASP A 49 1.79 -31.83 -10.69
C ASP A 49 2.60 -30.57 -10.99
N GLN A 50 1.96 -29.58 -11.59
CA GLN A 50 2.61 -28.32 -11.91
C GLN A 50 1.83 -27.08 -11.45
N ARG A 51 2.56 -26.01 -11.19
CA ARG A 51 1.96 -24.73 -10.80
C ARG A 51 2.32 -23.57 -11.71
N SER A 52 1.30 -22.86 -12.16
CA SER A 52 1.49 -21.73 -13.05
C SER A 52 2.09 -20.54 -12.32
N SER A 53 3.12 -19.94 -12.91
CA SER A 53 3.82 -18.81 -12.32
C SER A 53 4.18 -17.74 -13.35
N ILE A 54 4.23 -16.48 -12.89
CA ILE A 54 4.67 -15.36 -13.75
C ILE A 54 6.16 -15.43 -14.07
N GLY A 55 6.87 -16.30 -13.35
CA GLY A 55 8.32 -16.43 -13.51
C GLY A 55 8.81 -17.78 -13.03
N ASN A 56 10.12 -17.96 -13.02
CA ASN A 56 10.71 -19.20 -12.54
C ASN A 56 11.54 -18.91 -11.27
N PRO A 57 12.11 -19.95 -10.63
CA PRO A 57 12.94 -19.72 -9.43
C PRO A 57 14.13 -18.76 -9.61
N ASP A 58 14.44 -18.36 -10.85
CA ASP A 58 15.54 -17.41 -11.12
C ASP A 58 15.11 -15.96 -11.30
N HIS A 59 13.81 -15.70 -11.16
CA HIS A 59 13.28 -14.34 -11.28
C HIS A 59 13.94 -13.42 -10.28
N PRO A 60 14.39 -12.22 -10.72
CA PRO A 60 15.12 -11.35 -9.80
C PRO A 60 14.31 -10.87 -8.57
N LEU A 61 12.99 -10.78 -8.70
CA LEU A 61 12.14 -10.36 -7.58
C LEU A 61 12.27 -11.27 -6.38
N VAL A 62 12.34 -12.58 -6.62
CA VAL A 62 12.45 -13.56 -5.54
C VAL A 62 13.92 -13.89 -5.23
N ASN A 63 14.83 -13.09 -5.77
CA ASN A 63 16.26 -13.39 -5.60
C ASN A 63 17.09 -12.27 -4.96
N LYS A 64 16.41 -11.33 -4.33
CA LYS A 64 17.09 -10.23 -3.65
C LYS A 64 17.59 -10.66 -2.26
N PRO A 65 18.42 -9.83 -1.60
CA PRO A 65 18.87 -10.20 -0.25
C PRO A 65 17.73 -10.58 0.68
N ASN A 66 16.65 -9.79 0.65
CA ASN A 66 15.46 -10.01 1.47
C ASN A 66 14.27 -10.37 0.59
N PRO A 67 13.17 -10.87 1.18
CA PRO A 67 11.95 -10.97 0.38
C PRO A 67 11.58 -9.60 -0.19
N PRO A 68 10.94 -9.57 -1.37
CA PRO A 68 10.51 -8.28 -1.91
C PRO A 68 9.47 -7.61 -1.00
N THR A 69 9.46 -6.28 -0.96
CA THR A 69 8.51 -5.59 -0.10
C THR A 69 7.13 -5.62 -0.78
N VAL A 70 6.09 -5.32 0.00
CA VAL A 70 4.74 -5.27 -0.55
C VAL A 70 4.68 -4.28 -1.72
N LYS A 71 5.52 -3.24 -1.66
CA LYS A 71 5.66 -2.27 -2.74
C LYS A 71 6.21 -2.92 -4.01
N GLU A 72 7.28 -3.69 -3.85
CA GLU A 72 7.90 -4.41 -4.96
C GLU A 72 6.97 -5.48 -5.55
N LEU A 73 6.16 -6.11 -4.70
CA LEU A 73 5.15 -7.06 -5.16
C LEU A 73 4.10 -6.36 -6.04
N HIS A 74 3.67 -5.18 -5.62
CA HIS A 74 2.70 -4.43 -6.42
C HIS A 74 3.20 -4.15 -7.84
N GLU A 75 4.49 -3.83 -7.95
CA GLU A 75 5.09 -3.45 -9.22
C GLU A 75 5.00 -4.59 -10.22
N VAL A 76 5.23 -5.80 -9.72
CA VAL A 76 5.15 -7.01 -10.51
C VAL A 76 3.70 -7.45 -10.76
N PHE A 77 2.81 -7.22 -9.80
CA PHE A 77 1.37 -7.45 -10.02
C PHE A 77 0.93 -6.65 -11.26
N MET A 78 1.32 -5.38 -11.30
CA MET A 78 0.98 -4.51 -12.42
C MET A 78 1.67 -4.89 -13.72
N SER A 79 2.97 -5.18 -13.69
CA SER A 79 3.68 -5.50 -14.94
C SER A 79 3.39 -6.91 -15.47
N ASP A 80 3.14 -7.88 -14.58
CA ASP A 80 3.00 -9.28 -15.01
C ASP A 80 1.62 -9.89 -14.77
N GLY A 81 0.93 -9.41 -13.74
CA GLY A 81 -0.44 -9.83 -13.50
C GLY A 81 -1.39 -9.13 -14.44
N VAL A 82 -1.33 -7.81 -14.50
CA VAL A 82 -2.34 -7.03 -15.25
C VAL A 82 -2.52 -7.49 -16.72
N PRO A 83 -1.42 -7.79 -17.44
CA PRO A 83 -1.57 -8.36 -18.81
C PRO A 83 -2.39 -9.67 -18.89
N LEU A 84 -2.35 -10.49 -17.84
CA LEU A 84 -3.13 -11.73 -17.80
C LEU A 84 -4.61 -11.39 -17.73
N ALA A 85 -4.95 -10.42 -16.89
CA ALA A 85 -6.33 -9.96 -16.71
C ALA A 85 -6.92 -9.35 -17.98
N VAL A 86 -6.10 -8.60 -18.72
CA VAL A 86 -6.53 -7.95 -19.96
C VAL A 86 -6.93 -9.03 -20.98
N GLU A 87 -6.03 -9.99 -21.21
CA GLU A 87 -6.24 -11.10 -22.16
C GLU A 87 -7.43 -11.99 -21.79
N ALA A 88 -7.56 -12.28 -20.50
CA ALA A 88 -8.66 -13.08 -19.98
C ALA A 88 -9.98 -12.37 -20.30
N SER A 89 -10.02 -11.08 -20.00
CA SER A 89 -11.20 -10.24 -20.25
C SER A 89 -11.54 -10.14 -21.74
N ARG A 90 -10.52 -9.96 -22.57
CA ARG A 90 -10.71 -9.90 -24.04
C ARG A 90 -11.41 -11.16 -24.53
N LYS A 91 -10.89 -12.32 -24.10
CA LYS A 91 -11.39 -13.61 -24.56
C LYS A 91 -12.82 -13.84 -24.10
N ALA A 92 -13.15 -13.41 -22.89
CA ALA A 92 -14.53 -13.51 -22.43
C ALA A 92 -15.48 -12.65 -23.28
N MET A 93 -15.07 -11.39 -23.54
CA MET A 93 -15.80 -10.44 -24.38
C MET A 93 -15.95 -10.90 -25.83
N ALA A 94 -14.92 -11.53 -26.38
CA ALA A 94 -14.92 -12.05 -27.75
C ALA A 94 -15.90 -13.20 -27.93
N GLU A 95 -15.95 -14.10 -26.95
CA GLU A 95 -16.91 -15.21 -26.97
C GLU A 95 -18.33 -14.68 -26.79
N ALA A 96 -18.48 -13.66 -25.93
CA ALA A 96 -19.75 -13.00 -25.70
C ALA A 96 -20.15 -12.15 -26.90
N ARG A 97 -19.17 -11.90 -27.78
CA ARG A 97 -19.29 -11.02 -28.95
C ARG A 97 -19.68 -9.58 -28.60
N LEU A 98 -19.04 -9.04 -27.57
CA LEU A 98 -19.31 -7.69 -27.12
C LEU A 98 -18.17 -6.77 -27.49
N VAL A 99 -18.51 -5.52 -27.81
CA VAL A 99 -17.53 -4.46 -27.99
C VAL A 99 -17.43 -3.72 -26.65
N PRO A 100 -16.26 -3.14 -26.33
CA PRO A 100 -16.08 -2.43 -25.04
C PRO A 100 -17.20 -1.47 -24.60
N ALA A 101 -17.87 -0.80 -25.53
CA ALA A 101 -18.91 0.17 -25.15
C ALA A 101 -20.14 -0.52 -24.56
N GLN A 102 -20.25 -1.82 -24.80
CA GLN A 102 -21.43 -2.58 -24.37
C GLN A 102 -21.36 -3.01 -22.92
N ILE A 103 -20.16 -2.94 -22.34
CA ILE A 103 -19.92 -3.32 -20.93
C ILE A 103 -20.41 -2.24 -19.96
N THR A 104 -21.28 -2.62 -19.05
CA THR A 104 -21.98 -1.64 -18.20
C THR A 104 -21.40 -1.56 -16.78
N HIS A 105 -20.87 -2.69 -16.32
CA HIS A 105 -20.25 -2.79 -14.99
C HIS A 105 -19.05 -3.69 -15.10
N MET A 106 -18.21 -3.59 -14.09
CA MET A 106 -17.05 -4.46 -13.92
C MET A 106 -16.98 -4.81 -12.44
N VAL A 107 -16.98 -6.11 -12.13
CA VAL A 107 -16.77 -6.59 -10.76
C VAL A 107 -15.48 -7.41 -10.76
N SER A 108 -14.47 -6.93 -10.03
CA SER A 108 -13.15 -7.54 -10.04
C SER A 108 -12.79 -7.88 -8.60
N THR A 109 -11.89 -8.83 -8.45
CA THR A 109 -11.47 -9.29 -7.14
C THR A 109 -9.97 -9.67 -7.22
N THR A 110 -9.28 -9.51 -6.10
CA THR A 110 -7.90 -10.03 -5.88
C THR A 110 -7.61 -9.94 -4.38
N CYS A 111 -6.72 -10.80 -3.90
CA CYS A 111 -6.22 -10.72 -2.51
C CYS A 111 -4.71 -10.56 -2.47
N THR A 112 -4.10 -10.50 -3.65
CA THR A 112 -2.63 -10.49 -3.77
C THR A 112 -2.04 -9.12 -4.17
N ASP A 113 -2.90 -8.09 -4.17
CA ASP A 113 -2.53 -6.70 -4.45
C ASP A 113 -3.37 -5.72 -3.64
N SER A 114 -2.79 -4.57 -3.32
CA SER A 114 -3.52 -3.39 -2.84
C SER A 114 -2.98 -2.14 -3.55
N ALA A 115 -3.86 -1.23 -3.95
CA ALA A 115 -3.48 -0.11 -4.79
C ALA A 115 -4.63 0.87 -4.90
N ASN A 116 -4.30 2.16 -4.99
CA ASN A 116 -5.26 3.20 -5.35
C ASN A 116 -4.65 4.09 -6.42
N PRO A 117 -5.24 4.13 -7.62
CA PRO A 117 -6.42 3.37 -8.11
C PRO A 117 -6.18 1.86 -8.16
N GLY A 118 -7.25 1.08 -8.02
CA GLY A 118 -7.13 -0.38 -8.06
C GLY A 118 -6.70 -0.90 -9.43
N TYR A 119 -6.39 -2.19 -9.51
CA TYR A 119 -5.88 -2.79 -10.74
C TYR A 119 -6.97 -2.86 -11.82
N ASP A 120 -8.23 -2.89 -11.38
CA ASP A 120 -9.38 -2.93 -12.30
C ASP A 120 -9.44 -1.67 -13.17
N HIS A 121 -8.98 -0.55 -12.64
CA HIS A 121 -8.85 0.67 -13.44
C HIS A 121 -7.96 0.49 -14.66
N TYR A 122 -6.79 -0.12 -14.48
CA TYR A 122 -5.82 -0.31 -15.57
C TYR A 122 -6.28 -1.31 -16.63
N VAL A 123 -6.89 -2.40 -16.18
CA VAL A 123 -7.52 -3.39 -17.08
C VAL A 123 -8.60 -2.74 -17.96
N ALA A 124 -9.49 -1.99 -17.31
CA ALA A 124 -10.60 -1.33 -17.99
C ALA A 124 -10.06 -0.39 -19.06
N LYS A 125 -9.04 0.39 -18.70
CA LYS A 125 -8.44 1.34 -19.63
C LYS A 125 -7.85 0.61 -20.84
N GLU A 126 -7.05 -0.42 -20.59
CA GLU A 126 -6.48 -1.25 -21.68
C GLU A 126 -7.53 -1.87 -22.62
N LEU A 127 -8.65 -2.30 -22.07
CA LEU A 127 -9.76 -2.85 -22.85
C LEU A 127 -10.54 -1.75 -23.58
N GLY A 128 -10.43 -0.52 -23.09
CA GLY A 128 -11.02 0.65 -23.76
C GLY A 128 -12.47 0.79 -23.37
N LEU A 129 -12.76 0.52 -22.10
CA LEU A 129 -14.14 0.57 -21.63
C LEU A 129 -14.60 1.99 -21.35
N SER A 130 -15.92 2.18 -21.30
CA SER A 130 -16.55 3.47 -21.00
C SER A 130 -15.96 4.17 -19.80
N ASP A 131 -15.78 5.48 -19.95
CA ASP A 131 -15.40 6.37 -18.85
C ASP A 131 -16.51 6.45 -17.81
N ARG A 132 -17.70 6.00 -18.18
CA ARG A 132 -18.87 5.92 -17.29
C ARG A 132 -19.09 4.51 -16.69
N LEU A 133 -18.11 3.63 -16.87
CA LEU A 133 -18.16 2.26 -16.34
C LEU A 133 -18.35 2.26 -14.82
N GLU A 134 -19.32 1.49 -14.33
CA GLU A 134 -19.50 1.34 -12.89
C GLU A 134 -18.63 0.17 -12.43
N LYS A 135 -17.67 0.46 -11.57
CA LYS A 135 -16.73 -0.57 -11.12
C LYS A 135 -16.87 -0.90 -9.64
N VAL A 136 -16.59 -2.16 -9.33
CA VAL A 136 -16.55 -2.66 -7.95
C VAL A 136 -15.30 -3.51 -7.89
N LEU A 137 -14.34 -3.11 -7.07
CA LEU A 137 -13.18 -3.95 -6.81
C LEU A 137 -13.33 -4.54 -5.41
N LEU A 138 -13.66 -5.82 -5.37
CA LEU A 138 -13.85 -6.54 -4.11
C LEU A 138 -12.52 -6.78 -3.41
N HIS A 139 -12.53 -6.68 -2.08
CA HIS A 139 -11.36 -6.96 -1.24
C HIS A 139 -11.77 -7.86 -0.07
N GLY A 140 -10.78 -8.46 0.58
CA GLY A 140 -10.99 -9.12 1.86
C GLY A 140 -11.56 -10.54 1.86
N ILE A 141 -11.68 -11.15 0.70
CA ILE A 141 -12.38 -12.44 0.57
C ILE A 141 -11.55 -13.61 0.00
N GLY A 142 -10.34 -13.31 -0.46
CA GLY A 142 -9.45 -14.34 -0.98
C GLY A 142 -10.10 -15.30 -1.97
N CSD A 143 -10.02 -16.59 -1.66
CA CSD A 143 -10.47 -17.67 -2.57
CB CSD A 143 -10.12 -19.05 -2.03
SG CSD A 143 -8.33 -19.23 -1.83
C CSD A 143 -11.93 -17.76 -2.90
O CSD A 143 -12.29 -18.32 -3.92
OD1 CSD A 143 -8.10 -21.18 -1.51
OD2 CSD A 143 -8.94 -19.20 0.02
N SER A 144 -12.80 -17.22 -2.04
CA SER A 144 -14.24 -17.23 -2.35
C SER A 144 -14.61 -16.16 -3.38
N GLY A 145 -13.64 -15.32 -3.74
CA GLY A 145 -13.83 -14.15 -4.59
C GLY A 145 -14.41 -14.33 -5.99
N GLY A 146 -14.07 -15.41 -6.68
CA GLY A 146 -14.63 -15.66 -8.02
C GLY A 146 -16.14 -15.78 -7.98
N LEU A 147 -16.64 -16.63 -7.08
CA LEU A 147 -18.09 -16.81 -6.89
C LEU A 147 -18.76 -15.65 -6.19
N ALA A 148 -18.05 -15.01 -5.26
CA ALA A 148 -18.51 -13.77 -4.64
C ALA A 148 -18.70 -12.67 -5.68
N ALA A 149 -17.71 -12.50 -6.55
CA ALA A 149 -17.85 -11.51 -7.63
C ALA A 149 -19.01 -11.84 -8.56
N LEU A 150 -19.23 -13.13 -8.81
CA LEU A 150 -20.26 -13.57 -9.74
C LEU A 150 -21.63 -13.25 -9.18
N ARG A 151 -21.77 -13.41 -7.87
CA ARG A 151 -23.03 -13.19 -7.16
C ARG A 151 -23.32 -11.70 -7.03
N THR A 152 -22.27 -10.93 -6.78
CA THR A 152 -22.34 -9.47 -6.71
C THR A 152 -22.78 -8.90 -8.06
N ALA A 153 -22.14 -9.37 -9.13
CA ALA A 153 -22.55 -9.08 -10.51
C ALA A 153 -24.00 -9.42 -10.80
N ALA A 154 -24.46 -10.56 -10.30
CA ALA A 154 -25.85 -10.98 -10.53
C ALA A 154 -26.83 -10.00 -9.90
N ASN A 155 -26.55 -9.55 -8.69
CA ASN A 155 -27.38 -8.54 -8.01
C ASN A 155 -27.39 -7.19 -8.78
N LEU A 156 -26.24 -6.89 -9.38
CA LEU A 156 -26.08 -5.67 -10.17
C LEU A 156 -26.81 -5.76 -11.50
N CYS A 157 -26.81 -6.95 -12.10
CA CYS A 157 -27.58 -7.19 -13.31
C CYS A 157 -29.07 -6.95 -13.08
N LEU A 158 -29.58 -7.53 -12.00
CA LEU A 158 -30.97 -7.37 -11.61
C LEU A 158 -31.32 -5.92 -11.29
N GLY A 159 -30.35 -5.16 -10.79
CA GLY A 159 -30.53 -3.74 -10.54
C GLY A 159 -30.89 -3.03 -11.83
N HIS A 160 -30.14 -3.31 -12.89
CA HIS A 160 -30.45 -2.78 -14.22
C HIS A 160 -31.77 -3.33 -14.80
N THR A 161 -32.05 -4.61 -14.57
CA THR A 161 -33.32 -5.23 -14.99
C THR A 161 -34.51 -4.48 -14.41
N ALA A 162 -34.38 -4.06 -13.15
CA ALA A 162 -35.43 -3.35 -12.45
C ALA A 162 -35.71 -2.01 -13.12
N ARG A 163 -34.70 -1.48 -13.81
CA ARG A 163 -34.85 -0.21 -14.51
C ARG A 163 -35.04 -0.38 -16.02
N GLY A 164 -35.21 -1.63 -16.45
CA GLY A 164 -35.43 -1.96 -17.86
C GLY A 164 -34.21 -1.71 -18.73
N LYS A 165 -33.05 -1.59 -18.09
CA LYS A 165 -31.77 -1.30 -18.77
C LYS A 165 -30.93 -2.55 -18.98
N PRO A 166 -30.33 -2.68 -20.18
CA PRO A 166 -29.37 -3.75 -20.44
C PRO A 166 -28.20 -3.67 -19.48
N ALA A 167 -27.77 -4.83 -18.99
CA ALA A 167 -26.53 -4.96 -18.24
C ALA A 167 -25.65 -6.05 -18.85
N ARG A 168 -24.37 -5.71 -19.04
CA ARG A 168 -23.32 -6.63 -19.48
C ARG A 168 -22.13 -6.42 -18.55
N ILE A 169 -21.87 -7.40 -17.69
CA ILE A 169 -20.89 -7.20 -16.62
C ILE A 169 -19.64 -8.05 -16.83
N LEU A 170 -18.49 -7.39 -16.95
CA LEU A 170 -17.20 -8.11 -16.92
C LEU A 170 -16.87 -8.53 -15.50
N VAL A 171 -16.81 -9.84 -15.29
CA VAL A 171 -16.47 -10.40 -13.97
C VAL A 171 -15.04 -10.95 -13.98
N LEU A 172 -14.16 -10.36 -13.17
CA LEU A 172 -12.73 -10.66 -13.28
C LEU A 172 -12.01 -10.99 -11.98
N ALA A 173 -11.16 -12.00 -12.04
CA ALA A 173 -10.35 -12.39 -10.92
C ALA A 173 -8.92 -12.50 -11.42
N LEU A 174 -7.97 -11.98 -10.65
CA LEU A 174 -6.55 -12.03 -10.97
C LEU A 174 -5.82 -12.27 -9.69
N GLU A 175 -4.92 -13.25 -9.69
CA GLU A 175 -4.11 -13.52 -8.52
C GLU A 175 -2.67 -13.79 -8.91
N VAL A 176 -1.73 -13.14 -8.24
CA VAL A 176 -0.32 -13.47 -8.39
C VAL A 176 0.17 -13.85 -7.01
N SER A 177 0.18 -15.15 -6.72
CA SER A 177 0.61 -15.61 -5.42
C SER A 177 2.10 -16.01 -5.34
N THR A 178 2.69 -16.42 -6.46
CA THR A 178 4.01 -17.09 -6.42
C THR A 178 5.16 -16.16 -6.03
N THR A 179 4.93 -14.86 -6.22
CA THR A 179 5.87 -13.81 -5.89
C THR A 179 6.13 -13.74 -4.38
N MET A 180 5.18 -14.24 -3.58
CA MET A 180 5.31 -14.25 -2.13
C MET A 180 6.03 -15.48 -1.59
N VAL A 181 6.79 -16.16 -2.45
CA VAL A 181 7.51 -17.38 -2.03
C VAL A 181 8.58 -17.08 -0.99
N ARG A 182 9.27 -15.95 -1.16
CA ARG A 182 10.32 -15.56 -0.23
C ARG A 182 9.74 -15.14 1.12
N SER A 183 8.60 -14.44 1.10
CA SER A 183 7.92 -14.08 2.34
C SER A 183 7.59 -15.31 3.15
N GLU A 184 7.02 -16.32 2.49
CA GLU A 184 6.63 -17.55 3.15
C GLU A 184 7.86 -18.33 3.64
N LEU A 185 8.89 -18.44 2.80
CA LEU A 185 10.12 -19.12 3.21
C LEU A 185 10.71 -18.52 4.49
N GLU A 186 10.74 -17.19 4.58
CA GLU A 186 11.32 -16.53 5.76
C GLU A 186 10.51 -16.80 7.01
N SER A 187 9.19 -16.79 6.89
CA SER A 187 8.31 -17.12 8.01
C SER A 187 8.52 -18.55 8.50
N ILE A 188 8.62 -19.49 7.57
CA ILE A 188 8.84 -20.91 7.91
C ILE A 188 10.14 -21.05 8.69
N ASP A 189 11.20 -20.44 8.16
CA ASP A 189 12.51 -20.57 8.76
C ASP A 189 12.55 -19.82 10.12
N ALA A 190 12.07 -18.58 10.14
CA ALA A 190 12.11 -17.73 11.35
C ALA A 190 11.19 -18.19 12.47
N LEU A 191 9.99 -18.61 12.13
CA LEU A 191 8.99 -19.00 13.13
C LEU A 191 9.00 -20.48 13.42
N GLN A 192 9.65 -21.27 12.56
CA GLN A 192 9.57 -22.73 12.60
C GLN A 192 8.11 -23.20 12.64
N GLU A 193 7.27 -22.57 11.83
CA GLU A 193 5.91 -23.08 11.60
C GLU A 193 5.78 -23.73 10.22
N THR A 194 5.03 -24.82 10.18
CA THR A 194 4.76 -25.50 8.93
C THR A 194 3.62 -24.80 8.22
N ARG A 195 4.00 -23.81 7.42
CA ARG A 195 3.08 -23.04 6.62
C ARG A 195 3.05 -23.65 5.22
N ILE A 196 1.86 -24.08 4.78
CA ILE A 196 1.71 -24.89 3.56
C ILE A 196 1.24 -24.10 2.33
N GLY A 197 1.04 -22.80 2.51
CA GLY A 197 0.73 -21.89 1.42
C GLY A 197 1.61 -22.07 0.20
N ILE A 198 2.93 -22.11 0.39
CA ILE A 198 3.85 -22.28 -0.74
C ILE A 198 3.70 -23.58 -1.51
N ALA A 199 3.01 -24.53 -0.91
CA ALA A 199 2.79 -25.83 -1.52
C ALA A 199 1.59 -25.79 -2.45
N LEU A 200 0.65 -24.88 -2.18
CA LEU A 200 -0.65 -24.84 -2.85
C LEU A 200 -0.80 -23.79 -3.97
N PHE A 201 -0.28 -22.60 -3.77
CA PHE A 201 -0.75 -21.43 -4.54
C PHE A 201 -0.09 -21.13 -5.87
N SER A 202 -0.90 -20.61 -6.79
CA SER A 202 -0.42 -20.30 -8.14
C SER A 202 -1.03 -19.01 -8.71
N ASP A 203 -0.61 -18.66 -9.93
CA ASP A 203 -0.96 -17.40 -10.59
C ASP A 203 -1.93 -17.65 -11.76
N CYS A 204 -2.94 -16.79 -11.89
CA CYS A 204 -3.93 -16.91 -12.95
C CYS A 204 -4.79 -15.65 -13.03
N ALA A 205 -5.37 -15.42 -14.21
CA ALA A 205 -6.46 -14.47 -14.38
C ALA A 205 -7.61 -15.16 -15.09
N SER A 206 -8.83 -15.00 -14.57
CA SER A 206 -9.98 -15.55 -15.28
C SER A 206 -11.11 -14.55 -15.35
N ALA A 207 -11.90 -14.64 -16.41
CA ALA A 207 -13.02 -13.71 -16.59
C ALA A 207 -14.26 -14.33 -17.19
N VAL A 208 -15.42 -13.88 -16.74
CA VAL A 208 -16.68 -14.20 -17.40
C VAL A 208 -17.47 -12.91 -17.68
N ILE A 209 -18.33 -12.97 -18.69
CA ILE A 209 -19.29 -11.92 -18.92
C ILE A 209 -20.62 -12.42 -18.39
N LEU A 210 -21.24 -11.63 -17.52
CA LEU A 210 -22.59 -11.94 -17.09
C LEU A 210 -23.56 -10.90 -17.67
N SER A 211 -24.61 -11.39 -18.34
CA SER A 211 -25.63 -10.55 -18.98
C SER A 211 -26.96 -10.67 -18.26
N ASN A 212 -27.74 -9.59 -18.26
CA ASN A 212 -29.12 -9.64 -17.72
C ASN A 212 -30.16 -9.90 -18.81
N GLY A 213 -29.69 -10.17 -20.02
CA GLY A 213 -30.56 -10.56 -21.13
C GLY A 213 -31.41 -9.46 -21.77
N ILE A 214 -31.52 -8.31 -21.12
CA ILE A 214 -32.23 -7.17 -21.72
C ILE A 214 -31.42 -6.61 -22.89
N GLY A 215 -32.07 -6.45 -24.04
CA GLY A 215 -31.38 -5.92 -25.22
C GLY A 215 -30.52 -6.95 -25.96
N GLU A 216 -30.74 -8.22 -25.64
CA GLU A 216 -30.20 -9.33 -26.42
C GLU A 216 -31.37 -9.96 -27.12
N ALA A 217 -31.14 -10.42 -28.35
CA ALA A 217 -32.16 -11.13 -29.12
C ALA A 217 -32.71 -12.33 -28.35
N PRO A 218 -34.03 -12.58 -28.47
CA PRO A 218 -34.50 -13.87 -27.97
C PRO A 218 -33.76 -15.00 -28.72
N GLY A 219 -33.29 -15.99 -27.98
CA GLY A 219 -32.55 -17.11 -28.57
C GLY A 219 -31.05 -16.90 -28.69
N LYS A 220 -30.54 -15.78 -28.19
CA LYS A 220 -29.10 -15.54 -28.13
C LYS A 220 -28.41 -16.67 -27.33
N PRO A 221 -27.26 -17.17 -27.85
CA PRO A 221 -26.63 -18.28 -27.15
C PRO A 221 -25.90 -17.83 -25.90
N ALA A 222 -26.03 -18.61 -24.83
CA ALA A 222 -25.26 -18.39 -23.61
C ALA A 222 -24.47 -19.67 -23.34
N ILE A 223 -23.62 -19.64 -22.32
CA ILE A 223 -22.86 -20.85 -21.96
C ILE A 223 -23.49 -21.47 -20.72
N TYR A 224 -23.76 -20.63 -19.73
CA TYR A 224 -24.48 -21.08 -18.55
C TYR A 224 -25.56 -20.05 -18.25
N ASP A 225 -26.73 -20.51 -17.84
CA ASP A 225 -27.71 -19.63 -17.22
C ASP A 225 -27.45 -19.70 -15.72
N LEU A 226 -27.49 -18.55 -15.05
CA LEU A 226 -27.32 -18.51 -13.59
C LEU A 226 -28.69 -18.55 -12.91
N LEU A 227 -28.95 -19.66 -12.22
CA LEU A 227 -30.28 -19.89 -11.66
C LEU A 227 -30.43 -19.38 -10.24
N GLY A 228 -29.37 -19.51 -9.46
CA GLY A 228 -29.45 -19.21 -8.05
C GLY A 228 -28.10 -19.27 -7.38
N TRP A 229 -28.08 -18.86 -6.12
CA TRP A 229 -26.83 -18.75 -5.38
C TRP A 229 -27.13 -18.74 -3.88
N GLU A 230 -26.14 -19.18 -3.11
CA GLU A 230 -26.18 -19.12 -1.65
C GLU A 230 -24.82 -18.64 -1.16
N ASN A 231 -24.83 -17.90 -0.04
CA ASN A 231 -23.59 -17.48 0.63
C ASN A 231 -23.83 -17.55 2.14
N ARG A 232 -22.87 -18.08 2.86
CA ARG A 232 -22.97 -18.19 4.32
C ARG A 232 -21.58 -18.02 4.89
N VAL A 233 -21.48 -17.53 6.12
CA VAL A 233 -20.20 -17.49 6.86
C VAL A 233 -20.23 -18.57 7.95
N ILE A 234 -19.17 -19.37 8.03
CA ILE A 234 -19.05 -20.37 9.10
C ILE A 234 -18.64 -19.70 10.42
N PRO A 235 -19.43 -19.89 11.49
CA PRO A 235 -19.27 -19.19 12.77
C PRO A 235 -17.90 -19.39 13.38
N ASP A 236 -17.40 -18.37 14.08
CA ASP A 236 -16.17 -18.43 14.88
C ASP A 236 -14.98 -19.14 14.21
N SER A 237 -14.77 -18.83 12.92
CA SER A 237 -13.73 -19.47 12.11
C SER A 237 -12.78 -18.47 11.43
N GLU A 238 -12.78 -17.21 11.89
CA GLU A 238 -11.91 -16.15 11.36
C GLU A 238 -10.42 -16.46 11.39
N HIS A 239 -9.99 -17.15 12.45
CA HIS A 239 -8.57 -17.47 12.67
C HIS A 239 -8.04 -18.61 11.80
N ASP A 240 -8.96 -19.29 11.11
CA ASP A 240 -8.64 -20.52 10.37
C ASP A 240 -8.14 -20.27 8.96
N LEU A 241 -8.62 -19.19 8.37
CA LEU A 241 -8.37 -18.84 6.98
C LEU A 241 -8.25 -17.32 6.91
N GLY A 242 -7.19 -16.86 6.26
CA GLY A 242 -6.99 -15.44 6.07
C GLY A 242 -5.68 -15.06 5.39
N GLY A 243 -5.48 -13.75 5.25
CA GLY A 243 -4.24 -13.19 4.66
C GLY A 243 -3.93 -11.84 5.30
N ASP A 244 -2.89 -11.80 6.13
CA ASP A 244 -2.63 -10.63 6.96
C ASP A 244 -1.63 -9.70 6.31
N VAL A 245 -2.05 -8.47 6.05
CA VAL A 245 -1.16 -7.50 5.42
C VAL A 245 0.16 -7.36 6.19
N ASP A 246 1.25 -7.29 5.45
CA ASP A 246 2.58 -7.36 6.03
C ASP A 246 3.57 -6.54 5.17
N PRO A 247 4.66 -6.01 5.80
CA PRO A 247 5.73 -5.40 5.00
C PRO A 247 6.12 -6.22 3.78
N MET A 248 5.95 -7.53 3.83
CA MET A 248 6.33 -8.45 2.76
C MET A 248 5.20 -8.95 1.87
N GLY A 249 4.03 -8.32 1.97
CA GLY A 249 2.87 -8.81 1.23
C GLY A 249 1.78 -9.27 2.18
N TRP A 250 1.32 -10.50 1.99
CA TRP A 250 0.23 -11.05 2.81
C TRP A 250 0.59 -12.41 3.39
N LYS A 251 0.65 -12.46 4.72
CA LYS A 251 0.99 -13.69 5.42
C LYS A 251 -0.24 -14.57 5.48
N VAL A 252 -0.19 -15.70 4.77
CA VAL A 252 -1.30 -16.66 4.75
C VAL A 252 -1.60 -17.19 6.14
N VAL A 253 -2.89 -17.29 6.43
CA VAL A 253 -3.41 -18.00 7.60
C VAL A 253 -4.17 -19.22 7.05
N LEU A 254 -3.79 -20.40 7.52
CA LEU A 254 -4.32 -21.66 7.00
C LEU A 254 -4.21 -22.76 8.04
N SER A 255 -5.27 -22.93 8.83
CA SER A 255 -5.28 -23.91 9.93
C SER A 255 -5.70 -25.31 9.46
N PRO A 256 -5.41 -26.35 10.26
CA PRO A 256 -5.91 -27.69 9.96
C PRO A 256 -7.42 -27.91 10.15
N ARG A 257 -8.15 -26.94 10.70
CA ARG A 257 -9.62 -27.05 10.84
C ARG A 257 -10.38 -26.85 9.53
N VAL A 258 -9.72 -26.19 8.58
CA VAL A 258 -10.32 -25.75 7.32
C VAL A 258 -11.05 -26.87 6.56
N PRO A 259 -10.35 -27.99 6.26
CA PRO A 259 -10.98 -29.09 5.52
C PRO A 259 -12.23 -29.60 6.22
N VAL A 260 -12.14 -29.79 7.53
CA VAL A 260 -13.24 -30.25 8.37
C VAL A 260 -14.44 -29.28 8.33
N LEU A 261 -14.16 -27.99 8.48
CA LEU A 261 -15.20 -26.98 8.50
C LEU A 261 -15.87 -26.88 7.14
N ALA A 262 -15.05 -26.86 6.10
CA ALA A 262 -15.54 -26.78 4.73
C ALA A 262 -16.40 -27.99 4.37
N LYS A 263 -15.99 -29.18 4.82
CA LYS A 263 -16.74 -30.40 4.55
C LYS A 263 -18.15 -30.35 5.18
N ALA A 264 -18.21 -29.87 6.42
CA ALA A 264 -19.46 -29.82 7.20
C ALA A 264 -20.48 -28.81 6.65
N SER A 265 -20.02 -27.87 5.83
CA SER A 265 -20.90 -26.82 5.31
C SER A 265 -21.56 -27.20 3.98
N LEU A 266 -20.98 -28.16 3.25
CA LEU A 266 -21.47 -28.54 1.92
C LEU A 266 -22.93 -28.95 1.88
N GLN A 267 -23.28 -29.95 2.68
CA GLN A 267 -24.62 -30.53 2.66
C GLN A 267 -25.68 -29.47 3.01
N PRO A 268 -25.51 -28.75 4.15
CA PRO A 268 -26.48 -27.73 4.54
C PRO A 268 -26.63 -26.59 3.52
N THR A 269 -25.52 -26.13 2.95
CA THR A 269 -25.57 -25.09 1.92
C THR A 269 -26.23 -25.58 0.63
N TYR A 270 -25.82 -26.76 0.16
CA TYR A 270 -26.44 -27.42 -1.01
C TYR A 270 -27.95 -27.62 -0.83
N ALA A 271 -28.37 -28.02 0.38
CA ALA A 271 -29.78 -28.20 0.69
C ALA A 271 -30.56 -26.89 0.51
N ASP A 272 -29.99 -25.80 1.04
CA ASP A 272 -30.58 -24.46 0.91
C ASP A 272 -30.67 -24.02 -0.56
N LEU A 273 -29.56 -24.15 -1.28
CA LEU A 273 -29.55 -23.92 -2.71
C LEU A 273 -30.67 -24.66 -3.43
N LEU A 274 -30.71 -25.98 -3.24
CA LEU A 274 -31.61 -26.83 -3.99
C LEU A 274 -33.06 -26.52 -3.66
N SER A 275 -33.36 -26.32 -2.38
CA SER A 275 -34.74 -26.10 -1.96
C SER A 275 -35.31 -24.75 -2.39
N SER A 276 -34.42 -23.85 -2.83
CA SER A 276 -34.82 -22.56 -3.37
C SER A 276 -35.23 -22.68 -4.84
N LEU A 277 -34.71 -23.69 -5.54
CA LEU A 277 -35.04 -23.83 -6.96
C LEU A 277 -35.43 -25.24 -7.42
N GLN A 278 -35.79 -26.11 -6.49
CA GLN A 278 -36.14 -27.48 -6.83
C GLN A 278 -37.29 -27.59 -7.83
N ASP A 279 -38.21 -26.65 -7.78
CA ASP A 279 -39.36 -26.61 -8.69
C ASP A 279 -38.96 -26.14 -10.09
N GLN A 280 -37.75 -25.61 -10.23
CA GLN A 280 -37.24 -25.21 -11.52
C GLN A 280 -36.48 -26.35 -12.20
N LEU A 281 -36.17 -27.40 -11.44
CA LEU A 281 -35.31 -28.48 -11.91
C LEU A 281 -36.08 -29.74 -12.31
N PRO A 282 -35.62 -30.43 -13.37
CA PRO A 282 -36.19 -31.70 -13.81
C PRO A 282 -35.99 -32.81 -12.79
N SER A 283 -36.77 -33.89 -12.92
CA SER A 283 -36.71 -35.04 -12.00
C SER A 283 -35.31 -35.66 -11.93
N SER A 284 -34.53 -35.48 -12.99
CA SER A 284 -33.20 -36.08 -13.11
C SER A 284 -32.12 -35.26 -12.40
N TYR A 285 -32.53 -34.14 -11.83
CA TYR A 285 -31.62 -33.24 -11.12
C TYR A 285 -32.18 -32.94 -9.72
N GLN A 286 -32.20 -34.00 -8.92
CA GLN A 286 -32.70 -33.98 -7.55
C GLN A 286 -31.58 -34.08 -6.52
N LYS A 287 -30.69 -35.05 -6.69
CA LYS A 287 -29.67 -35.39 -5.68
C LYS A 287 -28.25 -35.03 -6.13
N PRO A 288 -27.30 -34.92 -5.18
CA PRO A 288 -25.96 -34.37 -5.42
C PRO A 288 -25.21 -35.01 -6.59
N ALA A 289 -25.28 -36.34 -6.68
CA ALA A 289 -24.65 -37.11 -7.76
C ALA A 289 -25.27 -36.86 -9.15
N ASP A 290 -26.46 -36.25 -9.19
CA ASP A 290 -27.13 -35.91 -10.45
C ASP A 290 -26.46 -34.73 -11.15
N PHE A 291 -25.58 -34.02 -10.45
CA PHE A 291 -24.96 -32.80 -10.98
C PHE A 291 -23.47 -32.99 -11.22
N ASP A 292 -22.95 -32.19 -12.16
CA ASP A 292 -21.54 -31.86 -12.20
C ASP A 292 -21.24 -30.82 -11.14
N TRP A 293 -20.03 -30.87 -10.60
CA TRP A 293 -19.64 -29.97 -9.51
C TRP A 293 -18.43 -29.17 -9.92
N ALA A 294 -18.61 -27.85 -9.92
CA ALA A 294 -17.54 -26.92 -10.19
C ALA A 294 -16.98 -26.43 -8.85
N MET A 295 -16.12 -27.25 -8.25
CA MET A 295 -15.59 -26.99 -6.92
C MET A 295 -14.25 -26.25 -7.01
N HIS A 296 -14.09 -25.18 -6.20
CA HIS A 296 -12.77 -24.58 -6.00
C HIS A 296 -11.86 -25.56 -5.27
N PRO A 297 -10.76 -25.97 -5.94
CA PRO A 297 -9.90 -26.98 -5.37
C PRO A 297 -8.91 -26.32 -4.39
N GLY A 298 -9.43 -25.84 -3.26
CA GLY A 298 -8.61 -25.19 -2.24
C GLY A 298 -7.42 -26.04 -1.82
N GLY A 299 -7.63 -27.35 -1.78
CA GLY A 299 -6.58 -28.36 -1.57
C GLY A 299 -7.20 -29.72 -1.85
N ALA A 300 -6.38 -30.76 -1.90
CA ALA A 300 -6.86 -32.13 -2.15
C ALA A 300 -7.96 -32.57 -1.18
N THR A 301 -7.79 -32.21 0.09
CA THR A 301 -8.78 -32.50 1.13
C THR A 301 -10.16 -31.91 0.82
N ILE A 302 -10.20 -30.82 0.06
CA ILE A 302 -11.47 -30.23 -0.37
C ILE A 302 -12.24 -31.19 -1.29
N LEU A 303 -11.57 -31.71 -2.31
CA LEU A 303 -12.19 -32.58 -3.31
C LEU A 303 -12.60 -33.94 -2.72
N SER A 304 -11.66 -34.66 -2.15
CA SER A 304 -11.97 -35.92 -1.48
C SER A 304 -13.02 -35.72 -0.40
N GLY A 305 -12.94 -34.62 0.33
CA GLY A 305 -13.94 -34.28 1.35
C GLY A 305 -15.33 -34.08 0.76
N ALA A 306 -15.39 -33.41 -0.38
CA ALA A 306 -16.64 -33.19 -1.11
C ALA A 306 -17.23 -34.49 -1.64
N GLU A 307 -16.38 -35.37 -2.16
CA GLU A 307 -16.83 -36.67 -2.66
C GLU A 307 -17.38 -37.52 -1.52
N SER A 308 -16.87 -37.27 -0.31
CA SER A 308 -17.28 -38.02 0.87
C SER A 308 -18.57 -37.45 1.43
N ALA A 309 -18.64 -36.13 1.55
CA ALA A 309 -19.81 -35.46 2.12
C ALA A 309 -21.05 -35.57 1.24
N MET A 310 -20.84 -35.50 -0.08
CA MET A 310 -21.91 -35.42 -1.06
C MET A 310 -22.14 -36.72 -1.87
N GLY A 311 -21.42 -37.78 -1.51
CA GLY A 311 -21.53 -39.05 -2.23
C GLY A 311 -21.17 -38.92 -3.71
N LEU A 312 -20.12 -38.18 -4.00
CA LEU A 312 -19.69 -37.98 -5.38
C LEU A 312 -18.42 -38.77 -5.68
N THR A 313 -18.14 -38.98 -6.97
CA THR A 313 -16.89 -39.54 -7.47
C THR A 313 -15.98 -38.41 -7.92
N PRO A 314 -14.66 -38.68 -8.08
CA PRO A 314 -13.73 -37.68 -8.58
C PRO A 314 -14.18 -37.02 -9.89
N GLU A 315 -14.76 -37.84 -10.76
CA GLU A 315 -15.24 -37.43 -12.07
C GLU A 315 -16.38 -36.41 -12.04
N HIS A 316 -17.09 -36.34 -10.91
CA HIS A 316 -18.12 -35.31 -10.73
C HIS A 316 -17.51 -33.93 -10.67
N MET A 317 -16.28 -33.85 -10.17
CA MET A 317 -15.51 -32.62 -10.18
C MET A 317 -14.29 -32.79 -11.06
N ARG A 318 -14.48 -33.36 -12.25
CA ARG A 318 -13.37 -33.61 -13.20
C ARG A 318 -12.58 -32.37 -13.62
N ALA A 319 -13.27 -31.25 -13.78
CA ALA A 319 -12.62 -29.99 -14.19
C ALA A 319 -11.86 -29.35 -13.01
N SER A 320 -12.36 -29.58 -11.81
CA SER A 320 -11.64 -29.15 -10.61
C SER A 320 -10.29 -29.88 -10.48
N TYR A 321 -10.31 -31.21 -10.64
CA TYR A 321 -9.07 -32.03 -10.62
C TYR A 321 -8.08 -31.64 -11.70
N ASP A 322 -8.60 -31.24 -12.84
CA ASP A 322 -7.77 -30.94 -13.98
C ASP A 322 -7.06 -29.61 -13.72
N ARG A 323 -7.80 -28.63 -13.22
CA ARG A 323 -7.20 -27.36 -12.80
C ARG A 323 -6.16 -27.57 -11.71
N TYR A 324 -6.58 -28.25 -10.64
CA TYR A 324 -5.74 -28.47 -9.46
C TYR A 324 -4.41 -29.14 -9.81
N ILE A 325 -4.49 -30.26 -10.53
CA ILE A 325 -3.33 -31.08 -10.81
C ILE A 325 -2.37 -30.38 -11.77
N ASN A 326 -2.92 -29.66 -12.73
CA ASN A 326 -2.10 -29.09 -13.79
C ASN A 326 -1.69 -27.64 -13.57
N HIS A 327 -2.40 -26.94 -12.68
CA HIS A 327 -2.15 -25.52 -12.41
C HIS A 327 -2.13 -25.10 -10.95
N GLY A 328 -2.55 -25.97 -10.04
CA GLY A 328 -2.64 -25.62 -8.63
C GLY A 328 -3.78 -24.69 -8.22
N ASN A 329 -3.68 -24.13 -7.02
CA ASN A 329 -4.71 -23.27 -6.43
C ASN A 329 -4.42 -21.82 -6.79
N SER A 330 -5.17 -21.27 -7.75
CA SER A 330 -4.96 -19.87 -8.16
C SER A 330 -5.91 -18.92 -7.42
N SER A 331 -6.25 -19.27 -6.19
CA SER A 331 -7.16 -18.45 -5.35
C SER A 331 -8.47 -18.10 -6.10
N SER A 332 -8.92 -16.83 -6.03
CA SER A 332 -10.19 -16.41 -6.65
C SER A 332 -10.33 -16.72 -8.16
N ALA A 333 -9.20 -16.78 -8.87
CA ALA A 333 -9.22 -17.00 -10.32
C ALA A 333 -9.56 -18.44 -10.73
N THR A 334 -9.40 -19.40 -9.81
CA THR A 334 -9.56 -20.81 -10.15
C THR A 334 -10.99 -21.20 -10.60
N ILE A 335 -12.01 -20.72 -9.91
CA ILE A 335 -13.39 -21.14 -10.21
C ILE A 335 -13.82 -20.91 -11.68
N PHE A 336 -13.54 -19.73 -12.23
CA PHE A 336 -13.94 -19.44 -13.62
C PHE A 336 -13.13 -20.29 -14.55
N SER A 337 -11.89 -20.55 -14.16
CA SER A 337 -11.07 -21.47 -14.91
C SER A 337 -11.68 -22.87 -14.89
N VAL A 338 -12.23 -23.27 -13.75
CA VAL A 338 -12.93 -24.55 -13.66
C VAL A 338 -14.20 -24.57 -14.54
N LEU A 339 -14.98 -23.49 -14.51
CA LEU A 339 -16.17 -23.42 -15.35
C LEU A 339 -15.81 -23.38 -16.85
N ASN A 340 -14.65 -22.79 -17.16
CA ASN A 340 -14.19 -22.74 -18.54
C ASN A 340 -13.84 -24.11 -19.08
N ARG A 341 -13.00 -24.83 -18.34
CA ARG A 341 -12.52 -26.16 -18.74
C ARG A 341 -13.64 -27.20 -18.76
N LEU A 342 -14.59 -27.09 -17.85
CA LEU A 342 -15.71 -28.03 -17.77
C LEU A 342 -16.47 -28.19 -19.09
N ARG A 343 -16.63 -27.10 -19.84
CA ARG A 343 -17.41 -27.14 -21.08
C ARG A 343 -16.63 -27.53 -22.35
N GLU A 344 -15.34 -27.83 -22.18
CA GLU A 344 -14.46 -28.31 -23.27
C GLU A 344 -14.63 -29.80 -23.53
N LYS A 345 -14.33 -30.25 -24.76
CA LYS A 345 -14.66 -31.59 -25.24
C LYS A 345 -14.05 -32.73 -24.43
N ASP A 346 -12.77 -32.64 -24.10
CA ASP A 346 -12.09 -33.74 -23.43
C ASP A 346 -12.61 -33.97 -22.01
N MET A 347 -13.19 -32.92 -21.42
CA MET A 347 -13.89 -33.06 -20.15
C MET A 347 -15.18 -33.87 -20.31
N ASP A 348 -15.92 -33.61 -21.38
CA ASP A 348 -17.21 -34.28 -21.64
C ASP A 348 -17.05 -35.79 -21.66
N ALA A 349 -15.96 -36.27 -22.25
CA ALA A 349 -15.69 -37.70 -22.40
C ALA A 349 -15.32 -38.36 -21.07
N LEU A 350 -15.10 -37.56 -20.02
CA LEU A 350 -14.78 -38.08 -18.69
C LEU A 350 -15.96 -38.00 -17.71
N ALA A 351 -17.13 -37.62 -18.21
CA ALA A 351 -18.32 -37.43 -17.37
C ALA A 351 -18.71 -38.73 -16.65
N PRO A 352 -19.23 -38.62 -15.41
CA PRO A 352 -19.60 -39.87 -14.71
C PRO A 352 -20.66 -40.65 -15.49
N GLY A 353 -20.34 -41.88 -15.87
CA GLY A 353 -21.24 -42.72 -16.67
C GLY A 353 -21.56 -42.19 -18.07
N GLY A 354 -20.64 -41.40 -18.63
CA GLY A 354 -20.86 -40.74 -19.93
C GLY A 354 -21.92 -39.65 -19.88
N LYS A 355 -22.23 -39.21 -18.66
CA LYS A 355 -23.36 -38.33 -18.42
C LYS A 355 -22.93 -36.89 -18.20
N VAL A 356 -22.98 -36.10 -19.28
CA VAL A 356 -22.71 -34.68 -19.21
C VAL A 356 -23.94 -33.99 -18.63
N LYS A 357 -23.75 -33.31 -17.50
CA LYS A 357 -24.88 -32.77 -16.77
C LYS A 357 -25.35 -31.40 -17.29
N GLU A 358 -26.66 -31.25 -17.36
CA GLU A 358 -27.30 -30.01 -17.78
C GLU A 358 -27.16 -28.96 -16.69
N TYR A 359 -26.96 -29.42 -15.45
CA TYR A 359 -26.89 -28.51 -14.31
C TYR A 359 -25.61 -28.69 -13.52
N VAL A 360 -25.07 -27.55 -13.09
CA VAL A 360 -23.76 -27.49 -12.46
C VAL A 360 -23.85 -26.72 -11.14
N VAL A 361 -23.25 -27.30 -10.11
CA VAL A 361 -23.13 -26.63 -8.84
C VAL A 361 -21.68 -26.10 -8.77
N GLY A 362 -21.52 -24.80 -8.60
CA GLY A 362 -20.20 -24.24 -8.32
C GLY A 362 -20.11 -24.05 -6.82
N CYS A 363 -18.91 -24.17 -6.27
CA CYS A 363 -18.70 -24.07 -4.83
C CYS A 363 -17.29 -23.55 -4.54
N ALA A 364 -17.19 -22.56 -3.65
CA ALA A 364 -15.90 -22.05 -3.21
C ALA A 364 -15.91 -21.67 -1.72
N PHE A 365 -14.76 -21.83 -1.08
CA PHE A 365 -14.57 -21.44 0.32
C PHE A 365 -13.51 -20.35 0.37
N GLY A 366 -13.67 -19.41 1.30
CA GLY A 366 -12.63 -18.40 1.53
C GLY A 366 -12.62 -17.88 2.95
N PRO A 367 -11.63 -17.01 3.28
CA PRO A 367 -11.52 -16.33 4.58
C PRO A 367 -12.87 -15.84 5.07
N GLY A 368 -13.12 -15.98 6.37
CA GLY A 368 -14.46 -15.74 6.92
C GLY A 368 -14.78 -16.58 8.14
N ILE A 369 -14.96 -17.89 7.99
CA ILE A 369 -14.89 -18.60 6.69
C ILE A 369 -16.16 -18.41 5.88
N ASN A 370 -15.97 -17.84 4.69
CA ASN A 370 -17.02 -17.59 3.73
C ASN A 370 -17.18 -18.78 2.79
N VAL A 371 -18.42 -19.26 2.65
CA VAL A 371 -18.77 -20.30 1.69
C VAL A 371 -19.72 -19.75 0.62
N GLU A 372 -19.44 -20.05 -0.65
CA GLU A 372 -20.24 -19.60 -1.78
C GLU A 372 -20.67 -20.82 -2.60
N MET A 373 -21.95 -20.83 -2.99
CA MET A 373 -22.48 -21.81 -3.91
C MET A 373 -23.38 -21.16 -4.93
N CYS A 374 -23.48 -21.78 -6.10
CA CYS A 374 -24.36 -21.31 -7.14
C CYS A 374 -24.84 -22.48 -8.01
N MET A 375 -26.04 -22.33 -8.56
CA MET A 375 -26.57 -23.28 -9.53
C MET A 375 -26.55 -22.69 -10.93
N LEU A 376 -26.01 -23.46 -11.87
CA LEU A 376 -25.89 -23.04 -13.27
C LEU A 376 -26.64 -24.01 -14.17
N LYS A 377 -27.19 -23.51 -15.27
CA LYS A 377 -27.72 -24.38 -16.31
C LYS A 377 -26.80 -24.28 -17.50
N ARG A 378 -26.23 -25.41 -17.90
CA ARG A 378 -25.34 -25.43 -19.04
C ARG A 378 -26.14 -25.64 -20.33
N ARG A 379 -26.01 -24.71 -21.26
CA ARG A 379 -26.63 -24.83 -22.58
C ARG A 379 -25.93 -25.95 -23.36
N LEU B 1 -37.96 5.19 -8.40
CA LEU B 1 -36.90 4.21 -8.01
C LEU B 1 -37.14 3.61 -6.64
N GLY B 2 -37.74 4.41 -5.75
CA GLY B 2 -38.10 3.95 -4.42
C GLY B 2 -36.91 3.70 -3.51
N LEU B 3 -35.81 4.43 -3.75
CA LEU B 3 -34.58 4.30 -2.95
C LEU B 3 -34.44 5.45 -1.99
N SER B 4 -34.29 5.13 -0.71
CA SER B 4 -34.13 6.20 0.28
C SER B 4 -33.14 5.91 1.40
N ILE B 5 -32.54 6.98 1.92
CA ILE B 5 -31.68 6.90 3.10
C ILE B 5 -32.55 7.06 4.34
N THR B 6 -32.62 6.00 5.15
CA THR B 6 -33.55 5.98 6.27
C THR B 6 -32.85 6.20 7.61
N GLY B 7 -31.52 6.18 7.60
CA GLY B 7 -30.73 6.42 8.81
C GLY B 7 -29.31 6.73 8.45
N LEU B 8 -28.65 7.54 9.29
CA LEU B 8 -27.25 7.90 9.13
C LEU B 8 -26.62 8.04 10.50
N GLY B 9 -25.37 7.60 10.60
CA GLY B 9 -24.64 7.64 11.85
C GLY B 9 -23.18 7.92 11.58
N VAL B 10 -22.62 8.84 12.36
CA VAL B 10 -21.21 9.20 12.22
C VAL B 10 -20.55 9.03 13.58
N GLN B 11 -19.35 8.46 13.60
CA GLN B 11 -18.60 8.33 14.84
C GLN B 11 -17.16 8.74 14.63
N TYR B 12 -16.84 9.98 14.97
CA TYR B 12 -15.46 10.43 15.08
C TYR B 12 -14.85 9.91 16.36
N PRO B 13 -13.53 9.61 16.35
CA PRO B 13 -12.80 9.29 17.58
C PRO B 13 -12.70 10.51 18.49
N PRO B 14 -12.36 10.31 19.78
CA PRO B 14 -12.39 11.40 20.77
C PRO B 14 -11.35 12.53 20.62
N TYR B 15 -10.24 12.27 19.93
CA TYR B 15 -9.09 13.17 19.97
C TYR B 15 -9.01 14.13 18.78
N SER B 16 -8.42 15.30 19.02
CA SER B 16 -8.22 16.33 17.99
C SER B 16 -6.75 16.71 17.86
N LEU B 17 -6.22 16.61 16.65
CA LEU B 17 -4.87 17.11 16.37
C LEU B 17 -4.92 18.56 15.92
N GLY B 18 -4.33 19.42 16.72
CA GLY B 18 -4.16 20.82 16.39
C GLY B 18 -2.98 20.94 15.44
N PRO B 19 -2.81 22.12 14.80
CA PRO B 19 -1.73 22.34 13.83
C PRO B 19 -0.34 22.03 14.41
N ASP B 20 -0.21 22.25 15.71
CA ASP B 20 1.01 21.94 16.45
C ASP B 20 1.42 20.47 16.39
N ALA B 21 0.47 19.57 16.16
CA ALA B 21 0.74 18.14 16.29
C ALA B 21 1.85 17.65 15.36
N ILE B 22 1.81 18.07 14.09
CA ILE B 22 2.86 17.62 13.17
C ILE B 22 4.20 18.28 13.47
N ASP B 23 4.18 19.55 13.90
CA ASP B 23 5.38 20.27 14.39
C ASP B 23 6.11 19.47 15.49
N ILE B 24 5.32 18.99 16.45
CA ILE B 24 5.81 18.16 17.55
C ILE B 24 6.52 16.88 17.06
N LEU B 25 5.85 16.07 16.24
CA LEU B 25 6.42 14.80 15.79
C LEU B 25 7.56 15.01 14.81
N SER B 26 7.47 16.10 14.06
CA SER B 26 8.47 16.52 13.11
C SER B 26 9.80 16.76 13.81
N LYS B 27 9.73 17.48 14.93
CA LYS B 27 10.90 17.89 15.69
C LYS B 27 11.46 16.73 16.52
N ARG B 28 10.55 15.85 16.95
CA ARG B 28 10.90 14.67 17.75
C ARG B 28 11.66 13.61 16.92
N TYR B 29 11.38 13.52 15.62
CA TYR B 29 11.89 12.42 14.80
C TYR B 29 12.77 12.80 13.60
N HIS B 30 12.79 14.09 13.26
CA HIS B 30 13.61 14.57 12.14
C HIS B 30 14.33 15.89 12.40
N PRO B 31 15.52 16.07 11.79
CA PRO B 31 16.11 17.40 11.83
C PRO B 31 15.26 18.37 10.99
N GLU B 32 15.46 19.67 11.21
CA GLU B 32 14.93 20.69 10.33
C GLU B 32 15.41 20.45 8.89
N SER B 33 14.51 20.64 7.94
CA SER B 33 14.84 20.56 6.52
C SER B 33 13.97 21.56 5.75
N PRO B 34 14.48 22.07 4.61
CA PRO B 34 13.67 22.93 3.77
C PRO B 34 12.27 22.40 3.46
N ALA B 35 12.14 21.12 3.09
CA ALA B 35 10.84 20.54 2.72
C ALA B 35 9.91 20.39 3.92
N MET B 36 10.46 19.94 5.04
CA MET B 36 9.69 19.84 6.28
C MET B 36 9.13 21.22 6.62
N LYS B 37 9.98 22.24 6.53
CA LYS B 37 9.60 23.61 6.81
C LYS B 37 8.44 24.12 5.92
N LYS B 38 8.45 23.78 4.64
CA LYS B 38 7.36 24.15 3.73
C LYS B 38 6.04 23.48 4.11
N VAL B 39 6.10 22.21 4.52
CA VAL B 39 4.89 21.47 4.89
C VAL B 39 4.27 22.07 6.17
N LEU B 40 5.13 22.42 7.12
CA LEU B 40 4.71 23.04 8.36
C LEU B 40 4.05 24.40 8.13
N ALA B 41 4.57 25.18 7.18
CA ALA B 41 3.91 26.43 6.75
C ALA B 41 2.55 26.17 6.09
N ILE B 42 2.51 25.22 5.15
CA ILE B 42 1.25 24.90 4.47
C ILE B 42 0.18 24.44 5.46
N ASN B 43 0.61 23.65 6.45
CA ASN B 43 -0.26 23.17 7.54
C ASN B 43 -1.07 24.26 8.26
N ARG B 44 -0.55 25.49 8.28
CA ARG B 44 -1.20 26.61 8.97
C ARG B 44 -2.34 27.26 8.17
N TYR B 45 -2.38 27.03 6.87
CA TYR B 45 -3.41 27.66 6.07
C TYR B 45 -4.26 26.73 5.21
N THR B 46 -4.34 25.47 5.63
CA THR B 46 -5.21 24.47 5.00
C THR B 46 -6.68 24.85 5.15
N GLY B 47 -6.97 25.63 6.20
CA GLY B 47 -8.35 25.95 6.54
C GLY B 47 -8.87 25.05 7.64
N ILE B 48 -8.09 24.03 8.01
CA ILE B 48 -8.48 23.09 9.05
C ILE B 48 -7.99 23.61 10.43
N ASP B 49 -8.91 23.78 11.39
CA ASP B 49 -8.55 24.07 12.80
C ASP B 49 -8.11 22.80 13.57
N GLN B 50 -8.91 21.72 13.47
CA GLN B 50 -8.68 20.46 14.25
C GLN B 50 -8.85 19.26 13.32
N ARG B 51 -7.95 18.27 13.44
CA ARG B 51 -8.15 16.97 12.77
C ARG B 51 -8.52 15.88 13.78
N SER B 52 -9.62 15.19 13.53
CA SER B 52 -10.06 14.10 14.38
C SER B 52 -9.11 12.91 14.29
N SER B 53 -8.71 12.40 15.44
CA SER B 53 -7.70 11.37 15.49
C SER B 53 -8.02 10.27 16.51
N ILE B 54 -7.64 9.03 16.19
CA ILE B 54 -7.73 7.91 17.16
C ILE B 54 -6.72 8.06 18.32
N GLY B 55 -5.78 9.00 18.16
CA GLY B 55 -4.79 9.26 19.20
C GLY B 55 -4.24 10.69 19.23
N ASN B 56 -3.51 10.99 20.30
CA ASN B 56 -2.74 12.23 20.45
C ASN B 56 -1.32 12.05 19.89
N PRO B 57 -0.55 13.15 19.74
CA PRO B 57 0.85 13.00 19.26
C PRO B 57 1.76 12.07 20.08
N ASP B 58 1.39 11.81 21.33
CA ASP B 58 2.15 10.93 22.23
C ASP B 58 1.74 9.45 22.13
N HIS B 59 0.78 9.12 21.27
CA HIS B 59 0.34 7.72 21.09
C HIS B 59 1.52 6.81 20.73
N PRO B 60 1.65 5.64 21.39
CA PRO B 60 2.83 4.76 21.23
C PRO B 60 3.13 4.29 19.80
N LEU B 61 2.10 4.08 18.98
CA LEU B 61 2.30 3.56 17.63
C LEU B 61 3.17 4.49 16.77
N VAL B 62 2.98 5.80 16.93
CA VAL B 62 3.72 6.79 16.15
C VAL B 62 4.96 7.34 16.92
N ASN B 63 5.34 6.64 17.98
CA ASN B 63 6.50 7.07 18.78
C ASN B 63 7.56 5.99 18.98
N LYS B 64 7.58 5.02 18.07
CA LYS B 64 8.61 3.97 18.04
C LYS B 64 9.84 4.57 17.38
N PRO B 65 11.01 3.90 17.51
CA PRO B 65 12.17 4.37 16.73
C PRO B 65 11.90 4.45 15.23
N ASN B 66 11.12 3.51 14.70
CA ASN B 66 10.76 3.54 13.30
C ASN B 66 9.28 3.84 13.08
N PRO B 67 8.91 4.26 11.87
CA PRO B 67 7.50 4.32 11.61
C PRO B 67 6.88 2.93 11.77
N PRO B 68 5.60 2.85 12.19
CA PRO B 68 4.97 1.54 12.31
C PRO B 68 4.88 0.87 10.93
N THR B 69 4.86 -0.47 10.89
CA THR B 69 4.74 -1.20 9.63
C THR B 69 3.27 -1.30 9.26
N VAL B 70 3.00 -1.68 8.02
CA VAL B 70 1.62 -1.85 7.58
C VAL B 70 0.88 -2.87 8.48
N LYS B 71 1.62 -3.84 9.01
CA LYS B 71 1.05 -4.81 9.96
C LYS B 71 0.64 -4.15 11.30
N GLU B 72 1.52 -3.32 11.84
CA GLU B 72 1.21 -2.64 13.09
C GLU B 72 0.07 -1.64 12.91
N LEU B 73 -0.01 -1.05 11.72
CA LEU B 73 -1.12 -0.16 11.34
C LEU B 73 -2.44 -0.91 11.37
N HIS B 74 -2.42 -2.12 10.78
CA HIS B 74 -3.59 -2.95 10.75
C HIS B 74 -4.11 -3.28 12.15
N GLU B 75 -3.19 -3.60 13.07
CA GLU B 75 -3.58 -3.89 14.45
C GLU B 75 -4.39 -2.77 15.12
N VAL B 76 -4.02 -1.52 14.82
CA VAL B 76 -4.65 -0.35 15.42
C VAL B 76 -5.90 0.03 14.63
N PHE B 77 -5.88 -0.21 13.32
CA PHE B 77 -7.11 -0.14 12.54
C PHE B 77 -8.19 -1.02 13.21
N MET B 78 -7.82 -2.26 13.52
CA MET B 78 -8.73 -3.19 14.20
C MET B 78 -9.14 -2.83 15.64
N SER B 79 -8.19 -2.48 16.48
CA SER B 79 -8.50 -2.17 17.89
C SER B 79 -9.18 -0.82 18.10
N ASP B 80 -8.83 0.16 17.27
CA ASP B 80 -9.29 1.55 17.41
C ASP B 80 -10.20 2.04 16.26
N GLY B 81 -10.13 1.40 15.10
CA GLY B 81 -10.94 1.81 13.96
C GLY B 81 -12.29 1.12 13.91
N VAL B 82 -12.28 -0.20 14.05
CA VAL B 82 -13.53 -0.98 13.97
C VAL B 82 -14.63 -0.53 14.99
N PRO B 83 -14.26 -0.29 16.26
CA PRO B 83 -15.26 0.22 17.20
C PRO B 83 -16.00 1.48 16.70
N LEU B 84 -15.27 2.41 16.07
CA LEU B 84 -15.88 3.56 15.39
C LEU B 84 -16.92 3.13 14.35
N ALA B 85 -16.58 2.13 13.54
CA ALA B 85 -17.49 1.63 12.52
C ALA B 85 -18.74 0.98 13.12
N VAL B 86 -18.57 0.24 14.23
CA VAL B 86 -19.67 -0.44 14.88
C VAL B 86 -20.66 0.60 15.45
N GLU B 87 -20.12 1.61 16.13
CA GLU B 87 -20.96 2.68 16.68
C GLU B 87 -21.68 3.50 15.61
N ALA B 88 -20.94 3.91 14.56
CA ALA B 88 -21.55 4.60 13.42
C ALA B 88 -22.72 3.80 12.81
N SER B 89 -22.52 2.49 12.69
CA SER B 89 -23.51 1.58 12.13
C SER B 89 -24.73 1.45 13.04
N ARG B 90 -24.50 1.31 14.35
CA ARG B 90 -25.58 1.15 15.32
C ARG B 90 -26.53 2.34 15.25
N LYS B 91 -25.94 3.53 15.12
CA LYS B 91 -26.69 4.79 15.07
C LYS B 91 -27.50 4.94 13.79
N ALA B 92 -26.92 4.56 12.66
CA ALA B 92 -27.66 4.52 11.37
C ALA B 92 -28.88 3.61 11.47
N MET B 93 -28.64 2.39 11.95
CA MET B 93 -29.71 1.39 12.16
C MET B 93 -30.77 1.85 13.14
N ALA B 94 -30.35 2.47 14.24
CA ALA B 94 -31.28 3.04 15.22
C ALA B 94 -32.19 4.09 14.59
N GLU B 95 -31.59 5.01 13.82
CA GLU B 95 -32.37 6.03 13.13
C GLU B 95 -33.32 5.39 12.11
N ALA B 96 -32.85 4.34 11.46
CA ALA B 96 -33.67 3.62 10.50
C ALA B 96 -34.77 2.78 11.20
N ARG B 97 -34.64 2.58 12.51
CA ARG B 97 -35.48 1.66 13.29
C ARG B 97 -35.43 0.22 12.74
N LEU B 98 -34.22 -0.30 12.54
CA LEU B 98 -34.05 -1.65 12.06
C LEU B 98 -33.35 -2.50 13.10
N VAL B 99 -33.75 -3.76 13.18
CA VAL B 99 -33.02 -4.73 13.97
C VAL B 99 -31.97 -5.34 13.06
N PRO B 100 -30.85 -5.85 13.62
CA PRO B 100 -29.82 -6.52 12.81
C PRO B 100 -30.36 -7.49 11.74
N ALA B 101 -31.48 -8.16 12.01
CA ALA B 101 -32.03 -9.19 11.12
C ALA B 101 -32.51 -8.66 9.78
N GLN B 102 -32.92 -7.40 9.77
CA GLN B 102 -33.49 -6.79 8.56
C GLN B 102 -32.42 -6.33 7.58
N ILE B 103 -31.15 -6.35 8.01
CA ILE B 103 -30.08 -5.91 7.14
C ILE B 103 -29.77 -6.99 6.12
N THR B 104 -29.97 -6.68 4.84
CA THR B 104 -29.82 -7.64 3.75
C THR B 104 -28.45 -7.61 3.05
N HIS B 105 -27.86 -6.42 2.93
CA HIS B 105 -26.52 -6.26 2.36
C HIS B 105 -25.68 -5.30 3.18
N MET B 106 -24.37 -5.37 3.00
CA MET B 106 -23.45 -4.37 3.54
C MET B 106 -22.45 -3.99 2.45
N VAL B 107 -22.38 -2.69 2.16
CA VAL B 107 -21.33 -2.21 1.26
C VAL B 107 -20.42 -1.31 2.07
N SER B 108 -19.14 -1.68 2.10
CA SER B 108 -18.18 -1.03 2.97
C SER B 108 -17.00 -0.56 2.16
N THR B 109 -16.34 0.49 2.65
CA THR B 109 -15.16 0.97 1.98
C THR B 109 -14.09 1.42 2.96
N THR B 110 -12.84 1.26 2.54
CA THR B 110 -11.68 1.87 3.20
C THR B 110 -10.50 1.87 2.23
N CYS B 111 -9.58 2.81 2.47
CA CYS B 111 -8.32 2.84 1.77
C CYS B 111 -7.12 2.84 2.75
N THR B 112 -7.41 2.64 4.02
CA THR B 112 -6.40 2.71 5.07
C THR B 112 -6.28 1.39 5.84
N ASP B 113 -6.75 0.31 5.22
CA ASP B 113 -6.52 -1.08 5.69
C ASP B 113 -6.56 -2.08 4.52
N SER B 114 -5.84 -3.19 4.71
CA SER B 114 -5.98 -4.39 3.90
C SER B 114 -6.00 -5.60 4.85
N ALA B 115 -6.94 -6.53 4.64
CA ALA B 115 -7.05 -7.73 5.49
C ALA B 115 -7.96 -8.76 4.84
N ASN B 116 -7.79 -10.02 5.20
CA ASN B 116 -8.73 -11.09 4.89
C ASN B 116 -8.87 -11.98 6.13
N PRO B 117 -10.10 -12.15 6.65
CA PRO B 117 -11.34 -11.43 6.33
C PRO B 117 -11.20 -9.91 6.47
N GLY B 118 -11.88 -9.17 5.59
CA GLY B 118 -11.87 -7.71 5.62
C GLY B 118 -12.54 -7.16 6.85
N TYR B 119 -12.42 -5.86 7.07
CA TYR B 119 -12.88 -5.26 8.32
C TYR B 119 -14.41 -5.30 8.46
N ASP B 120 -15.13 -5.30 7.32
CA ASP B 120 -16.59 -5.40 7.34
C ASP B 120 -17.10 -6.65 8.05
N HIS B 121 -16.33 -7.73 7.96
CA HIS B 121 -16.67 -8.97 8.66
C HIS B 121 -16.79 -8.75 10.16
N TYR B 122 -15.75 -8.14 10.74
CA TYR B 122 -15.71 -7.93 12.20
C TYR B 122 -16.78 -6.95 12.69
N VAL B 123 -17.13 -5.97 11.85
CA VAL B 123 -18.23 -5.04 12.11
C VAL B 123 -19.58 -5.76 12.14
N ALA B 124 -19.90 -6.50 11.07
CA ALA B 124 -21.13 -7.27 10.93
C ALA B 124 -21.31 -8.28 12.08
N LYS B 125 -20.23 -9.00 12.38
CA LYS B 125 -20.17 -9.89 13.54
C LYS B 125 -20.56 -9.17 14.85
N GLU B 126 -19.87 -8.07 15.18
CA GLU B 126 -20.13 -7.31 16.42
C GLU B 126 -21.54 -6.73 16.47
N LEU B 127 -22.05 -6.36 15.29
CA LEU B 127 -23.44 -5.91 15.11
C LEU B 127 -24.48 -7.02 15.21
N GLY B 128 -24.04 -8.26 15.04
CA GLY B 128 -24.95 -9.40 15.11
C GLY B 128 -25.78 -9.55 13.84
N LEU B 129 -25.22 -9.10 12.72
CA LEU B 129 -25.88 -9.28 11.44
C LEU B 129 -25.89 -10.76 11.04
N SER B 130 -26.77 -11.09 10.09
CA SER B 130 -26.98 -12.45 9.64
C SER B 130 -25.72 -13.10 9.06
N ASP B 131 -25.58 -14.41 9.30
CA ASP B 131 -24.54 -15.22 8.68
C ASP B 131 -24.71 -15.36 7.16
N ARG B 132 -25.89 -14.98 6.67
CA ARG B 132 -26.20 -14.98 5.25
C ARG B 132 -26.19 -13.58 4.60
N LEU B 133 -25.75 -12.59 5.36
CA LEU B 133 -25.57 -11.22 4.87
C LEU B 133 -24.72 -11.19 3.60
N GLU B 134 -25.16 -10.43 2.60
CA GLU B 134 -24.34 -10.23 1.40
C GLU B 134 -23.45 -9.02 1.57
N LYS B 135 -22.13 -9.24 1.53
CA LYS B 135 -21.16 -8.17 1.76
C LYS B 135 -20.34 -7.81 0.53
N VAL B 136 -20.04 -6.52 0.41
CA VAL B 136 -19.15 -5.99 -0.62
C VAL B 136 -18.18 -5.03 0.09
N LEU B 137 -16.88 -5.32 0.00
CA LEU B 137 -15.86 -4.45 0.56
C LEU B 137 -15.07 -3.85 -0.59
N LEU B 138 -15.29 -2.55 -0.85
CA LEU B 138 -14.69 -1.88 -1.99
C LEU B 138 -13.24 -1.49 -1.70
N HIS B 139 -12.40 -1.65 -2.71
CA HIS B 139 -10.99 -1.25 -2.61
C HIS B 139 -10.65 -0.37 -3.81
N GLY B 140 -9.50 0.29 -3.76
CA GLY B 140 -8.96 1.00 -4.92
C GLY B 140 -9.38 2.45 -5.11
N ILE B 141 -10.25 2.96 -4.25
CA ILE B 141 -10.98 4.19 -4.56
C ILE B 141 -10.82 5.41 -3.63
N GLY B 142 -10.17 5.24 -2.47
CA GLY B 142 -9.90 6.37 -1.59
C GLY B 142 -11.14 7.19 -1.25
N CSD B 143 -11.06 8.50 -1.49
CA CSD B 143 -12.07 9.47 -1.06
CB CSD B 143 -11.51 10.87 -1.24
SG CSD B 143 -9.89 11.18 -0.51
C CSD B 143 -13.39 9.44 -1.75
O CSD B 143 -14.39 9.97 -1.22
OD1 CSD B 143 -9.09 12.21 -1.99
OD2 CSD B 143 -9.32 9.77 -1.72
N SER B 144 -13.46 8.87 -2.97
CA SER B 144 -14.72 8.69 -3.65
C SER B 144 -15.54 7.50 -3.11
N GLY B 145 -14.97 6.79 -2.13
CA GLY B 145 -15.59 5.60 -1.54
C GLY B 145 -17.00 5.76 -1.00
N GLY B 146 -17.25 6.84 -0.26
CA GLY B 146 -18.58 7.07 0.31
C GLY B 146 -19.66 7.00 -0.75
N LEU B 147 -19.52 7.81 -1.80
CA LEU B 147 -20.54 7.95 -2.83
C LEU B 147 -20.52 6.75 -3.78
N ALA B 148 -19.33 6.18 -4.01
CA ALA B 148 -19.20 4.96 -4.80
C ALA B 148 -19.92 3.80 -4.09
N ALA B 149 -19.85 3.79 -2.76
CA ALA B 149 -20.51 2.75 -1.99
C ALA B 149 -22.02 2.99 -1.93
N LEU B 150 -22.44 4.25 -1.97
CA LEU B 150 -23.86 4.59 -1.94
C LEU B 150 -24.53 4.19 -3.26
N ARG B 151 -23.81 4.42 -4.36
CA ARG B 151 -24.22 4.08 -5.70
C ARG B 151 -24.35 2.56 -5.90
N THR B 152 -23.30 1.82 -5.52
CA THR B 152 -23.30 0.37 -5.55
C THR B 152 -24.50 -0.19 -4.78
N ALA B 153 -24.71 0.32 -3.56
CA ALA B 153 -25.86 -0.06 -2.73
C ALA B 153 -27.19 0.16 -3.43
N ALA B 154 -27.30 1.28 -4.14
CA ALA B 154 -28.50 1.60 -4.87
C ALA B 154 -28.80 0.53 -5.91
N ASN B 155 -27.76 0.07 -6.60
CA ASN B 155 -27.92 -0.96 -7.65
C ASN B 155 -28.30 -2.29 -7.05
N LEU B 156 -27.66 -2.63 -5.93
CA LEU B 156 -28.00 -3.82 -5.16
C LEU B 156 -29.47 -3.78 -4.65
N CYS B 157 -29.88 -2.64 -4.09
CA CYS B 157 -31.27 -2.44 -3.70
C CYS B 157 -32.17 -2.79 -4.87
N LEU B 158 -31.94 -2.13 -6.01
CA LEU B 158 -32.71 -2.39 -7.23
C LEU B 158 -32.70 -3.86 -7.66
N GLY B 159 -31.56 -4.52 -7.47
CA GLY B 159 -31.47 -5.97 -7.65
C GLY B 159 -32.53 -6.72 -6.86
N HIS B 160 -32.72 -6.34 -5.59
CA HIS B 160 -33.78 -6.95 -4.79
C HIS B 160 -35.17 -6.47 -5.17
N THR B 161 -35.26 -5.22 -5.65
CA THR B 161 -36.51 -4.69 -6.17
C THR B 161 -37.03 -5.53 -7.34
N ALA B 162 -36.12 -5.91 -8.24
CA ALA B 162 -36.42 -6.74 -9.40
C ALA B 162 -37.05 -8.07 -8.97
N ARG B 163 -36.59 -8.58 -7.83
CA ARG B 163 -37.10 -9.86 -7.31
C ARG B 163 -38.21 -9.74 -6.24
N GLY B 164 -38.74 -8.53 -6.07
CA GLY B 164 -39.83 -8.27 -5.11
C GLY B 164 -39.45 -8.48 -3.65
N LYS B 165 -38.15 -8.32 -3.36
CA LYS B 165 -37.61 -8.53 -2.02
C LYS B 165 -37.28 -7.21 -1.34
N PRO B 166 -37.59 -7.10 -0.03
CA PRO B 166 -37.15 -5.93 0.72
C PRO B 166 -35.63 -5.94 0.78
N ALA B 167 -35.03 -4.75 0.69
CA ALA B 167 -33.58 -4.59 0.81
C ALA B 167 -33.24 -3.46 1.77
N ARG B 168 -32.36 -3.74 2.72
CA ARG B 168 -31.93 -2.72 3.67
C ARG B 168 -30.42 -2.85 3.75
N ILE B 169 -29.73 -1.82 3.28
CA ILE B 169 -28.29 -1.94 3.02
C ILE B 169 -27.46 -1.01 3.90
N LEU B 170 -26.67 -1.60 4.79
CA LEU B 170 -25.66 -0.89 5.57
C LEU B 170 -24.48 -0.42 4.72
N VAL B 171 -24.37 0.89 4.55
CA VAL B 171 -23.34 1.46 3.70
C VAL B 171 -22.41 2.12 4.70
N LEU B 172 -21.17 1.68 4.70
CA LEU B 172 -20.23 2.00 5.77
C LEU B 172 -18.91 2.45 5.21
N ALA B 173 -18.36 3.49 5.82
CA ALA B 173 -17.04 4.04 5.50
C ALA B 173 -16.20 4.23 6.78
N LEU B 174 -14.97 3.73 6.79
CA LEU B 174 -14.06 3.86 7.93
C LEU B 174 -12.65 4.15 7.45
N GLU B 175 -12.06 5.22 7.96
CA GLU B 175 -10.69 5.56 7.60
C GLU B 175 -9.91 5.90 8.85
N VAL B 176 -8.67 5.40 8.92
CA VAL B 176 -7.71 5.79 9.95
C VAL B 176 -6.41 6.18 9.24
N SER B 177 -6.24 7.48 9.04
CA SER B 177 -5.11 7.94 8.28
C SER B 177 -4.03 8.54 9.16
N THR B 178 -4.42 9.03 10.36
CA THR B 178 -3.46 9.74 11.23
C THR B 178 -2.27 8.89 11.67
N THR B 179 -2.47 7.57 11.70
CA THR B 179 -1.43 6.62 12.11
C THR B 179 -0.25 6.55 11.11
N MET B 180 -0.48 7.07 9.92
CA MET B 180 0.54 7.10 8.87
C MET B 180 1.36 8.41 8.86
N VAL B 181 1.30 9.12 9.97
CA VAL B 181 2.03 10.38 10.10
C VAL B 181 3.54 10.19 10.03
N ARG B 182 4.06 9.09 10.58
CA ARG B 182 5.51 8.85 10.59
C ARG B 182 5.99 8.39 9.21
N SER B 183 5.10 7.74 8.47
CA SER B 183 5.42 7.35 7.09
C SER B 183 5.54 8.62 6.23
N GLU B 184 4.56 9.51 6.34
CA GLU B 184 4.59 10.79 5.60
C GLU B 184 5.76 11.69 5.99
N LEU B 185 6.00 11.83 7.29
CA LEU B 185 7.16 12.57 7.80
C LEU B 185 8.48 11.99 7.27
N GLU B 186 8.59 10.67 7.23
CA GLU B 186 9.83 10.07 6.70
C GLU B 186 9.98 10.31 5.20
N SER B 187 8.87 10.34 4.47
CA SER B 187 8.92 10.60 3.03
C SER B 187 9.26 12.06 2.75
N ILE B 188 8.74 12.96 3.57
CA ILE B 188 9.10 14.39 3.42
C ILE B 188 10.61 14.54 3.65
N ASP B 189 11.10 14.01 4.77
CA ASP B 189 12.50 14.14 5.12
C ASP B 189 13.45 13.52 4.08
N ALA B 190 13.30 12.22 3.83
CA ALA B 190 14.21 11.50 2.93
C ALA B 190 14.20 12.04 1.49
N LEU B 191 13.00 12.29 0.95
CA LEU B 191 12.88 12.68 -0.45
C LEU B 191 12.95 14.20 -0.68
N GLN B 192 12.91 14.96 0.41
CA GLN B 192 12.84 16.44 0.37
C GLN B 192 11.72 17.01 -0.49
N GLU B 193 10.53 16.40 -0.42
CA GLU B 193 9.40 16.88 -1.18
C GLU B 193 8.25 17.38 -0.30
N THR B 194 7.51 18.34 -0.83
CA THR B 194 6.36 18.91 -0.15
C THR B 194 5.17 17.96 -0.30
N ARG B 195 4.93 17.18 0.76
CA ARG B 195 3.84 16.21 0.78
C ARG B 195 2.82 16.68 1.80
N ILE B 196 1.68 17.15 1.31
CA ILE B 196 0.71 17.86 2.18
C ILE B 196 -0.35 16.94 2.81
N GLY B 197 -0.34 15.68 2.39
CA GLY B 197 -1.14 14.63 3.01
C GLY B 197 -1.28 14.72 4.52
N ILE B 198 -0.17 14.87 5.23
CA ILE B 198 -0.24 15.00 6.70
C ILE B 198 -0.99 16.20 7.27
N ALA B 199 -1.20 17.24 6.46
CA ALA B 199 -1.86 18.45 6.94
C ALA B 199 -3.38 18.32 6.80
N LEU B 200 -3.80 17.33 6.02
CA LEU B 200 -5.18 17.21 5.56
C LEU B 200 -6.01 16.09 6.19
N PHE B 201 -5.46 14.90 6.27
CA PHE B 201 -6.26 13.70 6.54
C PHE B 201 -6.50 13.39 8.00
N SER B 202 -7.71 12.93 8.30
CA SER B 202 -8.17 12.66 9.67
C SER B 202 -8.92 11.33 9.74
N ASP B 203 -9.39 10.95 10.93
CA ASP B 203 -10.04 9.65 11.16
C ASP B 203 -11.55 9.78 11.45
N CYS B 204 -12.33 8.89 10.85
CA CYS B 204 -13.77 8.87 11.05
C CYS B 204 -14.39 7.56 10.57
N ALA B 205 -15.54 7.20 11.15
CA ALA B 205 -16.39 6.18 10.57
C ALA B 205 -17.77 6.79 10.36
N SER B 206 -18.35 6.54 9.20
CA SER B 206 -19.72 7.02 8.93
C SER B 206 -20.46 5.96 8.15
N ALA B 207 -21.80 5.98 8.26
CA ALA B 207 -22.63 4.90 7.70
C ALA B 207 -24.02 5.42 7.38
N VAL B 208 -24.64 4.89 6.33
CA VAL B 208 -26.07 5.14 6.08
C VAL B 208 -26.84 3.85 5.88
N ILE B 209 -28.15 3.87 6.09
CA ILE B 209 -29.01 2.79 5.63
C ILE B 209 -29.74 3.22 4.37
N LEU B 210 -29.55 2.45 3.31
CA LEU B 210 -30.28 2.66 2.07
C LEU B 210 -31.31 1.55 1.94
N SER B 211 -32.58 1.95 1.86
CA SER B 211 -33.75 1.05 1.70
C SER B 211 -34.35 1.10 0.29
N ASN B 212 -34.79 -0.05 -0.23
CA ASN B 212 -35.47 -0.12 -1.53
C ASN B 212 -37.00 0.09 -1.44
N GLY B 213 -37.47 0.31 -0.21
CA GLY B 213 -38.87 0.66 0.02
C GLY B 213 -39.85 -0.50 0.05
N ILE B 214 -39.40 -1.69 -0.34
CA ILE B 214 -40.27 -2.87 -0.33
C ILE B 214 -40.41 -3.44 1.07
N GLY B 215 -41.66 -3.61 1.51
CA GLY B 215 -41.99 -4.12 2.84
C GLY B 215 -41.50 -3.23 3.97
N GLU B 216 -41.50 -1.91 3.72
CA GLU B 216 -41.10 -0.92 4.71
C GLU B 216 -42.18 -0.74 5.76
N ALA B 217 -41.83 -0.11 6.88
CA ALA B 217 -42.84 0.36 7.84
C ALA B 217 -43.57 1.48 7.10
N PRO B 218 -44.77 1.18 6.56
CA PRO B 218 -45.33 1.97 5.46
C PRO B 218 -45.75 3.40 5.82
N GLY B 219 -45.92 4.23 4.79
CA GLY B 219 -45.88 5.69 4.93
C GLY B 219 -44.45 6.08 5.27
N LYS B 220 -43.50 5.25 4.85
CA LYS B 220 -42.16 5.22 5.43
C LYS B 220 -41.40 6.54 5.40
N PRO B 221 -41.04 7.03 6.60
CA PRO B 221 -40.05 8.10 6.74
C PRO B 221 -38.72 7.74 6.10
N ALA B 222 -38.05 8.76 5.58
CA ALA B 222 -36.68 8.65 5.13
C ALA B 222 -36.10 10.01 5.41
N ILE B 223 -34.78 10.10 5.42
CA ILE B 223 -34.12 11.39 5.60
C ILE B 223 -33.95 12.02 4.22
N TYR B 224 -33.42 11.23 3.29
CA TYR B 224 -33.21 11.63 1.93
C TYR B 224 -33.81 10.56 1.02
N ASP B 225 -34.33 10.97 -0.14
CA ASP B 225 -34.65 10.03 -1.22
C ASP B 225 -33.49 10.07 -2.19
N LEU B 226 -33.00 8.91 -2.64
CA LEU B 226 -31.93 8.92 -3.64
C LEU B 226 -32.56 8.86 -5.04
N LEU B 227 -32.45 9.97 -5.77
CA LEU B 227 -33.12 10.13 -7.06
C LEU B 227 -32.28 9.79 -8.29
N GLY B 228 -30.98 9.95 -8.18
CA GLY B 228 -30.11 9.68 -9.32
C GLY B 228 -28.66 9.85 -8.97
N TRP B 229 -27.79 9.38 -9.87
CA TRP B 229 -26.35 9.39 -9.63
C TRP B 229 -25.60 9.38 -10.95
N GLU B 230 -24.34 9.80 -10.88
CA GLU B 230 -23.45 9.86 -12.04
C GLU B 230 -22.04 9.55 -11.58
N ASN B 231 -21.30 8.82 -12.41
CA ASN B 231 -19.92 8.48 -12.12
C ASN B 231 -19.11 8.53 -13.39
N ARG B 232 -17.90 9.07 -13.28
CA ARG B 232 -16.99 9.17 -14.41
C ARG B 232 -15.54 9.01 -13.97
N VAL B 233 -14.71 8.54 -14.90
CA VAL B 233 -13.27 8.60 -14.72
C VAL B 233 -12.72 9.71 -15.62
N ILE B 234 -11.88 10.58 -15.03
CA ILE B 234 -11.11 11.57 -15.77
C ILE B 234 -9.90 10.88 -16.40
N PRO B 235 -9.86 10.76 -17.75
CA PRO B 235 -8.76 10.08 -18.45
C PRO B 235 -7.38 10.61 -18.11
N ASP B 236 -6.40 9.71 -18.13
CA ASP B 236 -4.99 10.03 -18.03
C ASP B 236 -4.64 10.85 -16.80
N SER B 237 -5.29 10.51 -15.67
CA SER B 237 -5.07 11.17 -14.40
C SER B 237 -4.78 10.22 -13.21
N GLU B 238 -4.33 9.00 -13.53
CA GLU B 238 -3.97 7.97 -12.54
C GLU B 238 -2.84 8.43 -11.62
N HIS B 239 -1.86 9.09 -12.22
CA HIS B 239 -0.63 9.52 -11.55
C HIS B 239 -0.83 10.83 -10.76
N ASP B 240 -2.03 11.41 -10.86
CA ASP B 240 -2.33 12.67 -10.18
C ASP B 240 -2.82 12.48 -8.76
N LEU B 241 -3.27 11.28 -8.44
CA LEU B 241 -3.91 11.04 -7.17
C LEU B 241 -3.87 9.55 -6.85
N GLY B 242 -3.51 9.24 -5.62
CA GLY B 242 -3.38 7.85 -5.21
C GLY B 242 -2.85 7.55 -3.83
N GLY B 243 -2.42 6.29 -3.68
CA GLY B 243 -2.12 5.68 -2.40
C GLY B 243 -1.49 4.36 -2.76
N ASP B 244 -0.15 4.37 -2.76
CA ASP B 244 0.63 3.21 -3.17
C ASP B 244 0.93 2.36 -1.96
N VAL B 245 0.54 1.08 -2.00
CA VAL B 245 0.83 0.19 -0.87
C VAL B 245 2.34 0.19 -0.60
N ASP B 246 2.70 0.08 0.67
CA ASP B 246 4.08 0.26 1.14
C ASP B 246 4.30 -0.55 2.42
N PRO B 247 5.54 -0.97 2.72
CA PRO B 247 5.73 -1.59 4.04
C PRO B 247 5.30 -0.66 5.19
N MET B 248 5.17 0.65 4.92
CA MET B 248 4.80 1.63 5.94
C MET B 248 3.32 2.03 5.85
N GLY B 249 2.57 1.34 5.01
CA GLY B 249 1.15 1.64 4.80
C GLY B 249 0.83 1.95 3.35
N TRP B 250 0.45 3.20 3.09
CA TRP B 250 0.14 3.63 1.73
C TRP B 250 0.75 5.01 1.59
N LYS B 251 1.60 5.22 0.58
CA LYS B 251 2.16 6.55 0.31
C LYS B 251 1.19 7.41 -0.50
N VAL B 252 0.88 8.60 -0.02
CA VAL B 252 -0.01 9.52 -0.74
C VAL B 252 0.59 9.91 -2.12
N VAL B 253 -0.24 9.92 -3.15
CA VAL B 253 0.15 10.47 -4.46
C VAL B 253 -0.78 11.64 -4.73
N LEU B 254 -0.22 12.79 -5.09
CA LEU B 254 -0.98 14.03 -5.19
C LEU B 254 -0.28 15.12 -5.99
N SER B 255 -0.54 15.17 -7.30
CA SER B 255 0.08 16.16 -8.21
C SER B 255 -0.52 17.57 -8.06
N PRO B 256 0.07 18.57 -8.75
CA PRO B 256 -0.52 19.92 -8.70
C PRO B 256 -1.81 20.08 -9.50
N ARG B 257 -2.07 19.17 -10.45
CA ARG B 257 -3.21 19.27 -11.35
C ARG B 257 -4.55 18.95 -10.69
N VAL B 258 -4.53 18.34 -9.50
CA VAL B 258 -5.78 17.87 -8.87
C VAL B 258 -6.87 18.95 -8.71
N PRO B 259 -6.52 20.12 -8.12
CA PRO B 259 -7.54 21.17 -7.94
C PRO B 259 -8.16 21.58 -9.28
N VAL B 260 -7.36 21.66 -10.34
CA VAL B 260 -7.85 22.08 -11.65
C VAL B 260 -8.72 20.99 -12.27
N LEU B 261 -8.20 19.77 -12.34
CA LEU B 261 -8.97 18.63 -12.81
C LEU B 261 -10.32 18.51 -12.10
N ALA B 262 -10.34 18.60 -10.76
CA ALA B 262 -11.57 18.40 -10.00
C ALA B 262 -12.61 19.48 -10.30
N LYS B 263 -12.17 20.73 -10.25
CA LYS B 263 -13.03 21.87 -10.50
C LYS B 263 -13.65 21.79 -11.90
N ALA B 264 -12.84 21.47 -12.90
CA ALA B 264 -13.30 21.41 -14.30
C ALA B 264 -14.32 20.31 -14.59
N SER B 265 -14.33 19.26 -13.77
CA SER B 265 -15.22 18.12 -13.93
C SER B 265 -16.64 18.41 -13.45
N LEU B 266 -16.81 19.45 -12.65
CA LEU B 266 -18.10 19.71 -12.04
C LEU B 266 -19.21 20.06 -13.06
N GLN B 267 -18.89 20.97 -13.97
CA GLN B 267 -19.82 21.41 -15.00
C GLN B 267 -20.43 20.23 -15.81
N PRO B 268 -19.61 19.40 -16.49
CA PRO B 268 -20.21 18.31 -17.28
C PRO B 268 -20.89 17.20 -16.47
N THR B 269 -20.41 16.92 -15.26
CA THR B 269 -20.97 15.84 -14.44
C THR B 269 -22.36 16.27 -13.92
N TYR B 270 -22.46 17.53 -13.52
CA TYR B 270 -23.72 18.13 -13.09
C TYR B 270 -24.77 18.15 -14.22
N ALA B 271 -24.38 18.65 -15.39
CA ALA B 271 -25.27 18.69 -16.55
C ALA B 271 -25.83 17.31 -16.89
N ASP B 272 -25.00 16.29 -16.78
CA ASP B 272 -25.40 14.90 -17.07
C ASP B 272 -26.35 14.36 -15.99
N LEU B 273 -26.04 14.64 -14.73
CA LEU B 273 -26.90 14.25 -13.63
C LEU B 273 -28.29 14.79 -13.86
N LEU B 274 -28.36 16.08 -14.17
CA LEU B 274 -29.63 16.76 -14.31
C LEU B 274 -30.39 16.36 -15.56
N SER B 275 -29.66 16.07 -16.64
CA SER B 275 -30.32 15.63 -17.89
C SER B 275 -31.06 14.32 -17.67
N SER B 276 -30.48 13.46 -16.83
CA SER B 276 -31.07 12.15 -16.52
C SER B 276 -32.36 12.23 -15.69
N LEU B 277 -32.62 13.38 -15.07
CA LEU B 277 -33.79 13.55 -14.19
C LEU B 277 -34.46 14.93 -14.14
N GLN B 278 -34.00 15.90 -14.92
CA GLN B 278 -34.54 17.28 -14.85
C GLN B 278 -36.05 17.36 -15.09
N ASP B 279 -36.63 16.23 -15.46
CA ASP B 279 -38.06 16.07 -15.69
C ASP B 279 -38.81 15.79 -14.38
N GLN B 280 -38.08 15.22 -13.41
CA GLN B 280 -38.58 14.93 -12.08
C GLN B 280 -38.53 16.15 -11.14
N LEU B 281 -37.60 17.07 -11.43
CA LEU B 281 -37.33 18.19 -10.54
C LEU B 281 -38.16 19.40 -10.90
N PRO B 282 -38.58 20.18 -9.89
CA PRO B 282 -39.32 21.41 -10.17
C PRO B 282 -38.43 22.43 -10.88
N SER B 283 -39.06 23.43 -11.50
CA SER B 283 -38.34 24.50 -12.20
C SER B 283 -37.52 25.37 -11.23
N SER B 284 -37.84 25.30 -9.94
CA SER B 284 -37.10 26.03 -8.92
C SER B 284 -35.75 25.37 -8.58
N TYR B 285 -35.50 24.20 -9.17
CA TYR B 285 -34.24 23.45 -8.97
C TYR B 285 -33.61 23.07 -10.32
N GLN B 286 -32.99 24.04 -10.98
CA GLN B 286 -32.40 23.85 -12.31
C GLN B 286 -30.89 24.14 -12.35
N LYS B 287 -30.48 25.25 -11.72
CA LYS B 287 -29.08 25.69 -11.74
C LYS B 287 -28.36 25.33 -10.44
N PRO B 288 -27.02 25.15 -10.49
CA PRO B 288 -26.31 24.67 -9.32
C PRO B 288 -26.65 25.42 -8.02
N ALA B 289 -26.83 26.73 -8.09
CA ALA B 289 -27.15 27.55 -6.90
C ALA B 289 -28.53 27.26 -6.29
N ASP B 290 -29.41 26.62 -7.08
CA ASP B 290 -30.73 26.19 -6.63
C ASP B 290 -30.68 25.09 -5.56
N PHE B 291 -29.53 24.41 -5.49
CA PHE B 291 -29.37 23.22 -4.64
C PHE B 291 -28.51 23.49 -3.41
N ASP B 292 -28.65 22.63 -2.40
CA ASP B 292 -27.61 22.59 -1.37
C ASP B 292 -26.59 21.58 -1.86
N TRP B 293 -25.32 21.82 -1.56
CA TRP B 293 -24.23 21.00 -2.06
C TRP B 293 -23.52 20.28 -0.93
N ALA B 294 -23.66 18.95 -0.90
CA ALA B 294 -22.88 18.11 0.00
C ALA B 294 -21.58 17.68 -0.69
N MET B 295 -20.59 18.55 -0.62
CA MET B 295 -19.32 18.36 -1.29
C MET B 295 -18.33 17.64 -0.39
N HIS B 296 -17.63 16.64 -0.92
CA HIS B 296 -16.46 16.12 -0.22
C HIS B 296 -15.38 17.19 -0.14
N PRO B 297 -14.99 17.60 1.09
CA PRO B 297 -14.01 18.68 1.22
C PRO B 297 -12.58 18.14 1.16
N GLY B 298 -12.12 17.85 -0.05
CA GLY B 298 -10.77 17.31 -0.25
C GLY B 298 -9.67 18.25 0.19
N GLY B 299 -9.89 19.53 -0.04
CA GLY B 299 -9.03 20.60 0.47
C GLY B 299 -9.76 21.93 0.38
N ALA B 300 -9.10 23.00 0.83
CA ALA B 300 -9.67 24.35 0.77
C ALA B 300 -9.90 24.83 -0.65
N THR B 301 -8.99 24.49 -1.57
CA THR B 301 -9.14 24.90 -2.97
C THR B 301 -10.22 24.13 -3.73
N ILE B 302 -10.52 22.92 -3.26
CA ILE B 302 -11.62 22.13 -3.84
C ILE B 302 -12.94 22.86 -3.65
N LEU B 303 -13.13 23.38 -2.44
CA LEU B 303 -14.35 24.06 -2.07
C LEU B 303 -14.47 25.41 -2.75
N SER B 304 -13.38 26.16 -2.79
CA SER B 304 -13.38 27.45 -3.48
C SER B 304 -13.51 27.27 -4.99
N GLY B 305 -12.90 26.21 -5.52
CA GLY B 305 -13.04 25.85 -6.92
C GLY B 305 -14.48 25.58 -7.31
N ALA B 306 -15.20 24.86 -6.47
CA ALA B 306 -16.61 24.54 -6.71
C ALA B 306 -17.50 25.78 -6.69
N GLU B 307 -17.25 26.67 -5.73
CA GLU B 307 -17.90 27.98 -5.68
C GLU B 307 -17.71 28.77 -6.97
N SER B 308 -16.49 28.74 -7.48
CA SER B 308 -16.12 29.51 -8.65
C SER B 308 -16.75 28.89 -9.90
N ALA B 309 -16.48 27.60 -10.12
CA ALA B 309 -16.92 26.88 -11.31
C ALA B 309 -18.45 26.84 -11.42
N MET B 310 -19.13 26.70 -10.29
CA MET B 310 -20.54 26.40 -10.28
C MET B 310 -21.41 27.59 -9.87
N GLY B 311 -20.74 28.68 -9.50
CA GLY B 311 -21.43 29.92 -9.12
C GLY B 311 -22.12 29.79 -7.78
N LEU B 312 -21.40 29.22 -6.82
CA LEU B 312 -21.93 28.98 -5.49
C LEU B 312 -21.23 29.88 -4.45
N THR B 313 -21.96 30.20 -3.37
CA THR B 313 -21.40 30.82 -2.16
C THR B 313 -20.94 29.71 -1.19
N PRO B 314 -19.98 30.02 -0.30
CA PRO B 314 -19.55 29.04 0.70
C PRO B 314 -20.70 28.43 1.53
N GLU B 315 -21.78 29.19 1.73
CA GLU B 315 -22.98 28.73 2.45
C GLU B 315 -23.72 27.59 1.75
N HIS B 316 -23.63 27.52 0.43
CA HIS B 316 -24.17 26.39 -0.35
C HIS B 316 -23.53 25.07 0.08
N MET B 317 -22.27 25.16 0.54
CA MET B 317 -21.49 24.00 1.00
C MET B 317 -21.20 24.12 2.51
N ARG B 318 -22.15 24.68 3.26
CA ARG B 318 -22.00 24.98 4.68
C ARG B 318 -21.59 23.78 5.53
N ALA B 319 -22.20 22.62 5.29
CA ALA B 319 -21.89 21.41 6.09
C ALA B 319 -20.55 20.79 5.69
N SER B 320 -20.11 21.09 4.47
CA SER B 320 -18.82 20.66 3.97
C SER B 320 -17.68 21.39 4.68
N TYR B 321 -17.75 22.72 4.70
CA TYR B 321 -16.85 23.54 5.52
C TYR B 321 -16.94 23.18 6.98
N ASP B 322 -18.14 22.89 7.48
CA ASP B 322 -18.28 22.60 8.90
C ASP B 322 -17.47 21.35 9.30
N ARG B 323 -17.52 20.30 8.49
CA ARG B 323 -16.74 19.09 8.77
C ARG B 323 -15.26 19.32 8.50
N TYR B 324 -14.94 20.00 7.40
CA TYR B 324 -13.55 20.27 7.03
C TYR B 324 -12.76 21.08 8.07
N ILE B 325 -13.35 22.17 8.56
CA ILE B 325 -12.69 23.03 9.56
C ILE B 325 -12.51 22.29 10.88
N ASN B 326 -13.54 21.58 11.33
CA ASN B 326 -13.61 21.03 12.68
C ASN B 326 -13.05 19.62 12.83
N HIS B 327 -12.89 18.93 11.71
CA HIS B 327 -12.52 17.52 11.70
C HIS B 327 -11.54 17.13 10.61
N GLY B 328 -11.34 18.00 9.62
CA GLY B 328 -10.42 17.73 8.53
C GLY B 328 -10.99 16.78 7.50
N ASN B 329 -10.12 16.23 6.67
CA ASN B 329 -10.54 15.39 5.55
C ASN B 329 -10.43 13.92 5.92
N SER B 330 -11.58 13.29 6.20
CA SER B 330 -11.58 11.88 6.62
C SER B 330 -11.81 10.95 5.44
N SER B 331 -11.35 11.39 4.26
CA SER B 331 -11.37 10.55 3.06
C SER B 331 -12.81 10.05 2.80
N SER B 332 -13.02 8.73 2.66
CA SER B 332 -14.35 8.18 2.28
C SER B 332 -15.47 8.36 3.31
N ALA B 333 -15.09 8.48 4.59
CA ALA B 333 -16.04 8.71 5.67
C ALA B 333 -16.64 10.13 5.74
N THR B 334 -16.06 11.09 5.02
CA THR B 334 -16.51 12.48 5.17
C THR B 334 -17.91 12.75 4.61
N ILE B 335 -18.23 12.18 3.45
CA ILE B 335 -19.47 12.55 2.79
C ILE B 335 -20.76 12.18 3.57
N PHE B 336 -20.80 11.02 4.23
CA PHE B 336 -21.96 10.70 5.06
C PHE B 336 -21.95 11.59 6.29
N SER B 337 -20.77 12.02 6.71
CA SER B 337 -20.67 13.03 7.77
C SER B 337 -21.20 14.41 7.37
N VAL B 338 -20.96 14.81 6.12
CA VAL B 338 -21.48 16.05 5.60
C VAL B 338 -23.01 15.92 5.53
N LEU B 339 -23.50 14.79 5.00
CA LEU B 339 -24.95 14.58 4.85
C LEU B 339 -25.69 14.55 6.19
N ASN B 340 -25.06 13.93 7.18
CA ASN B 340 -25.62 13.90 8.51
C ASN B 340 -25.71 15.30 9.11
N ARG B 341 -24.61 16.06 9.02
CA ARG B 341 -24.54 17.44 9.50
C ARG B 341 -25.51 18.40 8.80
N LEU B 342 -25.70 18.20 7.50
CA LEU B 342 -26.52 19.09 6.68
C LEU B 342 -27.97 19.25 7.17
N ARG B 343 -28.55 18.15 7.65
CA ARG B 343 -29.97 18.14 8.06
C ARG B 343 -30.19 18.60 9.51
N GLU B 344 -29.12 19.05 10.17
CA GLU B 344 -29.22 19.54 11.53
C GLU B 344 -29.63 21.02 11.55
N LYS B 345 -30.27 21.43 12.64
CA LYS B 345 -30.89 22.76 12.75
C LYS B 345 -29.92 23.92 12.58
N ASP B 346 -28.72 23.80 13.15
CA ASP B 346 -27.78 24.92 13.14
C ASP B 346 -27.08 25.09 11.79
N MET B 347 -27.27 24.11 10.90
CA MET B 347 -26.93 24.25 9.49
C MET B 347 -28.05 24.98 8.72
N ASP B 348 -29.30 24.67 9.04
CA ASP B 348 -30.46 25.41 8.52
C ASP B 348 -30.35 26.92 8.76
N ALA B 349 -29.77 27.29 9.90
CA ALA B 349 -29.55 28.70 10.23
C ALA B 349 -28.55 29.42 9.30
N LEU B 350 -27.77 28.66 8.54
CA LEU B 350 -26.74 29.24 7.66
C LEU B 350 -26.99 29.01 6.16
N ALA B 351 -28.17 28.48 5.80
CA ALA B 351 -28.59 28.33 4.40
C ALA B 351 -28.53 29.68 3.64
N PRO B 352 -28.08 29.67 2.37
CA PRO B 352 -28.07 30.90 1.56
C PRO B 352 -29.45 31.52 1.42
N GLY B 353 -29.55 32.81 1.81
CA GLY B 353 -30.81 33.56 1.78
C GLY B 353 -31.84 33.10 2.80
N GLY B 354 -31.40 32.29 3.77
CA GLY B 354 -32.31 31.66 4.73
C GLY B 354 -33.20 30.64 4.04
N LYS B 355 -32.75 30.14 2.90
CA LYS B 355 -33.49 29.16 2.13
C LYS B 355 -32.87 27.77 2.17
N VAL B 356 -33.38 26.92 3.06
CA VAL B 356 -32.96 25.51 3.12
C VAL B 356 -33.52 24.80 1.89
N LYS B 357 -32.64 24.21 1.10
CA LYS B 357 -33.06 23.60 -0.18
C LYS B 357 -33.56 22.18 -0.01
N GLU B 358 -34.62 21.87 -0.75
CA GLU B 358 -35.26 20.56 -0.74
C GLU B 358 -34.44 19.50 -1.51
N TYR B 359 -33.51 19.93 -2.34
CA TYR B 359 -32.74 18.99 -3.14
C TYR B 359 -31.25 19.22 -2.92
N VAL B 360 -30.51 18.12 -2.85
CA VAL B 360 -29.13 18.11 -2.42
C VAL B 360 -28.24 17.33 -3.41
N VAL B 361 -27.21 18.02 -3.91
CA VAL B 361 -26.21 17.40 -4.76
C VAL B 361 -25.04 16.95 -3.90
N GLY B 362 -24.81 15.65 -3.87
CA GLY B 362 -23.62 15.07 -3.25
C GLY B 362 -22.53 14.98 -4.29
N CYS B 363 -21.31 15.28 -3.86
CA CYS B 363 -20.18 15.33 -4.78
C CYS B 363 -18.90 14.88 -4.10
N ALA B 364 -18.15 13.99 -4.75
CA ALA B 364 -16.83 13.58 -4.26
C ALA B 364 -15.91 13.14 -5.38
N PHE B 365 -14.62 13.09 -5.06
CA PHE B 365 -13.53 12.86 -6.01
C PHE B 365 -12.50 12.00 -5.30
N GLY B 366 -11.90 11.08 -6.03
CA GLY B 366 -10.82 10.27 -5.47
C GLY B 366 -9.97 9.67 -6.57
N PRO B 367 -8.97 8.85 -6.18
CA PRO B 367 -8.03 8.16 -7.07
C PRO B 367 -8.72 7.51 -8.27
N GLY B 368 -8.14 7.75 -9.46
CA GLY B 368 -8.75 7.42 -10.75
C GLY B 368 -8.16 8.29 -11.86
N ILE B 369 -8.49 9.58 -11.88
CA ILE B 369 -9.37 10.22 -10.92
C ILE B 369 -10.84 9.87 -11.14
N ASN B 370 -11.45 9.37 -10.08
CA ASN B 370 -12.88 9.05 -10.08
C ASN B 370 -13.67 10.23 -9.56
N VAL B 371 -14.81 10.49 -10.20
CA VAL B 371 -15.71 11.54 -9.78
C VAL B 371 -17.12 10.98 -9.58
N GLU B 372 -17.74 11.36 -8.47
CA GLU B 372 -19.09 10.88 -8.17
C GLU B 372 -20.01 12.03 -7.85
N MET B 373 -21.21 11.98 -8.43
CA MET B 373 -22.30 12.86 -8.01
C MET B 373 -23.57 12.06 -7.75
N CYS B 374 -24.47 12.63 -6.96
CA CYS B 374 -25.75 12.05 -6.71
C CYS B 374 -26.74 13.18 -6.44
N MET B 375 -28.02 12.88 -6.67
CA MET B 375 -29.11 13.77 -6.38
C MET B 375 -30.01 13.14 -5.32
N LEU B 376 -30.31 13.95 -4.30
CA LEU B 376 -31.08 13.55 -3.14
C LEU B 376 -32.20 14.53 -2.91
N LYS B 377 -33.34 14.02 -2.48
CA LYS B 377 -34.45 14.86 -2.08
C LYS B 377 -34.54 14.79 -0.56
N ARG B 378 -34.36 15.94 0.08
CA ARG B 378 -34.40 16.02 1.53
C ARG B 378 -35.85 16.06 1.99
N ARG B 379 -36.22 15.18 2.91
CA ARG B 379 -37.59 15.19 3.47
C ARG B 379 -37.75 16.35 4.45
N LEU C 1 32.14 32.16 -23.90
CA LEU C 1 31.32 32.57 -25.09
C LEU C 1 30.94 34.05 -25.04
N GLY C 2 30.78 34.58 -23.84
CA GLY C 2 30.43 35.97 -23.65
C GLY C 2 28.95 36.29 -23.87
N LEU C 3 28.10 35.27 -23.87
CA LEU C 3 26.67 35.45 -24.21
C LEU C 3 25.80 35.56 -22.97
N SER C 4 25.01 36.63 -22.92
CA SER C 4 24.12 36.84 -21.79
C SER C 4 22.74 37.38 -22.17
N ILE C 5 21.71 36.91 -21.46
CA ILE C 5 20.36 37.46 -21.60
C ILE C 5 20.24 38.62 -20.63
N THR C 6 20.18 39.85 -21.17
CA THR C 6 20.23 41.06 -20.36
C THR C 6 18.86 41.68 -20.07
N GLY C 7 17.84 41.19 -20.76
CA GLY C 7 16.49 41.63 -20.44
C GLY C 7 15.50 40.66 -21.03
N LEU C 8 14.31 40.61 -20.40
CA LEU C 8 13.22 39.75 -20.86
C LEU C 8 11.91 40.50 -20.72
N GLY C 9 10.99 40.20 -21.63
CA GLY C 9 9.70 40.85 -21.62
C GLY C 9 8.65 39.90 -22.10
N VAL C 10 7.46 40.03 -21.52
CA VAL C 10 6.34 39.18 -21.86
C VAL C 10 5.13 40.07 -21.95
N GLN C 11 4.31 39.84 -22.98
CA GLN C 11 3.02 40.49 -23.04
C GLN C 11 1.95 39.48 -23.45
N TYR C 12 1.08 39.16 -22.51
CA TYR C 12 -0.13 38.37 -22.77
C TYR C 12 -1.24 39.35 -23.14
N PRO C 13 -2.19 38.92 -23.98
CA PRO C 13 -3.33 39.77 -24.34
C PRO C 13 -4.34 39.97 -23.18
N PRO C 14 -5.32 40.89 -23.35
CA PRO C 14 -6.19 41.25 -22.20
C PRO C 14 -7.18 40.17 -21.71
N TYR C 15 -7.51 39.17 -22.53
CA TYR C 15 -8.50 38.17 -22.12
C TYR C 15 -7.90 36.87 -21.56
N SER C 16 -8.58 36.28 -20.57
CA SER C 16 -8.23 34.99 -19.95
C SER C 16 -9.45 34.10 -19.91
N LEU C 17 -9.43 33.04 -20.72
CA LEU C 17 -10.64 32.23 -20.94
C LEU C 17 -10.60 30.87 -20.24
N GLY C 18 -11.69 30.55 -19.54
CA GLY C 18 -11.88 29.22 -18.96
C GLY C 18 -12.29 28.23 -20.04
N PRO C 19 -12.42 26.93 -19.68
CA PRO C 19 -12.70 25.91 -20.70
C PRO C 19 -14.08 26.09 -21.33
N ASP C 20 -15.00 26.74 -20.63
CA ASP C 20 -16.32 27.01 -21.18
C ASP C 20 -16.30 27.85 -22.47
N ALA C 21 -15.18 28.53 -22.73
CA ALA C 21 -15.05 29.35 -23.94
C ALA C 21 -15.21 28.52 -25.23
N ILE C 22 -14.61 27.34 -25.28
CA ILE C 22 -14.75 26.47 -26.45
C ILE C 22 -16.11 25.74 -26.45
N ASP C 23 -16.66 25.45 -25.27
CA ASP C 23 -18.00 24.88 -25.14
C ASP C 23 -19.02 25.79 -25.82
N ILE C 24 -18.85 27.09 -25.58
CA ILE C 24 -19.75 28.12 -26.10
C ILE C 24 -19.69 28.15 -27.63
N LEU C 25 -18.48 28.17 -28.16
CA LEU C 25 -18.27 28.32 -29.60
C LEU C 25 -18.64 27.07 -30.34
N SER C 26 -18.35 25.92 -29.72
CA SER C 26 -18.65 24.62 -30.31
C SER C 26 -20.13 24.45 -30.52
N LYS C 27 -20.92 24.77 -29.49
CA LYS C 27 -22.39 24.66 -29.50
C LYS C 27 -23.04 25.67 -30.46
N ARG C 28 -22.40 26.82 -30.60
CA ARG C 28 -22.91 27.86 -31.48
C ARG C 28 -22.85 27.38 -32.92
N TYR C 29 -21.76 26.70 -33.28
CA TYR C 29 -21.47 26.36 -34.68
C TYR C 29 -21.61 24.90 -35.11
N HIS C 30 -21.71 23.98 -34.15
CA HIS C 30 -21.74 22.56 -34.48
C HIS C 30 -22.69 21.79 -33.60
N PRO C 31 -23.57 20.96 -34.21
CA PRO C 31 -24.30 19.99 -33.42
C PRO C 31 -23.31 19.06 -32.71
N GLU C 32 -23.77 18.40 -31.65
CA GLU C 32 -22.95 17.43 -30.96
C GLU C 32 -22.56 16.29 -31.88
N SER C 33 -21.32 15.83 -31.75
CA SER C 33 -20.87 14.61 -32.41
C SER C 33 -19.98 13.81 -31.45
N PRO C 34 -19.74 12.51 -31.76
CA PRO C 34 -18.77 11.73 -30.98
C PRO C 34 -17.42 12.42 -30.84
N ALA C 35 -16.84 12.89 -31.94
CA ALA C 35 -15.48 13.46 -31.88
C ALA C 35 -15.44 14.81 -31.16
N MET C 36 -16.46 15.64 -31.37
CA MET C 36 -16.59 16.89 -30.65
C MET C 36 -16.72 16.63 -29.16
N LYS C 37 -17.55 15.65 -28.80
CA LYS C 37 -17.74 15.30 -27.39
C LYS C 37 -16.41 14.99 -26.73
N LYS C 38 -15.57 14.22 -27.44
CA LYS C 38 -14.28 13.77 -26.92
C LYS C 38 -13.35 14.93 -26.71
N VAL C 39 -13.24 15.81 -27.71
CA VAL C 39 -12.39 17.00 -27.59
C VAL C 39 -12.88 17.95 -26.48
N LEU C 40 -14.19 18.15 -26.38
CA LEU C 40 -14.75 18.97 -25.28
C LEU C 40 -14.38 18.37 -23.91
N ALA C 41 -14.43 17.05 -23.82
CA ALA C 41 -14.00 16.35 -22.59
C ALA C 41 -12.49 16.53 -22.34
N ILE C 42 -11.68 16.31 -23.37
CA ILE C 42 -10.23 16.53 -23.29
C ILE C 42 -9.87 17.94 -22.82
N ASN C 43 -10.56 18.93 -23.38
CA ASN C 43 -10.39 20.34 -23.02
C ASN C 43 -10.40 20.55 -21.50
N ARG C 44 -11.15 19.71 -20.80
CA ARG C 44 -11.29 19.79 -19.35
C ARG C 44 -10.32 18.85 -18.64
N TYR C 45 -9.48 18.14 -19.38
CA TYR C 45 -8.55 17.17 -18.76
C TYR C 45 -7.10 17.62 -18.83
N THR C 46 -6.87 18.81 -19.33
CA THR C 46 -5.53 19.25 -19.69
C THR C 46 -4.74 19.69 -18.46
N GLY C 47 -5.45 20.14 -17.44
CA GLY C 47 -4.84 20.83 -16.31
C GLY C 47 -4.66 22.33 -16.55
N ILE C 48 -5.15 22.86 -17.68
CA ILE C 48 -5.10 24.31 -17.93
C ILE C 48 -6.34 24.97 -17.29
N ASP C 49 -6.10 25.98 -16.46
CA ASP C 49 -7.15 26.70 -15.77
C ASP C 49 -7.70 27.83 -16.64
N GLN C 50 -6.79 28.62 -17.22
CA GLN C 50 -7.14 29.77 -18.05
C GLN C 50 -6.19 29.88 -19.22
N ARG C 51 -6.73 30.26 -20.38
CA ARG C 51 -5.90 30.56 -21.56
C ARG C 51 -6.01 32.01 -21.99
N SER C 52 -4.86 32.58 -22.34
CA SER C 52 -4.79 33.95 -22.82
C SER C 52 -5.21 34.03 -24.29
N SER C 53 -5.99 35.05 -24.62
CA SER C 53 -6.56 35.26 -25.95
C SER C 53 -6.65 36.76 -26.24
N ILE C 54 -6.60 37.12 -27.53
CA ILE C 54 -6.79 38.50 -27.97
C ILE C 54 -8.27 38.90 -27.91
N GLY C 55 -9.13 37.92 -27.62
CA GLY C 55 -10.57 38.16 -27.57
C GLY C 55 -11.35 37.21 -26.70
N ASN C 56 -12.66 37.45 -26.64
CA ASN C 56 -13.58 36.50 -26.03
C ASN C 56 -14.37 35.76 -27.12
N PRO C 57 -15.22 34.77 -26.75
CA PRO C 57 -16.04 34.11 -27.77
C PRO C 57 -17.06 35.00 -28.51
N ASP C 58 -17.15 36.28 -28.16
CA ASP C 58 -18.04 37.21 -28.87
C ASP C 58 -17.33 37.99 -29.99
N HIS C 59 -16.04 37.71 -30.19
CA HIS C 59 -15.26 38.40 -31.21
C HIS C 59 -15.85 38.14 -32.60
N PRO C 60 -15.99 39.20 -33.42
CA PRO C 60 -16.57 39.05 -34.75
C PRO C 60 -15.74 38.18 -35.71
N LEU C 61 -14.44 38.01 -35.45
CA LEU C 61 -13.62 37.20 -36.34
C LEU C 61 -14.06 35.74 -36.32
N VAL C 62 -14.47 35.25 -35.15
CA VAL C 62 -14.80 33.84 -35.00
C VAL C 62 -16.32 33.62 -35.03
N ASN C 63 -17.04 34.67 -35.40
CA ASN C 63 -18.49 34.60 -35.48
C ASN C 63 -19.09 34.93 -36.85
N LYS C 64 -18.30 34.67 -37.90
CA LYS C 64 -18.77 34.74 -39.29
C LYS C 64 -19.47 33.42 -39.66
N PRO C 65 -20.17 33.36 -40.82
CA PRO C 65 -20.78 32.08 -41.18
C PRO C 65 -19.75 30.95 -41.35
N ASN C 66 -18.57 31.30 -41.85
CA ASN C 66 -17.48 30.35 -42.02
C ASN C 66 -16.32 30.71 -41.09
N PRO C 67 -15.33 29.79 -40.92
CA PRO C 67 -14.11 30.17 -40.21
C PRO C 67 -13.41 31.28 -40.94
N PRO C 68 -12.69 32.15 -40.21
CA PRO C 68 -11.97 33.21 -40.88
C PRO C 68 -11.00 32.59 -41.89
N THR C 69 -10.79 33.25 -43.03
CA THR C 69 -9.79 32.77 -43.98
C THR C 69 -8.42 33.19 -43.45
N VAL C 70 -7.37 32.59 -44.02
CA VAL C 70 -6.00 32.89 -43.61
C VAL C 70 -5.67 34.39 -43.84
N LYS C 71 -6.25 34.99 -44.87
CA LYS C 71 -6.15 36.45 -45.04
C LYS C 71 -6.78 37.19 -43.85
N GLU C 72 -7.98 36.77 -43.46
CA GLU C 72 -8.70 37.39 -42.35
C GLU C 72 -7.98 37.22 -41.01
N LEU C 73 -7.31 36.07 -40.82
CA LEU C 73 -6.49 35.81 -39.65
C LEU C 73 -5.31 36.76 -39.60
N HIS C 74 -4.66 36.91 -40.75
CA HIS C 74 -3.48 37.79 -40.86
C HIS C 74 -3.80 39.24 -40.47
N GLU C 75 -4.96 39.72 -40.91
CA GLU C 75 -5.44 41.05 -40.54
C GLU C 75 -5.54 41.24 -39.00
N VAL C 76 -5.95 40.20 -38.29
CA VAL C 76 -6.05 40.28 -36.83
C VAL C 76 -4.71 40.00 -36.14
N PHE C 77 -3.88 39.16 -36.78
CA PHE C 77 -2.51 38.97 -36.32
C PHE C 77 -1.79 40.32 -36.22
N MET C 78 -1.98 41.16 -37.24
CA MET C 78 -1.35 42.48 -37.29
C MET C 78 -1.98 43.50 -36.34
N SER C 79 -3.31 43.55 -36.27
CA SER C 79 -4.01 44.53 -35.44
C SER C 79 -3.93 44.24 -33.95
N ASP C 80 -4.02 42.96 -33.59
CA ASP C 80 -4.09 42.54 -32.19
C ASP C 80 -2.85 41.76 -31.69
N GLY C 81 -2.10 41.16 -32.61
CA GLY C 81 -0.87 40.43 -32.25
C GLY C 81 0.39 41.28 -32.17
N VAL C 82 0.70 41.98 -33.27
CA VAL C 82 1.89 42.86 -33.33
C VAL C 82 2.05 43.81 -32.10
N PRO C 83 0.97 44.48 -31.63
CA PRO C 83 1.15 45.30 -30.41
C PRO C 83 1.69 44.54 -29.18
N LEU C 84 1.34 43.27 -29.04
CA LEU C 84 1.85 42.45 -27.94
C LEU C 84 3.35 42.31 -28.05
N ALA C 85 3.82 42.05 -29.28
CA ALA C 85 5.25 41.92 -29.57
C ALA C 85 6.03 43.22 -29.43
N VAL C 86 5.38 44.35 -29.73
CA VAL C 86 6.02 45.65 -29.51
C VAL C 86 6.16 45.87 -27.98
N GLU C 87 5.11 45.57 -27.24
CA GLU C 87 5.17 45.76 -25.79
C GLU C 87 6.16 44.82 -25.10
N ALA C 88 6.28 43.59 -25.59
CA ALA C 88 7.21 42.60 -25.02
C ALA C 88 8.65 43.02 -25.29
N SER C 89 8.91 43.39 -26.54
CA SER C 89 10.21 43.92 -26.98
C SER C 89 10.63 45.17 -26.19
N ARG C 90 9.69 46.11 -26.02
CA ARG C 90 9.92 47.33 -25.25
C ARG C 90 10.38 47.07 -23.81
N LYS C 91 9.79 46.07 -23.17
CA LYS C 91 10.13 45.74 -21.77
C LYS C 91 11.47 45.01 -21.67
N ALA C 92 11.78 44.21 -22.67
CA ALA C 92 13.05 43.49 -22.71
C ALA C 92 14.19 44.46 -22.90
N MET C 93 14.02 45.39 -23.85
CA MET C 93 14.99 46.45 -24.12
C MET C 93 15.13 47.40 -22.93
N ALA C 94 14.00 47.79 -22.35
CA ALA C 94 13.98 48.66 -21.17
C ALA C 94 14.77 48.02 -20.05
N GLU C 95 14.45 46.76 -19.73
CA GLU C 95 15.21 45.99 -18.74
C GLU C 95 16.71 45.96 -19.02
N ALA C 96 17.09 45.71 -20.28
CA ALA C 96 18.49 45.63 -20.66
C ALA C 96 19.14 47.02 -20.71
N ARG C 97 18.33 48.06 -20.48
CA ARG C 97 18.70 49.46 -20.69
C ARG C 97 19.40 49.69 -22.05
N LEU C 98 18.70 49.25 -23.10
CA LEU C 98 19.14 49.55 -24.46
C LEU C 98 18.17 50.49 -25.17
N VAL C 99 18.73 51.43 -25.91
CA VAL C 99 17.95 52.31 -26.77
C VAL C 99 17.87 51.64 -28.15
N PRO C 100 16.87 52.02 -28.99
CA PRO C 100 16.71 51.32 -30.28
C PRO C 100 17.98 51.24 -31.14
N ALA C 101 18.71 52.34 -31.27
CA ALA C 101 19.91 52.37 -32.13
C ALA C 101 20.95 51.32 -31.75
N GLN C 102 20.79 50.73 -30.57
CA GLN C 102 21.79 49.77 -30.09
C GLN C 102 21.53 48.34 -30.54
N ILE C 103 20.34 48.09 -31.08
CA ILE C 103 19.95 46.74 -31.49
C ILE C 103 20.53 46.48 -32.88
N THR C 104 21.26 45.37 -32.96
CA THR C 104 22.02 45.02 -34.17
C THR C 104 21.35 43.93 -35.00
N HIS C 105 20.66 43.00 -34.35
CA HIS C 105 19.91 41.95 -35.04
C HIS C 105 18.52 41.78 -34.43
N MET C 106 17.63 41.16 -35.19
CA MET C 106 16.35 40.72 -34.68
C MET C 106 16.09 39.30 -35.18
N VAL C 107 15.91 38.36 -34.24
CA VAL C 107 15.54 36.99 -34.60
C VAL C 107 14.13 36.73 -34.09
N SER C 108 13.19 36.61 -35.02
CA SER C 108 11.79 36.49 -34.69
C SER C 108 11.26 35.13 -35.11
N THR C 109 10.17 34.70 -34.48
CA THR C 109 9.45 33.51 -34.91
C THR C 109 7.92 33.62 -34.67
N THR C 110 7.17 32.98 -35.56
CA THR C 110 5.77 32.68 -35.36
C THR C 110 5.40 31.49 -36.28
N CYS C 111 4.37 30.75 -35.94
CA CYS C 111 3.86 29.71 -36.82
C CYS C 111 2.40 29.99 -37.11
N THR C 112 1.92 31.13 -36.62
CA THR C 112 0.52 31.49 -36.78
C THR C 112 0.32 32.72 -37.68
N ASP C 113 1.33 33.01 -38.51
CA ASP C 113 1.24 34.04 -39.56
C ASP C 113 2.19 33.74 -40.71
N SER C 114 1.75 34.08 -41.92
CA SER C 114 2.63 34.20 -43.09
C SER C 114 2.42 35.57 -43.75
N ALA C 115 3.50 36.27 -44.03
CA ALA C 115 3.43 37.62 -44.62
C ALA C 115 4.73 38.05 -45.27
N ASN C 116 4.63 38.91 -46.31
CA ASN C 116 5.79 39.61 -46.87
C ASN C 116 5.42 41.09 -47.11
N PRO C 117 6.06 42.03 -46.39
CA PRO C 117 7.10 41.77 -45.39
C PRO C 117 6.52 41.08 -44.17
N GLY C 118 7.38 40.38 -43.45
CA GLY C 118 7.02 39.66 -42.23
C GLY C 118 6.66 40.58 -41.08
N TYR C 119 6.06 40.01 -40.04
CA TYR C 119 5.51 40.78 -38.91
C TYR C 119 6.64 41.48 -38.18
N ASP C 120 7.82 40.84 -38.22
CA ASP C 120 9.01 41.38 -37.58
C ASP C 120 9.36 42.79 -38.09
N HIS C 121 9.08 43.05 -39.36
CA HIS C 121 9.31 44.38 -39.90
C HIS C 121 8.45 45.46 -39.24
N TYR C 122 7.18 45.14 -39.00
CA TYR C 122 6.24 46.09 -38.43
C TYR C 122 6.55 46.36 -36.97
N VAL C 123 6.95 45.30 -36.27
CA VAL C 123 7.51 45.38 -34.90
C VAL C 123 8.75 46.27 -34.85
N ALA C 124 9.71 46.02 -35.76
CA ALA C 124 10.94 46.81 -35.81
C ALA C 124 10.67 48.29 -36.11
N LYS C 125 9.74 48.55 -37.04
CA LYS C 125 9.34 49.92 -37.37
C LYS C 125 8.75 50.62 -36.14
N GLU C 126 7.88 49.92 -35.40
CA GLU C 126 7.22 50.52 -34.24
C GLU C 126 8.20 50.88 -33.13
N LEU C 127 9.21 50.03 -32.97
CA LEU C 127 10.25 50.24 -31.96
C LEU C 127 11.24 51.32 -32.34
N GLY C 128 11.31 51.65 -33.63
CA GLY C 128 12.27 52.65 -34.11
C GLY C 128 13.67 52.07 -34.32
N LEU C 129 13.74 50.78 -34.63
CA LEU C 129 15.02 50.13 -34.88
C LEU C 129 15.72 50.62 -36.15
N SER C 130 17.02 50.36 -36.21
CA SER C 130 17.88 50.76 -37.32
C SER C 130 17.36 50.30 -38.67
N ASP C 131 17.62 51.09 -39.71
CA ASP C 131 17.30 50.67 -41.07
C ASP C 131 18.35 49.70 -41.60
N ARG C 132 19.46 49.56 -40.86
CA ARG C 132 20.48 48.55 -41.11
C ARG C 132 20.36 47.32 -40.20
N LEU C 133 19.30 47.24 -39.40
CA LEU C 133 19.02 46.04 -38.59
C LEU C 133 19.06 44.75 -39.42
N GLU C 134 19.82 43.75 -38.94
CA GLU C 134 19.85 42.45 -39.59
C GLU C 134 18.74 41.58 -39.01
N LYS C 135 17.84 41.12 -39.87
CA LYS C 135 16.64 40.42 -39.41
C LYS C 135 16.56 38.99 -39.90
N VAL C 136 16.12 38.12 -38.99
CA VAL C 136 15.84 36.71 -39.30
C VAL C 136 14.41 36.41 -38.84
N LEU C 137 13.54 36.05 -39.79
CA LEU C 137 12.20 35.54 -39.46
C LEU C 137 12.14 34.06 -39.72
N LEU C 138 12.14 33.29 -38.64
CA LEU C 138 12.12 31.83 -38.70
C LEU C 138 10.74 31.30 -39.04
N HIS C 139 10.71 30.26 -39.86
CA HIS C 139 9.45 29.61 -40.21
C HIS C 139 9.62 28.09 -40.08
N GLY C 140 8.48 27.39 -39.98
CA GLY C 140 8.41 25.94 -40.10
C GLY C 140 8.64 25.12 -38.86
N ILE C 141 8.92 25.78 -37.73
CA ILE C 141 9.39 25.12 -36.51
C ILE C 141 8.41 25.13 -35.31
N GLY C 142 7.35 25.91 -35.40
CA GLY C 142 6.31 25.88 -34.37
C GLY C 142 6.79 26.07 -32.94
N CSD C 143 6.46 25.10 -32.08
CA CSD C 143 6.67 25.22 -30.63
CB CSD C 143 5.90 24.08 -29.96
SG CSD C 143 4.10 24.33 -29.96
C CSD C 143 8.12 25.26 -30.16
O CSD C 143 8.39 25.75 -29.06
OD1 CSD C 143 3.63 23.09 -28.49
OD2 CSD C 143 4.27 22.71 -31.02
N SER C 144 9.05 24.76 -30.96
CA SER C 144 10.47 24.87 -30.60
C SER C 144 11.02 26.25 -30.99
N GLY C 145 10.16 27.08 -31.58
CA GLY C 145 10.53 28.42 -32.05
C GLY C 145 11.35 29.27 -31.10
N GLY C 146 10.94 29.32 -29.84
CA GLY C 146 11.62 30.15 -28.84
C GLY C 146 13.10 29.79 -28.67
N LEU C 147 13.40 28.52 -28.40
CA LEU C 147 14.79 28.14 -28.16
C LEU C 147 15.60 28.03 -29.46
N ALA C 148 14.91 27.77 -30.57
CA ALA C 148 15.55 27.76 -31.89
C ALA C 148 16.01 29.18 -32.23
N ALA C 149 15.15 30.15 -31.96
CA ALA C 149 15.53 31.56 -32.15
C ALA C 149 16.70 31.97 -31.25
N LEU C 150 16.67 31.56 -29.98
CA LEU C 150 17.74 31.91 -29.02
C LEU C 150 19.10 31.35 -29.46
N ARG C 151 19.09 30.10 -29.90
CA ARG C 151 20.27 29.39 -30.40
C ARG C 151 20.82 30.03 -31.69
N THR C 152 19.91 30.34 -32.61
CA THR C 152 20.24 31.09 -33.82
C THR C 152 20.79 32.47 -33.46
N ALA C 153 20.08 33.21 -32.61
CA ALA C 153 20.60 34.46 -32.01
C ALA C 153 21.99 34.29 -31.41
N ALA C 154 22.24 33.17 -30.74
CA ALA C 154 23.55 32.89 -30.16
C ALA C 154 24.66 32.76 -31.20
N ASN C 155 24.41 32.03 -32.28
CA ASN C 155 25.39 31.89 -33.38
C ASN C 155 25.69 33.23 -34.07
N LEU C 156 24.64 34.05 -34.23
CA LEU C 156 24.76 35.41 -34.78
C LEU C 156 25.60 36.33 -33.85
N CYS C 157 25.45 36.19 -32.54
CA CYS C 157 26.24 36.99 -31.59
C CYS C 157 27.72 36.65 -31.76
N LEU C 158 28.02 35.36 -31.89
CA LEU C 158 29.39 34.89 -32.04
C LEU C 158 30.03 35.25 -33.38
N GLY C 159 29.21 35.36 -34.42
CA GLY C 159 29.63 35.92 -35.70
C GLY C 159 30.15 37.34 -35.55
N HIS C 160 29.42 38.17 -34.79
CA HIS C 160 29.89 39.52 -34.47
C HIS C 160 31.08 39.52 -33.51
N THR C 161 31.10 38.54 -32.60
CA THR C 161 32.24 38.36 -31.69
C THR C 161 33.53 38.07 -32.48
N ALA C 162 33.40 37.23 -33.51
CA ALA C 162 34.50 36.91 -34.41
C ALA C 162 35.07 38.16 -35.11
N ARG C 163 34.23 39.19 -35.27
CA ARG C 163 34.61 40.45 -35.91
C ARG C 163 34.89 41.59 -34.92
N GLY C 164 34.85 41.28 -33.62
CA GLY C 164 35.10 42.25 -32.57
C GLY C 164 34.03 43.31 -32.46
N LYS C 165 32.80 42.97 -32.85
CA LYS C 165 31.68 43.89 -32.84
C LYS C 165 30.65 43.59 -31.75
N PRO C 166 30.14 44.65 -31.10
CA PRO C 166 28.98 44.53 -30.21
C PRO C 166 27.76 43.91 -30.92
N ALA C 167 27.10 42.96 -30.26
CA ALA C 167 25.85 42.42 -30.76
C ALA C 167 24.86 42.42 -29.62
N ARG C 168 23.71 43.03 -29.90
CA ARG C 168 22.59 43.12 -28.98
C ARG C 168 21.40 42.68 -29.82
N ILE C 169 20.99 41.42 -29.66
CA ILE C 169 19.93 40.83 -30.50
C ILE C 169 18.59 40.77 -29.80
N LEU C 170 17.56 41.30 -30.46
CA LEU C 170 16.19 41.20 -29.96
C LEU C 170 15.65 39.87 -30.42
N VAL C 171 15.40 38.97 -29.46
CA VAL C 171 14.89 37.65 -29.80
C VAL C 171 13.39 37.64 -29.48
N LEU C 172 12.55 37.37 -30.47
CA LEU C 172 11.13 37.61 -30.30
C LEU C 172 10.25 36.47 -30.79
N ALA C 173 9.18 36.20 -30.02
CA ALA C 173 8.22 35.18 -30.35
C ALA C 173 6.80 35.77 -30.18
N LEU C 174 5.95 35.58 -31.18
CA LEU C 174 4.56 36.05 -31.14
C LEU C 174 3.72 34.95 -31.73
N GLU C 175 2.69 34.53 -31.02
CA GLU C 175 1.76 33.54 -31.55
C GLU C 175 0.34 33.98 -31.22
N VAL C 176 -0.55 33.89 -32.20
CA VAL C 176 -1.98 34.09 -32.02
C VAL C 176 -2.65 32.84 -32.58
N SER C 177 -3.00 31.92 -31.67
CA SER C 177 -3.58 30.65 -32.09
C SER C 177 -5.09 30.60 -31.89
N THR C 178 -5.61 31.38 -30.94
CA THR C 178 -7.01 31.24 -30.53
C THR C 178 -7.97 31.59 -31.66
N THR C 179 -7.48 32.42 -32.58
CA THR C 179 -8.24 32.83 -33.74
C THR C 179 -8.54 31.65 -34.66
N MET C 180 -7.79 30.56 -34.50
CA MET C 180 -8.01 29.35 -35.29
C MET C 180 -9.04 28.40 -34.65
N VAL C 181 -9.70 28.87 -33.60
CA VAL C 181 -10.75 28.08 -32.96
C VAL C 181 -11.81 27.54 -33.96
N ARG C 182 -12.26 28.37 -34.89
CA ARG C 182 -13.32 27.94 -35.82
C ARG C 182 -12.84 26.87 -36.81
N SER C 183 -11.59 27.00 -37.23
CA SER C 183 -10.98 26.08 -38.18
C SER C 183 -10.90 24.69 -37.56
N GLU C 184 -10.35 24.63 -36.34
CA GLU C 184 -10.21 23.37 -35.62
C GLU C 184 -11.58 22.75 -35.33
N LEU C 185 -12.55 23.57 -34.96
CA LEU C 185 -13.91 23.09 -34.78
C LEU C 185 -14.46 22.43 -36.06
N GLU C 186 -14.32 23.09 -37.20
CA GLU C 186 -14.80 22.55 -38.47
C GLU C 186 -14.18 21.19 -38.79
N SER C 187 -12.86 21.07 -38.62
CA SER C 187 -12.17 19.81 -38.85
C SER C 187 -12.63 18.71 -37.89
N ILE C 188 -12.75 19.05 -36.60
CA ILE C 188 -13.23 18.09 -35.61
C ILE C 188 -14.58 17.51 -36.04
N ASP C 189 -15.48 18.39 -36.44
CA ASP C 189 -16.84 18.01 -36.80
C ASP C 189 -16.86 17.22 -38.11
N ALA C 190 -16.17 17.72 -39.14
CA ALA C 190 -16.24 17.10 -40.48
C ALA C 190 -15.42 15.80 -40.63
N LEU C 191 -14.22 15.76 -40.04
CA LEU C 191 -13.35 14.61 -40.14
C LEU C 191 -13.65 13.58 -39.07
N GLN C 192 -14.32 14.01 -38.00
CA GLN C 192 -14.56 13.20 -36.80
C GLN C 192 -13.24 12.72 -36.22
N GLU C 193 -12.27 13.63 -36.13
CA GLU C 193 -11.04 13.29 -35.45
C GLU C 193 -10.81 14.13 -34.21
N THR C 194 -10.21 13.48 -33.22
CA THR C 194 -9.91 14.07 -31.93
C THR C 194 -8.69 14.97 -32.04
N ARG C 195 -8.95 16.21 -32.44
CA ARG C 195 -7.90 17.19 -32.60
C ARG C 195 -7.87 18.01 -31.32
N ILE C 196 -6.76 17.90 -30.58
CA ILE C 196 -6.66 18.43 -29.21
C ILE C 196 -6.01 19.82 -29.14
N GLY C 197 -5.69 20.37 -30.30
CA GLY C 197 -5.09 21.69 -30.42
C GLY C 197 -5.89 22.76 -29.74
N ILE C 198 -7.21 22.76 -29.97
CA ILE C 198 -8.08 23.75 -29.35
C ILE C 198 -8.10 23.67 -27.84
N ALA C 199 -7.72 22.53 -27.28
CA ALA C 199 -7.68 22.31 -25.84
C ALA C 199 -6.45 22.97 -25.21
N LEU C 200 -5.45 23.28 -26.04
CA LEU C 200 -4.09 23.51 -25.56
C LEU C 200 -3.53 24.92 -25.76
N PHE C 201 -3.67 25.44 -26.96
CA PHE C 201 -2.93 26.63 -27.39
C PHE C 201 -3.56 27.93 -26.97
N SER C 202 -2.70 28.93 -26.78
CA SER C 202 -3.10 30.27 -26.36
C SER C 202 -2.28 31.36 -27.09
N ASP C 203 -2.50 32.62 -26.71
CA ASP C 203 -1.88 33.76 -27.40
C ASP C 203 -0.90 34.51 -26.51
N CYS C 204 0.28 34.83 -27.04
CA CYS C 204 1.32 35.50 -26.26
C CYS C 204 2.39 36.06 -27.17
N ALA C 205 3.06 37.11 -26.69
CA ALA C 205 4.31 37.59 -27.25
C ALA C 205 5.34 37.69 -26.14
N SER C 206 6.56 37.22 -26.42
CA SER C 206 7.64 37.28 -25.44
C SER C 206 8.94 37.55 -26.14
N ALA C 207 9.86 38.21 -25.46
CA ALA C 207 11.12 38.59 -26.07
C ALA C 207 12.22 38.63 -25.05
N VAL C 208 13.43 38.31 -25.50
CA VAL C 208 14.66 38.52 -24.71
C VAL C 208 15.70 39.27 -25.53
N ILE C 209 16.62 39.93 -24.83
CA ILE C 209 17.81 40.49 -25.45
C ILE C 209 18.98 39.57 -25.16
N LEU C 210 19.62 39.09 -26.22
CA LEU C 210 20.86 38.34 -26.10
C LEU C 210 22.03 39.21 -26.52
N SER C 211 23.05 39.23 -25.69
CA SER C 211 24.20 40.11 -25.87
C SER C 211 25.49 39.27 -25.98
N ASN C 212 26.47 39.73 -26.77
CA ASN C 212 27.80 39.07 -26.84
C ASN C 212 28.87 39.65 -25.93
N GLY C 213 28.48 40.60 -25.09
CA GLY C 213 29.39 41.21 -24.13
C GLY C 213 30.27 42.33 -24.66
N ILE C 214 30.57 42.30 -25.96
CA ILE C 214 31.51 43.28 -26.55
C ILE C 214 30.92 44.70 -26.55
N GLY C 215 31.71 45.63 -26.04
CA GLY C 215 31.29 47.02 -25.96
C GLY C 215 30.53 47.32 -24.68
N GLU C 216 30.22 46.30 -23.89
CA GLU C 216 29.63 46.48 -22.57
C GLU C 216 30.76 46.78 -21.58
N ALA C 217 30.53 47.79 -20.74
CA ALA C 217 31.44 48.10 -19.65
C ALA C 217 31.29 47.03 -18.57
N PRO C 218 32.41 46.37 -18.17
CA PRO C 218 32.31 45.25 -17.23
C PRO C 218 31.63 45.61 -15.90
N GLY C 219 31.28 44.58 -15.12
CA GLY C 219 30.38 44.74 -13.97
C GLY C 219 28.93 44.85 -14.42
N LYS C 220 28.71 44.68 -15.72
CA LYS C 220 27.39 44.79 -16.35
C LYS C 220 26.46 43.66 -15.91
N PRO C 221 25.31 44.03 -15.30
CA PRO C 221 24.37 42.99 -14.88
C PRO C 221 23.78 42.26 -16.08
N ALA C 222 23.59 40.95 -15.93
CA ALA C 222 22.88 40.15 -16.90
C ALA C 222 21.84 39.35 -16.12
N ILE C 223 20.84 38.83 -16.81
CA ILE C 223 19.84 38.03 -16.12
C ILE C 223 20.29 36.59 -16.12
N TYR C 224 20.66 36.10 -17.31
CA TYR C 224 21.12 34.73 -17.46
C TYR C 224 22.37 34.77 -18.34
N ASP C 225 23.27 33.81 -18.13
CA ASP C 225 24.34 33.55 -19.09
C ASP C 225 24.00 32.33 -19.90
N LEU C 226 24.11 32.43 -21.22
CA LEU C 226 23.92 31.29 -22.12
C LEU C 226 25.23 30.51 -22.34
N LEU C 227 25.31 29.32 -21.78
CA LEU C 227 26.56 28.55 -21.73
C LEU C 227 26.73 27.56 -22.87
N GLY C 228 25.61 27.10 -23.42
CA GLY C 228 25.59 26.02 -24.40
C GLY C 228 24.19 25.61 -24.80
N TRP C 229 24.10 24.81 -25.85
CA TRP C 229 22.82 24.36 -26.42
C TRP C 229 23.01 23.08 -27.22
N GLU C 230 21.89 22.39 -27.44
CA GLU C 230 21.84 21.18 -28.25
C GLU C 230 20.56 21.18 -29.07
N ASN C 231 20.64 20.64 -30.28
CA ASN C 231 19.46 20.53 -31.11
C ASN C 231 19.53 19.23 -31.90
N ARG C 232 18.40 18.52 -31.99
CA ARG C 232 18.35 17.24 -32.70
C ARG C 232 17.00 17.03 -33.34
N VAL C 233 16.98 16.30 -34.45
CA VAL C 233 15.73 15.88 -35.05
C VAL C 233 15.49 14.40 -34.78
N ILE C 234 14.31 14.07 -34.24
CA ILE C 234 13.93 12.69 -33.96
C ILE C 234 13.50 12.02 -35.27
N PRO C 235 14.15 10.90 -35.66
CA PRO C 235 13.93 10.24 -36.95
C PRO C 235 12.47 9.87 -37.17
N ASP C 236 12.02 9.94 -38.43
CA ASP C 236 10.70 9.46 -38.87
C ASP C 236 9.48 9.85 -38.00
N SER C 237 9.45 11.12 -37.60
CA SER C 237 8.37 11.64 -36.76
C SER C 237 7.72 12.92 -37.29
N GLU C 238 7.91 13.19 -38.58
CA GLU C 238 7.33 14.38 -39.24
C GLU C 238 5.82 14.37 -39.24
N HIS C 239 5.26 13.17 -39.34
CA HIS C 239 3.82 13.02 -39.42
C HIS C 239 3.16 13.14 -38.05
N ASP C 240 3.97 13.28 -37.00
CA ASP C 240 3.47 13.32 -35.62
C ASP C 240 3.18 14.70 -35.09
N LEU C 241 3.80 15.70 -35.69
CA LEU C 241 3.69 17.07 -35.20
C LEU C 241 3.85 18.04 -36.36
N GLY C 242 2.89 18.96 -36.49
CA GLY C 242 2.99 19.97 -37.53
C GLY C 242 1.88 20.98 -37.63
N GLY C 243 1.91 21.74 -38.71
CA GLY C 243 0.95 22.81 -38.97
C GLY C 243 0.86 22.95 -40.49
N ASP C 244 -0.18 22.38 -41.07
CA ASP C 244 -0.33 22.39 -42.52
C ASP C 244 -1.07 23.63 -42.97
N VAL C 245 -0.43 24.44 -43.83
CA VAL C 245 -1.09 25.61 -44.42
C VAL C 245 -2.41 25.22 -45.11
N ASP C 246 -3.40 26.10 -45.01
CA ASP C 246 -4.78 25.81 -45.38
C ASP C 246 -5.51 27.14 -45.71
N PRO C 247 -6.55 27.09 -46.57
CA PRO C 247 -7.40 28.27 -46.72
C PRO C 247 -7.87 28.87 -45.38
N MET C 248 -7.93 28.05 -44.32
CA MET C 248 -8.42 28.49 -43.00
C MET C 248 -7.33 28.79 -41.98
N GLY C 249 -6.07 28.82 -42.45
CA GLY C 249 -4.92 29.06 -41.57
C GLY C 249 -3.92 27.92 -41.59
N TRP C 250 -3.67 27.35 -40.41
CA TRP C 250 -2.79 26.18 -40.26
C TRP C 250 -3.52 25.04 -39.51
N LYS C 251 -3.71 23.92 -40.20
CA LYS C 251 -4.26 22.71 -39.59
C LYS C 251 -3.19 22.01 -38.76
N VAL C 252 -3.46 21.89 -37.45
CA VAL C 252 -2.56 21.21 -36.52
C VAL C 252 -2.45 19.71 -36.80
N VAL C 253 -1.22 19.20 -36.79
CA VAL C 253 -0.97 17.77 -36.70
C VAL C 253 -0.40 17.55 -35.29
N LEU C 254 -0.99 16.62 -34.53
CA LEU C 254 -0.58 16.34 -33.14
C LEU C 254 -1.03 14.93 -32.74
N SER C 255 -0.16 13.94 -32.95
CA SER C 255 -0.54 12.54 -32.76
C SER C 255 -0.37 12.07 -31.30
N PRO C 256 -0.88 10.87 -30.97
CA PRO C 256 -0.62 10.28 -29.65
C PRO C 256 0.85 9.87 -29.38
N ARG C 257 1.67 9.75 -30.42
CA ARG C 257 3.07 9.40 -30.27
C ARG C 257 3.89 10.48 -29.58
N VAL C 258 3.54 11.75 -29.82
CA VAL C 258 4.37 12.90 -29.41
C VAL C 258 4.91 12.87 -27.96
N PRO C 259 4.01 12.75 -26.95
CA PRO C 259 4.46 12.56 -25.56
C PRO C 259 5.53 11.48 -25.38
N VAL C 260 5.33 10.33 -26.03
CA VAL C 260 6.26 9.20 -25.89
C VAL C 260 7.63 9.55 -26.49
N LEU C 261 7.60 10.08 -27.71
CA LEU C 261 8.83 10.43 -28.41
C LEU C 261 9.57 11.56 -27.69
N ALA C 262 8.83 12.54 -27.19
CA ALA C 262 9.44 13.64 -26.43
C ALA C 262 10.14 13.13 -25.15
N LYS C 263 9.43 12.33 -24.36
CA LYS C 263 9.97 11.70 -23.15
C LYS C 263 11.32 10.99 -23.39
N ALA C 264 11.38 10.18 -24.43
CA ALA C 264 12.56 9.34 -24.75
C ALA C 264 13.79 10.10 -25.26
N SER C 265 13.59 11.36 -25.69
CA SER C 265 14.70 12.18 -26.16
C SER C 265 15.40 12.92 -25.03
N LEU C 266 14.68 13.19 -23.94
CA LEU C 266 15.19 14.01 -22.84
C LEU C 266 16.56 13.55 -22.33
N GLN C 267 16.64 12.32 -21.84
CA GLN C 267 17.86 11.79 -21.23
C GLN C 267 19.08 11.87 -22.16
N PRO C 268 18.97 11.35 -23.41
CA PRO C 268 20.13 11.37 -24.32
C PRO C 268 20.52 12.78 -24.80
N THR C 269 19.54 13.68 -24.94
CA THR C 269 19.87 15.06 -25.31
C THR C 269 20.46 15.84 -24.13
N TYR C 270 19.94 15.61 -22.94
CA TYR C 270 20.49 16.22 -21.72
C TYR C 270 21.95 15.78 -21.47
N ALA C 271 22.21 14.49 -21.67
CA ALA C 271 23.55 13.91 -21.53
C ALA C 271 24.56 14.62 -22.41
N ASP C 272 24.22 14.84 -23.67
CA ASP C 272 25.12 15.51 -24.59
C ASP C 272 25.32 16.97 -24.21
N LEU C 273 24.25 17.63 -23.76
CA LEU C 273 24.31 19.02 -23.34
C LEU C 273 25.28 19.19 -22.18
N LEU C 274 25.16 18.29 -21.21
CA LEU C 274 25.93 18.31 -19.99
C LEU C 274 27.39 17.92 -20.23
N SER C 275 27.63 16.97 -21.14
CA SER C 275 28.97 16.48 -21.42
C SER C 275 29.82 17.49 -22.21
N SER C 276 29.17 18.42 -22.90
CA SER C 276 29.89 19.43 -23.65
C SER C 276 30.36 20.58 -22.76
N LEU C 277 29.86 20.64 -21.52
CA LEU C 277 30.20 21.75 -20.65
C LEU C 277 30.36 21.35 -19.18
N GLN C 278 30.42 20.05 -18.92
CA GLN C 278 30.52 19.52 -17.55
C GLN C 278 31.75 20.01 -16.77
N ASP C 279 32.80 20.38 -17.49
CA ASP C 279 33.99 20.93 -16.88
C ASP C 279 33.73 22.34 -16.36
N GLN C 280 32.80 23.04 -17.00
CA GLN C 280 32.46 24.39 -16.58
C GLN C 280 31.52 24.41 -15.39
N LEU C 281 31.03 23.24 -14.98
CA LEU C 281 30.02 23.16 -13.94
C LEU C 281 30.62 22.66 -12.64
N PRO C 282 30.29 23.32 -11.51
CA PRO C 282 30.74 22.87 -10.20
C PRO C 282 30.21 21.48 -9.87
N SER C 283 30.85 20.83 -8.89
CA SER C 283 30.47 19.49 -8.43
C SER C 283 28.97 19.35 -8.15
N SER C 284 28.38 20.36 -7.53
CA SER C 284 26.98 20.30 -7.10
C SER C 284 25.94 20.44 -8.23
N TYR C 285 26.41 20.62 -9.46
CA TYR C 285 25.52 20.68 -10.62
C TYR C 285 25.87 19.65 -11.69
N GLN C 286 25.60 18.37 -11.39
CA GLN C 286 25.95 17.29 -12.33
C GLN C 286 24.84 16.27 -12.63
N LYS C 287 23.70 16.39 -11.94
CA LYS C 287 22.57 15.49 -12.15
C LYS C 287 21.27 16.27 -12.31
N PRO C 288 20.28 15.71 -13.04
CA PRO C 288 19.11 16.47 -13.49
C PRO C 288 18.41 17.28 -12.40
N ALA C 289 18.29 16.72 -11.20
CA ALA C 289 17.57 17.39 -10.11
C ALA C 289 18.39 18.50 -9.40
N ASP C 290 19.67 18.60 -9.77
CA ASP C 290 20.52 19.74 -9.39
C ASP C 290 20.08 21.06 -10.07
N PHE C 291 19.43 20.97 -11.23
CA PHE C 291 19.10 22.16 -12.01
C PHE C 291 17.64 22.57 -11.85
N ASP C 292 17.34 23.84 -12.16
CA ASP C 292 15.95 24.20 -12.43
C ASP C 292 15.71 23.87 -13.91
N TRP C 293 14.46 23.62 -14.25
CA TRP C 293 14.11 23.16 -15.58
C TRP C 293 13.04 24.06 -16.20
N ALA C 294 13.48 24.86 -17.16
CA ALA C 294 12.60 25.75 -17.90
C ALA C 294 12.13 24.99 -19.12
N MET C 295 11.05 24.24 -18.93
CA MET C 295 10.55 23.32 -19.94
C MET C 295 9.41 24.01 -20.65
N HIS C 296 9.34 23.84 -21.97
CA HIS C 296 8.14 24.20 -22.72
C HIS C 296 7.01 23.22 -22.35
N PRO C 297 5.93 23.75 -21.73
CA PRO C 297 4.86 22.82 -21.36
C PRO C 297 3.91 22.57 -22.54
N GLY C 298 4.34 21.73 -23.48
CA GLY C 298 3.56 21.45 -24.69
C GLY C 298 2.23 20.80 -24.42
N GLY C 299 2.22 19.94 -23.41
CA GLY C 299 1.03 19.28 -22.88
C GLY C 299 1.36 18.82 -21.46
N ALA C 300 0.34 18.37 -20.72
CA ALA C 300 0.54 17.88 -19.33
C ALA C 300 1.49 16.70 -19.26
N THR C 301 1.41 15.82 -20.26
CA THR C 301 2.25 14.63 -20.32
C THR C 301 3.74 14.95 -20.55
N ILE C 302 4.01 16.13 -21.09
CA ILE C 302 5.40 16.58 -21.28
C ILE C 302 6.04 16.82 -19.91
N LEU C 303 5.32 17.51 -19.02
CA LEU C 303 5.87 17.84 -17.70
C LEU C 303 5.99 16.63 -16.76
N SER C 304 4.92 15.84 -16.66
CA SER C 304 4.96 14.59 -15.88
C SER C 304 5.93 13.58 -16.49
N GLY C 305 5.96 13.52 -17.82
CA GLY C 305 6.94 12.75 -18.56
C GLY C 305 8.37 13.15 -18.26
N ALA C 306 8.61 14.44 -18.10
CA ALA C 306 9.94 14.97 -17.75
C ALA C 306 10.35 14.55 -16.34
N GLU C 307 9.44 14.75 -15.39
CA GLU C 307 9.59 14.31 -14.01
C GLU C 307 9.95 12.83 -13.94
N SER C 308 9.23 12.02 -14.72
CA SER C 308 9.45 10.57 -14.76
C SER C 308 10.76 10.23 -15.46
N ALA C 309 11.01 10.83 -16.63
CA ALA C 309 12.24 10.56 -17.41
C ALA C 309 13.53 11.02 -16.71
N MET C 310 13.50 12.22 -16.12
CA MET C 310 14.68 12.82 -15.51
C MET C 310 14.71 12.69 -13.99
N GLY C 311 13.65 12.14 -13.41
CA GLY C 311 13.57 11.99 -11.95
C GLY C 311 13.57 13.33 -11.23
N LEU C 312 12.57 14.16 -11.54
CA LEU C 312 12.40 15.49 -10.97
C LEU C 312 11.02 15.64 -10.29
N THR C 313 10.91 16.58 -9.36
CA THR C 313 9.63 16.95 -8.78
C THR C 313 8.96 18.01 -9.67
N PRO C 314 7.64 18.25 -9.50
CA PRO C 314 6.96 19.34 -10.21
C PRO C 314 7.56 20.73 -9.92
N GLU C 315 8.10 20.92 -8.72
CA GLU C 315 8.69 22.20 -8.34
C GLU C 315 10.01 22.52 -9.07
N HIS C 316 10.65 21.51 -9.66
CA HIS C 316 11.80 21.71 -10.55
C HIS C 316 11.43 22.45 -11.81
N MET C 317 10.14 22.37 -12.15
CA MET C 317 9.59 22.97 -13.34
C MET C 317 8.45 23.88 -12.92
N ARG C 318 8.62 24.57 -11.79
CA ARG C 318 7.57 25.37 -11.19
C ARG C 318 7.07 26.49 -12.13
N ALA C 319 7.98 27.09 -12.89
CA ALA C 319 7.62 28.17 -13.81
C ALA C 319 6.88 27.64 -15.05
N SER C 320 7.25 26.44 -15.48
CA SER C 320 6.48 25.74 -16.54
C SER C 320 5.02 25.49 -16.13
N TYR C 321 4.80 24.98 -14.92
CA TYR C 321 3.44 24.74 -14.40
C TYR C 321 2.65 26.04 -14.28
N ASP C 322 3.29 27.05 -13.71
CA ASP C 322 2.69 28.37 -13.55
C ASP C 322 2.16 28.93 -14.87
N ARG C 323 2.98 28.87 -15.91
CA ARG C 323 2.57 29.35 -17.22
C ARG C 323 1.49 28.48 -17.87
N TYR C 324 1.70 27.16 -17.89
CA TYR C 324 0.76 26.21 -18.45
C TYR C 324 -0.63 26.33 -17.82
N ILE C 325 -0.68 26.33 -16.49
CA ILE C 325 -1.95 26.33 -15.75
C ILE C 325 -2.72 27.64 -15.94
N ASN C 326 -2.00 28.76 -15.91
CA ASN C 326 -2.60 30.10 -15.92
C ASN C 326 -2.67 30.78 -17.27
N HIS C 327 -2.02 30.23 -18.29
CA HIS C 327 -2.00 30.84 -19.63
C HIS C 327 -2.16 29.86 -20.77
N GLY C 328 -1.82 28.61 -20.52
CA GLY C 328 -1.89 27.59 -21.56
C GLY C 328 -0.63 27.57 -22.39
N ASN C 329 -0.72 26.91 -23.54
CA ASN C 329 0.43 26.69 -24.41
C ASN C 329 0.48 27.75 -25.52
N SER C 330 1.34 28.75 -25.36
CA SER C 330 1.47 29.84 -26.33
C SER C 330 2.50 29.53 -27.43
N SER C 331 2.66 28.25 -27.74
CA SER C 331 3.60 27.78 -28.79
C SER C 331 5.03 28.34 -28.55
N SER C 332 5.65 28.95 -29.57
CA SER C 332 7.03 29.45 -29.45
C SER C 332 7.24 30.57 -28.40
N ALA C 333 6.16 31.21 -27.95
CA ALA C 333 6.26 32.33 -26.99
C ALA C 333 6.28 31.90 -25.53
N THR C 334 6.06 30.61 -25.28
CA THR C 334 5.92 30.15 -23.91
C THR C 334 7.24 30.12 -23.13
N ILE C 335 8.31 29.66 -23.78
CA ILE C 335 9.56 29.43 -23.08
C ILE C 335 10.17 30.70 -22.44
N PHE C 336 10.17 31.81 -23.18
CA PHE C 336 10.63 33.09 -22.64
C PHE C 336 9.73 33.58 -21.50
N SER C 337 8.44 33.25 -21.58
CA SER C 337 7.48 33.55 -20.52
C SER C 337 7.86 32.78 -19.26
N VAL C 338 8.17 31.51 -19.44
CA VAL C 338 8.62 30.62 -18.38
C VAL C 338 9.90 31.21 -17.74
N LEU C 339 10.88 31.53 -18.58
CA LEU C 339 12.20 32.03 -18.11
C LEU C 339 12.11 33.39 -17.43
N ASN C 340 11.25 34.24 -17.96
CA ASN C 340 10.94 35.50 -17.30
C ASN C 340 10.27 35.26 -15.95
N ARG C 341 9.31 34.32 -15.91
CA ARG C 341 8.60 34.02 -14.65
C ARG C 341 9.52 33.36 -13.61
N LEU C 342 10.48 32.58 -14.08
CA LEU C 342 11.35 31.83 -13.19
C LEU C 342 12.13 32.71 -12.20
N ARG C 343 12.54 33.90 -12.64
CA ARG C 343 13.40 34.75 -11.82
C ARG C 343 12.63 35.75 -10.93
N GLU C 344 11.30 35.65 -10.92
CA GLU C 344 10.45 36.50 -10.07
C GLU C 344 10.38 35.95 -8.65
N LYS C 345 10.48 36.83 -7.64
CA LYS C 345 10.68 36.40 -6.24
C LYS C 345 9.79 35.24 -5.76
N ASP C 346 8.51 35.26 -6.11
CA ASP C 346 7.60 34.23 -5.62
C ASP C 346 7.70 32.89 -6.35
N MET C 347 8.65 32.77 -7.29
CA MET C 347 9.04 31.45 -7.81
C MET C 347 10.25 30.92 -7.02
N ASP C 348 11.10 31.84 -6.58
CA ASP C 348 12.23 31.53 -5.69
C ASP C 348 11.72 30.86 -4.41
N ALA C 349 10.56 31.30 -3.95
CA ALA C 349 9.89 30.77 -2.77
C ALA C 349 9.44 29.31 -2.93
N LEU C 350 9.21 28.89 -4.17
CA LEU C 350 8.79 27.51 -4.45
C LEU C 350 9.93 26.60 -4.92
N ALA C 351 11.17 27.10 -4.89
CA ALA C 351 12.36 26.34 -5.31
C ALA C 351 12.47 25.03 -4.54
N PRO C 352 12.76 23.91 -5.25
CA PRO C 352 12.94 22.62 -4.57
C PRO C 352 14.07 22.70 -3.57
N GLY C 353 13.83 22.21 -2.35
CA GLY C 353 14.80 22.25 -1.26
C GLY C 353 15.20 23.65 -0.81
N GLY C 354 14.33 24.63 -1.05
CA GLY C 354 14.59 26.03 -0.71
C GLY C 354 15.82 26.61 -1.40
N LYS C 355 16.27 25.94 -2.46
CA LYS C 355 17.49 26.33 -3.16
C LYS C 355 17.21 26.73 -4.60
N VAL C 356 17.14 28.03 -4.82
CA VAL C 356 17.08 28.58 -6.17
C VAL C 356 18.37 28.18 -6.87
N LYS C 357 18.22 27.42 -7.94
CA LYS C 357 19.35 26.84 -8.64
C LYS C 357 20.09 27.88 -9.46
N GLU C 358 21.39 27.68 -9.59
CA GLU C 358 22.24 28.64 -10.24
C GLU C 358 22.32 28.29 -11.71
N TYR C 359 21.98 27.05 -12.05
CA TYR C 359 21.96 26.62 -13.46
C TYR C 359 20.58 26.13 -13.89
N VAL C 360 20.19 26.46 -15.11
CA VAL C 360 18.81 26.28 -15.58
C VAL C 360 18.83 25.61 -16.94
N VAL C 361 18.15 24.48 -17.05
CA VAL C 361 18.03 23.78 -18.32
C VAL C 361 16.72 24.19 -18.97
N GLY C 362 16.85 24.72 -20.19
CA GLY C 362 15.68 25.05 -21.00
C GLY C 362 15.47 23.91 -21.97
N CYS C 363 14.19 23.63 -22.24
CA CYS C 363 13.85 22.50 -23.08
C CYS C 363 12.53 22.72 -23.79
N ALA C 364 12.51 22.44 -25.09
CA ALA C 364 11.33 22.63 -25.93
C ALA C 364 11.32 21.62 -27.09
N PHE C 365 10.12 21.29 -27.57
CA PHE C 365 9.91 20.40 -28.72
C PHE C 365 8.91 21.01 -29.69
N GLY C 366 9.03 20.66 -30.97
CA GLY C 366 8.05 21.09 -31.98
C GLY C 366 8.20 20.31 -33.28
N PRO C 367 7.40 20.69 -34.32
CA PRO C 367 7.40 20.09 -35.65
C PRO C 367 8.80 19.65 -36.10
N GLY C 368 8.94 18.37 -36.46
CA GLY C 368 10.22 17.80 -36.93
C GLY C 368 10.29 16.27 -36.85
N ILE C 369 10.20 15.68 -35.65
CA ILE C 369 10.15 16.41 -34.38
C ILE C 369 11.49 17.02 -34.01
N ASN C 370 11.47 18.33 -33.75
CA ASN C 370 12.63 19.05 -33.29
C ASN C 370 12.69 19.14 -31.77
N VAL C 371 13.87 18.85 -31.22
CA VAL C 371 14.13 18.95 -29.78
C VAL C 371 15.19 20.03 -29.53
N GLU C 372 14.91 20.96 -28.61
CA GLU C 372 15.86 22.02 -28.29
C GLU C 372 16.14 22.01 -26.81
N MET C 373 17.41 22.10 -26.46
CA MET C 373 17.85 22.26 -25.08
C MET C 373 18.92 23.34 -25.00
N CYS C 374 18.95 24.04 -23.87
CA CYS C 374 20.01 25.00 -23.56
C CYS C 374 20.32 25.01 -22.06
N MET C 375 21.57 25.37 -21.76
CA MET C 375 22.03 25.56 -20.41
C MET C 375 22.24 27.05 -20.12
N LEU C 376 21.61 27.53 -19.06
CA LEU C 376 21.75 28.91 -18.59
C LEU C 376 22.33 28.96 -17.18
N LYS C 377 23.11 30.00 -16.92
CA LYS C 377 23.56 30.30 -15.57
C LYS C 377 22.77 31.50 -15.06
N ARG C 378 22.17 31.37 -13.88
CA ARG C 378 21.39 32.45 -13.30
C ARG C 378 22.25 33.35 -12.43
N ARG C 379 22.31 34.63 -12.80
CA ARG C 379 23.15 35.60 -12.07
C ARG C 379 22.54 35.94 -10.71
N LEU D 1 5.88 -8.31 49.46
CA LEU D 1 7.05 -8.01 48.59
C LEU D 1 6.63 -7.29 47.30
N GLY D 2 5.46 -7.64 46.78
CA GLY D 2 4.90 -7.00 45.59
C GLY D 2 5.66 -7.29 44.30
N LEU D 3 6.35 -8.43 44.25
CA LEU D 3 7.20 -8.79 43.11
C LEU D 3 6.54 -9.82 42.22
N SER D 4 6.43 -9.49 40.94
CA SER D 4 5.84 -10.44 40.01
C SER D 4 6.50 -10.41 38.64
N ILE D 5 6.50 -11.56 37.99
CA ILE D 5 6.92 -11.72 36.61
C ILE D 5 5.70 -11.49 35.76
N THR D 6 5.75 -10.43 34.95
CA THR D 6 4.58 -10.02 34.18
C THR D 6 4.70 -10.43 32.72
N GLY D 7 5.85 -10.96 32.33
CA GLY D 7 6.06 -11.42 30.96
C GLY D 7 7.24 -12.37 30.80
N LEU D 8 7.11 -13.29 29.86
CA LEU D 8 8.17 -14.26 29.55
C LEU D 8 8.27 -14.43 28.04
N GLY D 9 9.51 -14.53 27.55
CA GLY D 9 9.77 -14.69 26.13
C GLY D 9 10.99 -15.57 25.93
N VAL D 10 10.90 -16.44 24.93
CA VAL D 10 11.94 -17.44 24.68
C VAL D 10 12.19 -17.43 23.20
N GLN D 11 13.46 -17.30 22.81
CA GLN D 11 13.84 -17.44 21.42
C GLN D 11 14.98 -18.42 21.25
N TYR D 12 14.63 -19.66 20.90
CA TYR D 12 15.60 -20.63 20.38
C TYR D 12 15.94 -20.26 18.94
N PRO D 13 17.20 -20.51 18.52
CA PRO D 13 17.50 -20.40 17.10
C PRO D 13 16.72 -21.46 16.32
N PRO D 14 16.60 -21.29 14.99
CA PRO D 14 15.78 -22.19 14.14
C PRO D 14 16.31 -23.62 13.97
N TYR D 15 17.61 -23.83 14.19
CA TYR D 15 18.26 -25.08 13.82
C TYR D 15 18.28 -26.08 14.98
N SER D 16 18.30 -27.36 14.64
CA SER D 16 18.29 -28.46 15.61
C SER D 16 19.40 -29.43 15.26
N LEU D 17 20.33 -29.62 16.20
CA LEU D 17 21.42 -30.56 16.03
C LEU D 17 20.99 -31.89 16.63
N GLY D 18 20.96 -32.93 15.81
CA GLY D 18 20.70 -34.29 16.26
C GLY D 18 21.99 -34.93 16.72
N PRO D 19 21.90 -36.13 17.30
CA PRO D 19 23.05 -36.85 17.88
C PRO D 19 24.23 -37.04 16.90
N ASP D 20 23.95 -37.18 15.61
CA ASP D 20 24.99 -37.39 14.61
C ASP D 20 25.86 -36.17 14.28
N ALA D 21 25.42 -34.99 14.73
CA ALA D 21 26.15 -33.74 14.46
C ALA D 21 27.60 -33.77 14.96
N ILE D 22 27.81 -34.25 16.19
CA ILE D 22 29.18 -34.34 16.70
C ILE D 22 29.94 -35.48 16.02
N ASP D 23 29.22 -36.52 15.59
CA ASP D 23 29.81 -37.62 14.84
C ASP D 23 30.43 -37.09 13.57
N ILE D 24 29.65 -36.29 12.85
CA ILE D 24 30.07 -35.64 11.60
C ILE D 24 31.32 -34.79 11.84
N LEU D 25 31.25 -33.92 12.85
CA LEU D 25 32.29 -32.94 13.08
C LEU D 25 33.60 -33.53 13.64
N SER D 26 33.49 -34.59 14.45
CA SER D 26 34.66 -35.28 14.97
C SER D 26 35.43 -36.00 13.84
N LYS D 27 34.70 -36.69 12.96
CA LYS D 27 35.33 -37.47 11.89
C LYS D 27 35.98 -36.56 10.85
N ARG D 28 35.40 -35.39 10.66
CA ARG D 28 35.91 -34.40 9.72
C ARG D 28 37.27 -33.82 10.16
N TYR D 29 37.46 -33.65 11.47
CA TYR D 29 38.59 -32.88 12.02
C TYR D 29 39.60 -33.64 12.91
N HIS D 30 39.30 -34.89 13.25
CA HIS D 30 40.15 -35.67 14.14
C HIS D 30 40.19 -37.15 13.74
N PRO D 31 41.34 -37.82 13.96
CA PRO D 31 41.39 -39.27 13.76
C PRO D 31 40.57 -40.01 14.82
N GLU D 32 40.22 -41.27 14.53
CA GLU D 32 39.63 -42.14 15.55
C GLU D 32 40.59 -42.29 16.71
N SER D 33 40.05 -42.20 17.93
CA SER D 33 40.82 -42.39 19.16
C SER D 33 39.88 -42.90 20.26
N PRO D 34 40.44 -43.62 21.26
CA PRO D 34 39.60 -44.19 22.32
C PRO D 34 38.73 -43.15 23.03
N ALA D 35 39.30 -41.98 23.34
CA ALA D 35 38.57 -40.94 24.05
C ALA D 35 37.45 -40.34 23.21
N MET D 36 37.70 -40.16 21.91
CA MET D 36 36.66 -39.60 21.03
C MET D 36 35.48 -40.57 20.92
N LYS D 37 35.80 -41.86 20.77
CA LYS D 37 34.80 -42.92 20.69
C LYS D 37 33.95 -43.04 21.96
N LYS D 38 34.56 -42.83 23.12
CA LYS D 38 33.82 -42.85 24.39
C LYS D 38 32.83 -41.70 24.46
N VAL D 39 33.26 -40.50 24.09
CA VAL D 39 32.37 -39.35 24.05
C VAL D 39 31.29 -39.54 23.00
N LEU D 40 31.67 -40.01 21.81
CA LEU D 40 30.67 -40.26 20.77
C LEU D 40 29.61 -41.29 21.20
N ALA D 41 29.96 -42.12 22.19
CA ALA D 41 29.03 -43.14 22.73
C ALA D 41 28.08 -42.62 23.83
N ILE D 42 28.61 -41.84 24.78
CA ILE D 42 27.79 -41.22 25.85
C ILE D 42 26.75 -40.25 25.26
N ASN D 43 27.17 -39.53 24.22
CA ASN D 43 26.31 -38.66 23.45
C ASN D 43 24.97 -39.28 23.06
N ARG D 44 24.94 -40.58 22.83
CA ARG D 44 23.68 -41.23 22.44
C ARG D 44 22.75 -41.71 23.58
N TYR D 45 23.18 -41.58 24.83
CA TYR D 45 22.28 -41.85 25.96
C TYR D 45 22.23 -40.73 27.00
N THR D 46 22.29 -39.49 26.50
CA THR D 46 22.16 -38.31 27.33
C THR D 46 20.70 -38.07 27.73
N GLY D 47 19.78 -38.60 26.92
CA GLY D 47 18.36 -38.26 27.04
C GLY D 47 17.91 -37.08 26.17
N ILE D 48 18.87 -36.46 25.48
CA ILE D 48 18.58 -35.35 24.54
C ILE D 48 18.34 -35.87 23.10
N ASP D 49 17.19 -35.50 22.50
CA ASP D 49 16.91 -35.82 21.08
C ASP D 49 17.52 -34.81 20.12
N GLN D 50 17.34 -33.54 20.44
CA GLN D 50 17.69 -32.44 19.53
C GLN D 50 18.25 -31.30 20.35
N ARG D 51 19.40 -30.76 19.94
CA ARG D 51 19.92 -29.55 20.56
C ARG D 51 19.75 -28.32 19.67
N SER D 52 19.20 -27.25 20.24
CA SER D 52 19.00 -26.00 19.51
C SER D 52 20.32 -25.29 19.24
N SER D 53 20.48 -24.87 17.98
CA SER D 53 21.74 -24.31 17.52
C SER D 53 21.52 -23.16 16.54
N ILE D 54 22.42 -22.18 16.60
CA ILE D 54 22.41 -21.05 15.66
C ILE D 54 22.83 -21.48 14.23
N GLY D 55 23.30 -22.71 14.10
CA GLY D 55 23.73 -23.24 12.81
C GLY D 55 23.71 -24.76 12.71
N ASN D 56 23.86 -25.26 11.49
CA ASN D 56 24.07 -26.69 11.26
C ASN D 56 25.56 -27.05 11.33
N PRO D 57 25.87 -28.37 11.31
CA PRO D 57 27.26 -28.87 11.25
C PRO D 57 28.14 -28.28 10.15
N ASP D 58 27.53 -27.82 9.05
CA ASP D 58 28.30 -27.25 7.93
C ASP D 58 28.49 -25.73 8.00
N HIS D 59 28.13 -25.13 9.13
CA HIS D 59 28.38 -23.69 9.41
C HIS D 59 29.86 -23.40 9.25
N PRO D 60 30.21 -22.29 8.56
CA PRO D 60 31.63 -21.98 8.31
C PRO D 60 32.48 -21.71 9.56
N LEU D 61 31.86 -21.30 10.66
CA LEU D 61 32.60 -20.99 11.88
C LEU D 61 33.28 -22.23 12.46
N VAL D 62 32.59 -23.36 12.38
CA VAL D 62 33.06 -24.59 12.99
C VAL D 62 33.79 -25.48 11.97
N ASN D 63 34.04 -24.93 10.78
CA ASN D 63 34.68 -25.67 9.69
C ASN D 63 35.94 -25.00 9.12
N LYS D 64 36.68 -24.30 9.98
CA LYS D 64 37.94 -23.68 9.59
C LYS D 64 39.06 -24.71 9.84
N PRO D 65 40.26 -24.49 9.27
CA PRO D 65 41.33 -25.48 9.58
C PRO D 65 41.53 -25.70 11.09
N ASN D 66 41.26 -24.65 11.87
CA ASN D 66 41.43 -24.68 13.31
C ASN D 66 40.15 -24.25 13.99
N PRO D 67 39.99 -24.61 15.28
CA PRO D 67 38.84 -24.10 16.02
C PRO D 67 38.75 -22.56 15.96
N PRO D 68 37.53 -22.00 16.03
CA PRO D 68 37.52 -20.54 15.97
C PRO D 68 38.14 -19.93 17.22
N THR D 69 38.73 -18.74 17.12
CA THR D 69 39.25 -18.07 18.31
C THR D 69 38.11 -17.40 19.06
N VAL D 70 38.37 -17.05 20.31
CA VAL D 70 37.39 -16.37 21.14
C VAL D 70 36.91 -15.04 20.50
N LYS D 71 37.78 -14.39 19.73
CA LYS D 71 37.37 -13.20 18.97
C LYS D 71 36.33 -13.60 17.90
N GLU D 72 36.62 -14.66 17.16
CA GLU D 72 35.71 -15.14 16.12
C GLU D 72 34.37 -15.60 16.72
N LEU D 73 34.44 -16.25 17.89
CA LEU D 73 33.26 -16.67 18.62
C LEU D 73 32.36 -15.48 18.97
N HIS D 74 32.98 -14.38 19.38
CA HIS D 74 32.24 -13.17 19.79
C HIS D 74 31.53 -12.52 18.63
N GLU D 75 32.17 -12.55 17.45
CA GLU D 75 31.59 -11.96 16.25
C GLU D 75 30.28 -12.64 15.90
N VAL D 76 30.19 -13.95 16.13
CA VAL D 76 28.98 -14.70 15.84
C VAL D 76 27.97 -14.66 17.01
N PHE D 77 28.47 -14.45 18.23
CA PHE D 77 27.61 -14.23 19.38
C PHE D 77 26.83 -12.95 19.14
N MET D 78 27.51 -11.92 18.65
CA MET D 78 26.85 -10.68 18.27
C MET D 78 25.91 -10.80 17.07
N SER D 79 26.37 -11.43 15.98
CA SER D 79 25.59 -11.49 14.74
C SER D 79 24.40 -12.43 14.82
N ASP D 80 24.57 -13.54 15.53
CA ASP D 80 23.57 -14.61 15.63
C ASP D 80 22.92 -14.78 17.00
N GLY D 81 23.64 -14.42 18.05
CA GLY D 81 23.12 -14.56 19.41
C GLY D 81 22.22 -13.40 19.83
N VAL D 82 22.74 -12.18 19.67
CA VAL D 82 22.02 -10.97 20.10
C VAL D 82 20.58 -10.80 19.54
N PRO D 83 20.34 -11.08 18.24
CA PRO D 83 18.98 -11.09 17.69
C PRO D 83 18.01 -12.05 18.38
N LEU D 84 18.50 -13.18 18.88
CA LEU D 84 17.69 -14.04 19.75
C LEU D 84 17.28 -13.32 21.04
N ALA D 85 18.26 -12.70 21.69
CA ALA D 85 18.03 -11.93 22.92
C ALA D 85 17.08 -10.76 22.72
N VAL D 86 17.21 -10.07 21.57
CA VAL D 86 16.31 -8.98 21.20
C VAL D 86 14.90 -9.51 21.04
N GLU D 87 14.74 -10.62 20.33
CA GLU D 87 13.42 -11.20 20.14
C GLU D 87 12.83 -11.83 21.41
N ALA D 88 13.66 -12.51 22.21
CA ALA D 88 13.20 -13.00 23.51
C ALA D 88 12.67 -11.84 24.35
N SER D 89 13.47 -10.77 24.46
CA SER D 89 13.07 -9.57 25.22
C SER D 89 11.79 -8.89 24.74
N ARG D 90 11.59 -8.84 23.42
CA ARG D 90 10.41 -8.21 22.83
C ARG D 90 9.12 -8.91 23.22
N LYS D 91 9.19 -10.24 23.25
CA LYS D 91 8.01 -11.08 23.59
C LYS D 91 7.67 -10.96 25.06
N ALA D 92 8.69 -10.88 25.91
CA ALA D 92 8.50 -10.64 27.33
C ALA D 92 7.83 -9.28 27.55
N MET D 93 8.34 -8.25 26.88
CA MET D 93 7.75 -6.91 27.02
C MET D 93 6.31 -6.85 26.49
N ALA D 94 6.08 -7.46 25.33
CA ALA D 94 4.74 -7.52 24.74
C ALA D 94 3.73 -8.15 25.72
N GLU D 95 4.08 -9.31 26.30
CA GLU D 95 3.23 -9.97 27.30
C GLU D 95 3.03 -9.09 28.55
N ALA D 96 4.11 -8.46 29.01
CA ALA D 96 4.02 -7.50 30.13
C ALA D 96 3.18 -6.25 29.78
N ARG D 97 3.02 -5.97 28.48
CA ARG D 97 2.32 -4.78 27.95
C ARG D 97 3.05 -3.48 28.26
N LEU D 98 4.36 -3.52 28.10
CA LEU D 98 5.23 -2.38 28.35
C LEU D 98 5.87 -1.80 27.08
N VAL D 99 6.08 -0.50 27.14
CA VAL D 99 6.84 0.22 26.14
C VAL D 99 8.30 0.32 26.65
N PRO D 100 9.28 0.40 25.72
CA PRO D 100 10.69 0.62 26.06
C PRO D 100 10.93 1.61 27.22
N ALA D 101 10.26 2.75 27.22
CA ALA D 101 10.45 3.78 28.24
C ALA D 101 10.09 3.35 29.66
N GLN D 102 9.34 2.26 29.80
CA GLN D 102 8.94 1.80 31.14
C GLN D 102 9.97 0.89 31.84
N ILE D 103 10.98 0.45 31.12
CA ILE D 103 11.94 -0.49 31.67
C ILE D 103 12.96 0.33 32.46
N THR D 104 13.12 -0.02 33.72
CA THR D 104 13.96 0.76 34.63
C THR D 104 15.35 0.14 34.86
N HIS D 105 15.40 -1.19 34.88
CA HIS D 105 16.69 -1.87 34.95
C HIS D 105 16.78 -2.98 33.94
N MET D 106 18.00 -3.44 33.69
CA MET D 106 18.27 -4.67 32.96
C MET D 106 19.24 -5.51 33.75
N VAL D 107 18.89 -6.77 33.99
CA VAL D 107 19.86 -7.71 34.54
C VAL D 107 20.07 -8.82 33.50
N SER D 108 21.31 -8.95 33.04
CA SER D 108 21.63 -9.93 32.02
C SER D 108 22.73 -10.86 32.47
N THR D 109 22.81 -11.99 31.79
CA THR D 109 23.84 -12.97 32.05
C THR D 109 24.20 -13.71 30.76
N THR D 110 25.43 -14.22 30.77
CA THR D 110 25.92 -15.14 29.77
C THR D 110 27.24 -15.65 30.31
N CYS D 111 27.62 -16.87 29.89
CA CYS D 111 28.94 -17.38 30.21
C CYS D 111 29.66 -17.71 28.92
N THR D 112 29.05 -17.35 27.79
CA THR D 112 29.59 -17.70 26.49
C THR D 112 29.99 -16.50 25.62
N ASP D 113 30.12 -15.32 26.25
CA ASP D 113 30.70 -14.13 25.62
C ASP D 113 31.53 -13.33 26.62
N SER D 114 32.53 -12.59 26.14
CA SER D 114 33.11 -11.49 26.89
C SER D 114 33.24 -10.31 25.93
N ALA D 115 32.75 -9.15 26.37
CA ALA D 115 32.76 -7.94 25.54
C ALA D 115 32.77 -6.71 26.45
N ASN D 116 33.28 -5.60 25.94
CA ASN D 116 33.12 -4.27 26.57
C ASN D 116 32.93 -3.28 25.42
N PRO D 117 31.74 -2.64 25.28
CA PRO D 117 30.47 -2.83 26.01
C PRO D 117 29.99 -4.27 25.93
N GLY D 118 29.32 -4.70 27.00
CA GLY D 118 28.78 -6.06 27.09
C GLY D 118 27.64 -6.21 26.12
N TYR D 119 27.21 -7.45 25.90
CA TYR D 119 26.14 -7.70 24.91
C TYR D 119 24.84 -7.01 25.28
N ASP D 120 24.64 -6.75 26.58
CA ASP D 120 23.41 -6.10 27.04
C ASP D 120 23.25 -4.66 26.51
N HIS D 121 24.36 -3.95 26.27
CA HIS D 121 24.30 -2.61 25.64
C HIS D 121 23.57 -2.63 24.31
N TYR D 122 23.93 -3.61 23.49
CA TYR D 122 23.45 -3.74 22.12
C TYR D 122 22.01 -4.21 22.05
N VAL D 123 21.63 -5.12 22.95
CA VAL D 123 20.25 -5.58 23.03
C VAL D 123 19.37 -4.41 23.43
N ALA D 124 19.78 -3.69 24.48
CA ALA D 124 19.03 -2.53 24.95
C ALA D 124 18.86 -1.48 23.85
N LYS D 125 19.95 -1.19 23.15
CA LYS D 125 19.91 -0.21 22.07
C LYS D 125 18.92 -0.61 20.98
N GLU D 126 18.95 -1.88 20.56
CA GLU D 126 18.00 -2.38 19.52
C GLU D 126 16.56 -2.21 19.95
N LEU D 127 16.32 -2.45 21.25
CA LEU D 127 15.00 -2.36 21.87
C LEU D 127 14.50 -0.93 22.03
N GLY D 128 15.41 0.04 21.92
CA GLY D 128 15.07 1.46 22.11
C GLY D 128 14.88 1.85 23.57
N LEU D 129 15.50 1.08 24.46
CA LEU D 129 15.40 1.36 25.91
C LEU D 129 16.11 2.65 26.28
N SER D 130 15.82 3.15 27.49
CA SER D 130 16.24 4.48 27.93
C SER D 130 17.75 4.66 27.99
N ASP D 131 18.20 5.89 27.70
CA ASP D 131 19.62 6.24 27.87
C ASP D 131 20.00 6.26 29.36
N ARG D 132 18.99 6.19 30.23
CA ARG D 132 19.14 6.21 31.68
C ARG D 132 19.03 4.82 32.32
N LEU D 133 18.80 3.80 31.50
CA LEU D 133 18.63 2.43 31.97
C LEU D 133 19.74 1.99 32.91
N GLU D 134 19.39 1.35 34.02
CA GLU D 134 20.41 0.82 34.91
C GLU D 134 20.66 -0.63 34.54
N LYS D 135 21.92 -0.94 34.26
CA LYS D 135 22.26 -2.26 33.76
C LYS D 135 23.21 -3.01 34.67
N VAL D 136 22.97 -4.30 34.74
CA VAL D 136 23.81 -5.24 35.45
C VAL D 136 24.07 -6.40 34.49
N LEU D 137 25.35 -6.60 34.15
CA LEU D 137 25.73 -7.77 33.36
C LEU D 137 26.54 -8.74 34.23
N LEU D 138 25.96 -9.91 34.53
CA LEU D 138 26.57 -10.88 35.43
C LEU D 138 27.53 -11.76 34.70
N HIS D 139 28.60 -12.13 35.41
CA HIS D 139 29.65 -12.99 34.89
C HIS D 139 30.08 -14.03 35.93
N GLY D 140 30.76 -15.09 35.49
CA GLY D 140 31.35 -16.09 36.39
C GLY D 140 30.44 -17.18 36.94
N ILE D 141 29.17 -17.17 36.52
CA ILE D 141 28.17 -18.05 37.13
C ILE D 141 27.53 -19.12 36.23
N GLY D 142 27.83 -19.13 34.95
CA GLY D 142 27.33 -20.20 34.07
C GLY D 142 25.85 -20.52 34.20
N CSD D 143 25.52 -21.81 34.32
CA CSD D 143 24.12 -22.30 34.29
CB CSD D 143 24.03 -23.83 34.39
SG CSD D 143 24.90 -24.67 33.05
C CSD D 143 23.21 -21.82 35.40
O CSD D 143 22.00 -21.96 35.28
OD1 CSD D 143 24.45 -26.59 33.30
OD2 CSD D 143 26.19 -25.08 34.45
N SER D 144 23.78 -21.29 36.49
CA SER D 144 22.93 -20.78 37.58
C SER D 144 22.47 -19.34 37.31
N GLY D 145 23.01 -18.74 36.25
CA GLY D 145 22.76 -17.34 35.89
C GLY D 145 21.32 -16.91 35.75
N GLY D 146 20.47 -17.77 35.22
CA GLY D 146 19.04 -17.42 35.06
C GLY D 146 18.44 -17.04 36.40
N LEU D 147 18.49 -17.97 37.35
CA LEU D 147 17.91 -17.73 38.68
C LEU D 147 18.63 -16.64 39.48
N ALA D 148 19.96 -16.55 39.34
CA ALA D 148 20.77 -15.54 40.01
C ALA D 148 20.44 -14.13 39.50
N ALA D 149 20.21 -14.00 38.20
CA ALA D 149 19.75 -12.73 37.59
C ALA D 149 18.36 -12.29 38.08
N LEU D 150 17.46 -13.27 38.24
CA LEU D 150 16.10 -13.03 38.75
C LEU D 150 16.13 -12.54 40.19
N ARG D 151 16.97 -13.17 41.01
CA ARG D 151 17.13 -12.82 42.43
C ARG D 151 17.75 -11.43 42.55
N THR D 152 18.82 -11.20 41.80
CA THR D 152 19.45 -9.88 41.72
C THR D 152 18.40 -8.85 41.32
N ALA D 153 17.62 -9.16 40.29
CA ALA D 153 16.52 -8.27 39.84
C ALA D 153 15.48 -8.02 40.93
N ALA D 154 15.22 -9.04 41.74
CA ALA D 154 14.25 -8.94 42.82
C ALA D 154 14.74 -7.94 43.88
N ASN D 155 16.04 -8.02 44.20
CA ASN D 155 16.67 -7.09 45.13
C ASN D 155 16.66 -5.67 44.55
N LEU D 156 17.03 -5.54 43.28
CA LEU D 156 16.99 -4.22 42.59
C LEU D 156 15.59 -3.61 42.55
N CYS D 157 14.60 -4.43 42.21
CA CYS D 157 13.19 -4.04 42.25
C CYS D 157 12.81 -3.46 43.60
N LEU D 158 13.25 -4.15 44.66
CA LEU D 158 12.94 -3.73 46.01
C LEU D 158 13.67 -2.45 46.39
N GLY D 159 14.81 -2.21 45.76
CA GLY D 159 15.52 -0.94 45.93
C GLY D 159 14.67 0.26 45.51
N HIS D 160 14.01 0.13 44.36
CA HIS D 160 13.07 1.13 43.88
C HIS D 160 11.79 1.21 44.73
N THR D 161 11.28 0.06 45.15
CA THR D 161 10.17 0.02 46.12
C THR D 161 10.43 0.88 47.36
N ALA D 162 11.66 0.82 47.86
CA ALA D 162 12.09 1.57 49.04
C ALA D 162 11.98 3.09 48.84
N ARG D 163 12.08 3.54 47.60
CA ARG D 163 12.05 4.95 47.22
C ARG D 163 10.70 5.33 46.58
N GLY D 164 9.75 4.40 46.63
CA GLY D 164 8.39 4.61 46.09
C GLY D 164 8.27 4.64 44.57
N LYS D 165 9.26 4.10 43.87
CA LYS D 165 9.37 4.19 42.39
C LYS D 165 8.92 2.90 41.72
N PRO D 166 8.19 3.00 40.60
CA PRO D 166 7.95 1.84 39.74
C PRO D 166 9.25 1.24 39.22
N ALA D 167 9.29 -0.08 39.14
CA ALA D 167 10.43 -0.78 38.60
C ALA D 167 9.94 -1.88 37.71
N ARG D 168 10.46 -1.90 36.48
CA ARG D 168 10.20 -2.98 35.55
C ARG D 168 11.56 -3.44 35.07
N ILE D 169 11.90 -4.70 35.36
CA ILE D 169 13.25 -5.16 35.06
C ILE D 169 13.25 -6.23 33.98
N LEU D 170 13.99 -5.97 32.92
CA LEU D 170 14.22 -6.98 31.88
C LEU D 170 15.31 -7.92 32.39
N VAL D 171 14.92 -9.17 32.68
CA VAL D 171 15.86 -10.16 33.13
C VAL D 171 16.18 -11.05 31.93
N LEU D 172 17.46 -11.16 31.58
CA LEU D 172 17.83 -11.73 30.28
C LEU D 172 18.98 -12.71 30.35
N ALA D 173 18.84 -13.82 29.62
CA ALA D 173 19.89 -14.82 29.56
C ALA D 173 20.07 -15.20 28.10
N LEU D 174 21.31 -15.18 27.66
CA LEU D 174 21.65 -15.59 26.32
C LEU D 174 22.87 -16.47 26.36
N GLU D 175 22.76 -17.65 25.76
CA GLU D 175 23.91 -18.50 25.57
C GLU D 175 24.06 -19.01 24.14
N VAL D 176 25.29 -18.96 23.63
CA VAL D 176 25.62 -19.63 22.39
C VAL D 176 26.81 -20.53 22.72
N SER D 177 26.53 -21.80 22.92
CA SER D 177 27.59 -22.76 23.27
C SER D 177 28.03 -23.64 22.11
N THR D 178 27.12 -23.90 21.15
CA THR D 178 27.40 -24.87 20.07
C THR D 178 28.61 -24.48 19.23
N THR D 179 28.91 -23.18 19.19
CA THR D 179 30.08 -22.68 18.43
C THR D 179 31.41 -23.20 18.98
N MET D 180 31.39 -23.67 20.23
CA MET D 180 32.60 -24.20 20.88
C MET D 180 32.82 -25.71 20.69
N VAL D 181 32.06 -26.29 19.77
CA VAL D 181 32.21 -27.69 19.44
C VAL D 181 33.64 -28.10 19.05
N ARG D 182 34.33 -27.25 18.27
CA ARG D 182 35.67 -27.60 17.78
C ARG D 182 36.73 -27.47 18.88
N SER D 183 36.53 -26.52 19.78
CA SER D 183 37.36 -26.38 20.99
C SER D 183 37.30 -27.64 21.85
N GLU D 184 36.08 -28.07 22.19
CA GLU D 184 35.89 -29.35 22.91
C GLU D 184 36.45 -30.57 22.16
N LEU D 185 36.18 -30.65 20.85
CA LEU D 185 36.73 -31.74 20.03
C LEU D 185 38.26 -31.77 20.11
N GLU D 186 38.88 -30.59 20.06
CA GLU D 186 40.34 -30.48 20.19
C GLU D 186 40.84 -31.03 21.54
N SER D 187 40.22 -30.62 22.65
CA SER D 187 40.62 -31.08 23.98
C SER D 187 40.46 -32.59 24.18
N ILE D 188 39.33 -33.14 23.73
CA ILE D 188 39.13 -34.60 23.74
C ILE D 188 40.26 -35.31 22.99
N ASP D 189 40.58 -34.87 21.78
CA ASP D 189 41.58 -35.57 20.99
C ASP D 189 42.97 -35.39 21.58
N ALA D 190 43.33 -34.14 21.89
CA ALA D 190 44.64 -33.79 22.43
C ALA D 190 44.95 -34.45 23.77
N LEU D 191 44.02 -34.34 24.72
CA LEU D 191 44.27 -34.83 26.09
C LEU D 191 43.84 -36.27 26.29
N GLN D 192 42.99 -36.75 25.39
CA GLN D 192 42.40 -38.08 25.49
C GLN D 192 41.57 -38.23 26.78
N GLU D 193 40.75 -37.21 27.05
CA GLU D 193 39.83 -37.25 28.18
C GLU D 193 38.37 -37.20 27.69
N THR D 194 37.49 -37.87 28.42
CA THR D 194 36.07 -37.89 28.08
C THR D 194 35.42 -36.61 28.59
N ARG D 195 35.17 -35.68 27.67
CA ARG D 195 34.55 -34.42 28.02
C ARG D 195 33.17 -34.44 27.40
N ILE D 196 32.14 -34.43 28.23
CA ILE D 196 30.77 -34.65 27.78
C ILE D 196 30.02 -33.35 27.46
N GLY D 197 30.70 -32.21 27.62
CA GLY D 197 30.11 -30.90 27.28
C GLY D 197 29.46 -30.81 25.91
N ILE D 198 30.17 -31.23 24.86
CA ILE D 198 29.62 -31.14 23.50
C ILE D 198 28.32 -31.91 23.31
N ALA D 199 28.07 -32.90 24.17
CA ALA D 199 26.85 -33.70 24.09
C ALA D 199 25.64 -33.07 24.77
N LEU D 200 25.86 -32.09 25.63
CA LEU D 200 24.77 -31.51 26.43
C LEU D 200 24.29 -30.10 26.04
N PHE D 201 25.24 -29.25 25.66
CA PHE D 201 25.01 -27.82 25.61
C PHE D 201 24.44 -27.30 24.31
N SER D 202 23.58 -26.28 24.43
CA SER D 202 22.80 -25.78 23.30
C SER D 202 22.67 -24.25 23.33
N ASP D 203 22.08 -23.68 22.28
CA ASP D 203 21.91 -22.23 22.15
C ASP D 203 20.46 -21.78 22.40
N CYS D 204 20.32 -20.69 23.16
CA CYS D 204 19.00 -20.13 23.48
C CYS D 204 19.11 -18.73 24.08
N ALA D 205 18.10 -17.91 23.83
CA ALA D 205 17.91 -16.70 24.61
C ALA D 205 16.55 -16.71 25.28
N SER D 206 16.51 -16.33 26.55
CA SER D 206 15.22 -16.20 27.23
C SER D 206 15.23 -14.98 28.14
N ALA D 207 14.04 -14.46 28.43
CA ALA D 207 13.90 -13.22 29.16
C ALA D 207 12.59 -13.18 29.92
N VAL D 208 12.62 -12.58 31.10
CA VAL D 208 11.40 -12.30 31.85
C VAL D 208 11.39 -10.83 32.26
N ILE D 209 10.19 -10.31 32.48
CA ILE D 209 9.98 -9.00 33.07
C ILE D 209 9.58 -9.16 34.53
N LEU D 210 10.41 -8.65 35.43
CA LEU D 210 10.12 -8.65 36.86
C LEU D 210 9.73 -7.26 37.31
N SER D 211 8.59 -7.17 37.95
CA SER D 211 7.98 -5.90 38.33
C SER D 211 7.81 -5.79 39.86
N ASN D 212 7.98 -4.58 40.40
CA ASN D 212 7.79 -4.34 41.84
C ASN D 212 6.38 -3.94 42.29
N GLY D 213 5.43 -3.89 41.35
CA GLY D 213 4.03 -3.67 41.68
C GLY D 213 3.68 -2.23 42.03
N ILE D 214 4.54 -1.29 41.63
CA ILE D 214 4.22 0.13 41.81
C ILE D 214 3.94 0.74 40.43
N GLY D 215 2.84 1.48 40.32
CA GLY D 215 2.48 2.12 39.06
C GLY D 215 1.91 1.14 38.03
N GLU D 216 1.53 -0.04 38.49
CA GLU D 216 0.45 -0.78 37.85
C GLU D 216 -0.72 -0.11 38.54
N ALA D 217 -1.76 0.24 37.79
CA ALA D 217 -2.96 0.84 38.38
C ALA D 217 -3.72 -0.18 39.26
N PRO D 218 -3.85 0.10 40.58
CA PRO D 218 -4.30 -0.87 41.61
C PRO D 218 -5.22 -2.05 41.14
N GLY D 219 -4.61 -3.06 40.50
CA GLY D 219 -5.35 -4.23 39.99
C GLY D 219 -4.88 -4.71 38.60
N LYS D 220 -3.72 -5.38 38.57
CA LYS D 220 -3.03 -5.75 37.33
C LYS D 220 -2.46 -7.18 37.27
N PRO D 221 -2.40 -7.76 36.05
CA PRO D 221 -2.01 -9.16 35.83
C PRO D 221 -0.53 -9.47 36.07
N ALA D 222 -0.24 -10.76 36.14
CA ALA D 222 1.12 -11.32 36.25
C ALA D 222 1.02 -12.78 35.86
N ILE D 223 2.15 -13.40 35.52
CA ILE D 223 2.17 -14.84 35.23
C ILE D 223 2.52 -15.60 36.52
N TYR D 224 3.52 -15.09 37.24
CA TYR D 224 3.97 -15.67 38.51
C TYR D 224 4.21 -14.54 39.51
N ASP D 225 4.02 -14.82 40.80
CA ASP D 225 4.52 -13.95 41.87
C ASP D 225 5.81 -14.56 42.41
N LEU D 226 6.81 -13.71 42.69
CA LEU D 226 8.06 -14.17 43.28
C LEU D 226 8.01 -14.00 44.81
N LEU D 227 7.93 -15.14 45.51
CA LEU D 227 7.69 -15.13 46.95
C LEU D 227 8.94 -15.20 47.81
N GLY D 228 9.99 -15.84 47.29
CA GLY D 228 11.21 -15.99 48.06
C GLY D 228 12.29 -16.71 47.27
N TRP D 229 13.50 -16.69 47.80
CA TRP D 229 14.65 -17.22 47.09
C TRP D 229 15.72 -17.64 48.08
N GLU D 230 16.50 -18.65 47.68
CA GLU D 230 17.67 -19.06 48.46
C GLU D 230 18.83 -19.21 47.52
N ASN D 231 20.02 -18.86 48.02
CA ASN D 231 21.24 -19.03 47.28
C ASN D 231 22.35 -19.52 48.20
N ARG D 232 23.02 -20.58 47.78
CA ARG D 232 24.14 -21.12 48.55
C ARG D 232 25.32 -21.38 47.65
N VAL D 233 26.50 -21.29 48.24
CA VAL D 233 27.71 -21.86 47.66
C VAL D 233 28.16 -23.08 48.47
N ILE D 234 28.45 -24.17 47.76
CA ILE D 234 28.94 -25.42 48.35
C ILE D 234 30.47 -25.34 48.47
N PRO D 235 30.99 -25.31 49.72
CA PRO D 235 32.44 -25.17 49.96
C PRO D 235 33.31 -26.19 49.21
N ASP D 236 34.49 -25.75 48.77
CA ASP D 236 35.52 -26.61 48.16
C ASP D 236 35.06 -27.41 46.95
N SER D 237 34.35 -26.75 46.04
CA SER D 237 33.83 -27.40 44.83
C SER D 237 34.17 -26.64 43.53
N GLU D 238 35.06 -25.66 43.62
CA GLU D 238 35.44 -24.83 42.46
C GLU D 238 35.96 -25.66 41.30
N HIS D 239 36.74 -26.69 41.62
CA HIS D 239 37.39 -27.53 40.63
C HIS D 239 36.43 -28.57 40.03
N ASP D 240 35.22 -28.64 40.57
CA ASP D 240 34.20 -29.61 40.15
C ASP D 240 33.41 -29.14 38.98
N LEU D 241 33.38 -27.82 38.79
CA LEU D 241 32.52 -27.22 37.81
C LEU D 241 33.04 -25.84 37.41
N GLY D 242 33.10 -25.58 36.10
CA GLY D 242 33.62 -24.31 35.62
C GLY D 242 33.69 -24.10 34.12
N GLY D 243 34.34 -22.99 33.76
CA GLY D 243 34.49 -22.54 32.38
C GLY D 243 35.70 -21.64 32.31
N ASP D 244 36.84 -22.23 31.95
CA ASP D 244 38.15 -21.54 31.95
C ASP D 244 38.42 -20.79 30.64
N VAL D 245 38.56 -19.46 30.75
CA VAL D 245 38.74 -18.64 29.55
C VAL D 245 39.97 -19.15 28.77
N ASP D 246 39.87 -19.15 27.45
CA ASP D 246 40.90 -19.79 26.61
C ASP D 246 40.99 -19.04 25.27
N PRO D 247 42.14 -19.09 24.58
CA PRO D 247 42.11 -18.57 23.21
C PRO D 247 40.96 -19.13 22.34
N MET D 248 40.52 -20.35 22.64
CA MET D 248 39.43 -21.02 21.87
C MET D 248 38.04 -20.82 22.47
N GLY D 249 37.92 -19.93 23.45
CA GLY D 249 36.64 -19.67 24.10
C GLY D 249 36.66 -20.00 25.59
N TRP D 250 35.77 -20.89 26.02
CA TRP D 250 35.76 -21.34 27.43
C TRP D 250 35.82 -22.85 27.51
N LYS D 251 36.82 -23.35 28.24
CA LYS D 251 36.99 -24.78 28.42
C LYS D 251 36.18 -25.25 29.63
N VAL D 252 35.28 -26.19 29.36
CA VAL D 252 34.36 -26.71 30.37
C VAL D 252 35.10 -27.52 31.43
N VAL D 253 34.77 -27.27 32.69
CA VAL D 253 35.27 -28.12 33.79
C VAL D 253 34.09 -28.88 34.38
N LEU D 254 34.25 -30.18 34.60
CA LEU D 254 33.15 -31.04 35.09
C LEU D 254 33.65 -32.32 35.75
N SER D 255 33.60 -32.39 37.07
CA SER D 255 34.10 -33.54 37.83
C SER D 255 33.03 -34.62 38.06
N PRO D 256 33.45 -35.85 38.48
CA PRO D 256 32.49 -36.90 38.89
C PRO D 256 31.54 -36.57 40.03
N ARG D 257 31.93 -35.67 40.93
CA ARG D 257 31.15 -35.38 42.15
C ARG D 257 29.90 -34.55 41.91
N VAL D 258 29.82 -33.88 40.76
CA VAL D 258 28.78 -32.88 40.52
C VAL D 258 27.33 -33.36 40.73
N PRO D 259 26.91 -34.49 40.13
CA PRO D 259 25.52 -34.90 40.37
C PRO D 259 25.20 -35.19 41.86
N VAL D 260 26.16 -35.77 42.59
CA VAL D 260 25.96 -36.09 44.01
C VAL D 260 25.84 -34.80 44.81
N LEU D 261 26.81 -33.90 44.62
CA LEU D 261 26.78 -32.58 45.27
C LEU D 261 25.45 -31.86 45.04
N ALA D 262 25.00 -31.83 43.79
CA ALA D 262 23.76 -31.13 43.39
C ALA D 262 22.51 -31.76 44.00
N LYS D 263 22.48 -33.09 44.00
CA LYS D 263 21.34 -33.83 44.50
C LYS D 263 21.21 -33.59 46.01
N ALA D 264 22.36 -33.62 46.69
CA ALA D 264 22.42 -33.57 48.15
C ALA D 264 22.13 -32.19 48.68
N SER D 265 22.27 -31.18 47.83
CA SER D 265 22.00 -29.79 48.23
C SER D 265 20.50 -29.48 48.26
N LEU D 266 19.70 -30.32 47.61
CA LEU D 266 18.27 -30.05 47.44
C LEU D 266 17.50 -29.93 48.75
N GLN D 267 17.57 -30.99 49.56
CA GLN D 267 16.91 -31.05 50.85
C GLN D 267 17.12 -29.81 51.78
N PRO D 268 18.39 -29.44 52.08
CA PRO D 268 18.60 -28.29 52.96
C PRO D 268 18.29 -26.92 52.35
N THR D 269 18.44 -26.78 51.02
CA THR D 269 18.09 -25.52 50.35
C THR D 269 16.56 -25.31 50.40
N TYR D 270 15.80 -26.37 50.07
CA TYR D 270 14.34 -26.32 50.04
C TYR D 270 13.74 -26.07 51.43
N ALA D 271 14.33 -26.70 52.44
CA ALA D 271 13.89 -26.52 53.82
C ALA D 271 14.10 -25.06 54.24
N ASP D 272 15.28 -24.52 53.90
CA ASP D 272 15.60 -23.11 54.13
C ASP D 272 14.61 -22.19 53.41
N LEU D 273 14.39 -22.44 52.11
CA LEU D 273 13.39 -21.71 51.33
C LEU D 273 12.04 -21.64 52.04
N LEU D 274 11.60 -22.78 52.56
CA LEU D 274 10.26 -22.90 53.12
C LEU D 274 10.07 -22.31 54.51
N SER D 275 11.13 -22.23 55.31
CA SER D 275 10.98 -21.67 56.66
C SER D 275 10.74 -20.16 56.64
N SER D 276 11.37 -19.46 55.70
CA SER D 276 11.18 -18.00 55.55
C SER D 276 9.77 -17.61 55.06
N LEU D 277 8.96 -18.59 54.69
CA LEU D 277 7.60 -18.31 54.25
C LEU D 277 6.58 -19.33 54.74
N GLN D 278 6.65 -19.67 56.03
CA GLN D 278 5.73 -20.69 56.58
C GLN D 278 4.34 -20.15 56.91
N ASP D 279 4.23 -18.83 57.08
CA ASP D 279 2.92 -18.23 57.29
C ASP D 279 2.20 -18.11 55.96
N GLN D 280 2.96 -17.83 54.91
CA GLN D 280 2.43 -17.45 53.60
C GLN D 280 1.88 -18.58 52.73
N LEU D 281 2.42 -19.79 52.87
CA LEU D 281 1.94 -20.93 52.08
C LEU D 281 0.78 -21.62 52.77
N PRO D 282 -0.22 -22.10 51.99
CA PRO D 282 -1.28 -22.91 52.56
C PRO D 282 -0.72 -24.28 52.94
N SER D 283 -1.47 -25.00 53.77
CA SER D 283 -1.05 -26.31 54.26
C SER D 283 -1.01 -27.40 53.18
N SER D 284 -1.57 -27.11 52.00
CA SER D 284 -1.55 -28.08 50.89
C SER D 284 -0.19 -28.05 50.17
N TYR D 285 0.64 -27.08 50.53
CA TYR D 285 1.96 -26.90 49.92
C TYR D 285 3.05 -26.90 50.99
N GLN D 286 3.43 -28.11 51.41
CA GLN D 286 4.38 -28.31 52.50
C GLN D 286 5.56 -29.21 52.07
N LYS D 287 5.27 -30.31 51.38
CA LYS D 287 6.32 -31.24 50.95
C LYS D 287 6.68 -31.08 49.46
N PRO D 288 7.90 -31.48 49.09
CA PRO D 288 8.38 -31.20 47.73
C PRO D 288 7.41 -31.67 46.64
N ALA D 289 6.76 -32.82 46.86
CA ALA D 289 5.81 -33.38 45.88
C ALA D 289 4.56 -32.52 45.68
N ASP D 290 4.22 -31.67 46.66
CA ASP D 290 3.09 -30.74 46.55
C ASP D 290 3.31 -29.64 45.51
N PHE D 291 4.57 -29.43 45.11
CA PHE D 291 4.93 -28.34 44.20
C PHE D 291 5.18 -28.82 42.77
N ASP D 292 5.07 -27.91 41.80
CA ASP D 292 5.62 -28.15 40.48
C ASP D 292 7.07 -27.67 40.51
N TRP D 293 7.94 -28.33 39.76
CA TRP D 293 9.37 -28.07 39.87
C TRP D 293 9.94 -27.63 38.54
N ALA D 294 10.44 -26.40 38.52
CA ALA D 294 11.08 -25.85 37.35
C ALA D 294 12.57 -25.99 37.60
N MET D 295 13.10 -27.15 37.26
CA MET D 295 14.48 -27.44 37.54
C MET D 295 15.33 -27.25 36.30
N HIS D 296 16.49 -26.61 36.46
CA HIS D 296 17.46 -26.60 35.38
C HIS D 296 17.93 -28.03 35.09
N PRO D 297 17.71 -28.52 33.84
CA PRO D 297 18.12 -29.86 33.47
C PRO D 297 19.60 -29.89 33.06
N GLY D 298 20.48 -29.87 34.05
CA GLY D 298 21.92 -29.94 33.82
C GLY D 298 22.30 -31.23 33.15
N GLY D 299 21.63 -32.31 33.55
CA GLY D 299 21.77 -33.62 32.93
C GLY D 299 20.61 -34.53 33.24
N ALA D 300 20.66 -35.73 32.67
CA ALA D 300 19.66 -36.76 32.97
C ALA D 300 19.70 -37.11 34.45
N THR D 301 20.90 -37.24 35.01
CA THR D 301 21.08 -37.72 36.40
C THR D 301 20.72 -36.66 37.42
N ILE D 302 20.69 -35.41 36.97
CA ILE D 302 20.25 -34.29 37.79
C ILE D 302 18.73 -34.35 38.03
N LEU D 303 17.97 -34.72 37.01
CA LEU D 303 16.52 -34.85 37.12
C LEU D 303 16.11 -36.11 37.89
N SER D 304 16.75 -37.24 37.61
CA SER D 304 16.46 -38.45 38.35
C SER D 304 16.99 -38.32 39.79
N GLY D 305 18.08 -37.56 39.96
CA GLY D 305 18.65 -37.35 41.27
C GLY D 305 17.68 -36.54 42.11
N ALA D 306 17.06 -35.53 41.49
CA ALA D 306 16.06 -34.71 42.15
C ALA D 306 14.80 -35.47 42.52
N GLU D 307 14.28 -36.27 41.58
CA GLU D 307 13.15 -37.16 41.81
C GLU D 307 13.40 -38.06 43.01
N SER D 308 14.63 -38.57 43.09
CA SER D 308 15.05 -39.48 44.12
C SER D 308 15.24 -38.81 45.49
N ALA D 309 15.94 -37.67 45.51
CA ALA D 309 16.25 -36.97 46.77
C ALA D 309 15.02 -36.33 47.41
N MET D 310 14.10 -35.86 46.58
CA MET D 310 12.98 -35.02 47.01
C MET D 310 11.62 -35.71 46.91
N GLY D 311 11.63 -36.94 46.39
CA GLY D 311 10.43 -37.76 46.32
C GLY D 311 9.47 -37.31 45.24
N LEU D 312 10.01 -37.00 44.06
CA LEU D 312 9.21 -36.47 42.97
C LEU D 312 9.03 -37.52 41.88
N THR D 313 8.02 -37.32 41.04
CA THR D 313 7.90 -38.07 39.78
C THR D 313 8.51 -37.24 38.64
N PRO D 314 8.76 -37.87 37.47
CA PRO D 314 9.22 -37.10 36.31
C PRO D 314 8.26 -35.98 35.92
N GLU D 315 6.96 -36.24 36.09
CA GLU D 315 5.91 -35.29 35.76
C GLU D 315 5.93 -34.02 36.62
N HIS D 316 6.49 -34.13 37.83
CA HIS D 316 6.75 -32.93 38.64
C HIS D 316 7.69 -31.95 37.92
N MET D 317 8.64 -32.50 37.16
CA MET D 317 9.57 -31.72 36.39
C MET D 317 9.31 -31.88 34.89
N ARG D 318 8.04 -31.96 34.51
CA ARG D 318 7.65 -32.17 33.11
C ARG D 318 8.21 -31.11 32.16
N ALA D 319 8.27 -29.85 32.60
CA ALA D 319 8.74 -28.79 31.69
C ALA D 319 10.25 -28.84 31.55
N SER D 320 10.93 -29.26 32.61
CA SER D 320 12.38 -29.50 32.56
C SER D 320 12.70 -30.60 31.55
N TYR D 321 11.99 -31.72 31.63
CA TYR D 321 12.15 -32.82 30.67
C TYR D 321 11.87 -32.39 29.22
N ASP D 322 10.75 -31.70 29.02
CA ASP D 322 10.34 -31.21 27.70
C ASP D 322 11.45 -30.36 27.03
N ARG D 323 12.05 -29.48 27.82
CA ARG D 323 13.12 -28.62 27.32
C ARG D 323 14.37 -29.43 27.02
N TYR D 324 14.80 -30.20 28.01
CA TYR D 324 16.00 -31.02 27.94
C TYR D 324 16.01 -31.92 26.68
N ILE D 325 14.92 -32.66 26.51
CA ILE D 325 14.75 -33.63 25.43
C ILE D 325 14.79 -32.97 24.04
N ASN D 326 14.06 -31.87 23.90
CA ASN D 326 13.83 -31.22 22.62
C ASN D 326 14.81 -30.11 22.25
N HIS D 327 15.54 -29.59 23.25
CA HIS D 327 16.43 -28.43 23.07
C HIS D 327 17.79 -28.54 23.74
N GLY D 328 17.95 -29.52 24.62
CA GLY D 328 19.22 -29.70 25.31
C GLY D 328 19.41 -28.74 26.45
N ASN D 329 20.65 -28.66 26.93
CA ASN D 329 21.00 -27.79 28.05
C ASN D 329 21.50 -26.45 27.53
N SER D 330 20.68 -25.41 27.64
CA SER D 330 21.06 -24.07 27.16
C SER D 330 21.65 -23.19 28.29
N SER D 331 22.45 -23.80 29.15
CA SER D 331 23.07 -23.09 30.27
C SER D 331 22.06 -22.15 30.97
N SER D 332 22.40 -20.87 31.11
CA SER D 332 21.61 -19.96 31.95
C SER D 332 20.22 -19.60 31.38
N ALA D 333 20.02 -19.81 30.08
CA ALA D 333 18.77 -19.45 29.41
C ALA D 333 17.64 -20.47 29.59
N THR D 334 17.98 -21.67 30.06
CA THR D 334 17.03 -22.78 30.10
C THR D 334 15.91 -22.56 31.13
N ILE D 335 16.23 -22.01 32.30
CA ILE D 335 15.20 -21.89 33.35
C ILE D 335 13.98 -21.03 32.94
N PHE D 336 14.21 -19.92 32.24
CA PHE D 336 13.08 -19.10 31.78
C PHE D 336 12.34 -19.83 30.67
N SER D 337 13.08 -20.63 29.89
CA SER D 337 12.43 -21.51 28.92
C SER D 337 11.52 -22.54 29.60
N VAL D 338 12.03 -23.21 30.64
CA VAL D 338 11.23 -24.14 31.43
C VAL D 338 9.98 -23.42 32.02
N LEU D 339 10.20 -22.27 32.66
CA LEU D 339 9.11 -21.51 33.29
C LEU D 339 8.02 -21.11 32.30
N ASN D 340 8.45 -20.72 31.10
CA ASN D 340 7.53 -20.38 30.00
C ASN D 340 6.77 -21.60 29.49
N ARG D 341 7.49 -22.70 29.29
CA ARG D 341 6.88 -23.95 28.86
C ARG D 341 5.82 -24.48 29.86
N LEU D 342 6.12 -24.37 31.16
CA LEU D 342 5.29 -24.95 32.22
C LEU D 342 3.84 -24.45 32.25
N ARG D 343 3.64 -23.20 31.85
CA ARG D 343 2.33 -22.60 31.95
C ARG D 343 1.53 -22.75 30.63
N GLU D 344 2.07 -23.49 29.68
CA GLU D 344 1.35 -23.77 28.42
C GLU D 344 0.38 -24.93 28.59
N LYS D 345 -0.67 -24.95 27.78
CA LYS D 345 -1.78 -25.92 27.94
C LYS D 345 -1.35 -27.38 27.92
N ASP D 346 -0.45 -27.73 27.00
CA ASP D 346 -0.07 -29.13 26.86
C ASP D 346 0.84 -29.68 27.97
N MET D 347 1.45 -28.79 28.76
CA MET D 347 2.14 -29.22 29.98
C MET D 347 1.12 -29.49 31.10
N ASP D 348 0.03 -28.73 31.14
CA ASP D 348 -1.03 -28.92 32.15
C ASP D 348 -1.52 -30.36 32.19
N ALA D 349 -1.67 -30.95 31.01
CA ALA D 349 -2.22 -32.31 30.83
C ALA D 349 -1.31 -33.41 31.38
N LEU D 350 -0.04 -33.09 31.63
CA LEU D 350 0.94 -34.08 32.08
C LEU D 350 1.24 -33.93 33.57
N ALA D 351 0.47 -33.06 34.24
CA ALA D 351 0.66 -32.73 35.66
C ALA D 351 0.46 -33.95 36.54
N PRO D 352 1.25 -34.08 37.62
CA PRO D 352 1.10 -35.24 38.51
C PRO D 352 -0.33 -35.35 39.02
N GLY D 353 -1.01 -36.43 38.65
CA GLY D 353 -2.38 -36.70 39.10
C GLY D 353 -3.46 -35.87 38.43
N GLY D 354 -3.10 -35.15 37.37
CA GLY D 354 -4.02 -34.21 36.74
C GLY D 354 -4.11 -32.93 37.54
N LYS D 355 -3.14 -32.75 38.44
CA LYS D 355 -3.09 -31.61 39.35
C LYS D 355 -2.00 -30.63 39.01
N VAL D 356 -2.38 -29.60 38.26
CA VAL D 356 -1.54 -28.44 38.01
C VAL D 356 -1.31 -27.66 39.32
N LYS D 357 -0.04 -27.45 39.69
CA LYS D 357 0.21 -26.84 40.99
C LYS D 357 0.23 -25.33 40.95
N GLU D 358 -0.27 -24.73 42.04
CA GLU D 358 -0.32 -23.28 42.17
C GLU D 358 1.03 -22.70 42.56
N TYR D 359 1.90 -23.53 43.13
CA TYR D 359 3.19 -23.05 43.54
C TYR D 359 4.31 -23.83 42.88
N VAL D 360 5.35 -23.11 42.50
CA VAL D 360 6.44 -23.66 41.71
C VAL D 360 7.80 -23.34 42.35
N VAL D 361 8.57 -24.38 42.60
CA VAL D 361 9.95 -24.23 43.03
C VAL D 361 10.84 -24.27 41.77
N GLY D 362 11.54 -23.17 41.51
CA GLY D 362 12.57 -23.18 40.48
C GLY D 362 13.91 -23.50 41.10
N CYS D 363 14.76 -24.23 40.37
CA CYS D 363 16.04 -24.68 40.90
C CYS D 363 17.13 -24.73 39.82
N ALA D 364 18.34 -24.30 40.19
CA ALA D 364 19.50 -24.36 39.29
C ALA D 364 20.80 -24.46 40.05
N PHE D 365 21.84 -24.96 39.37
CA PHE D 365 23.18 -25.05 39.92
C PHE D 365 24.18 -24.61 38.86
N GLY D 366 25.29 -24.04 39.30
CA GLY D 366 26.32 -23.59 38.40
C GLY D 366 27.68 -23.61 39.06
N PRO D 367 28.70 -23.15 38.32
CA PRO D 367 30.06 -22.98 38.80
C PRO D 367 30.09 -22.26 40.13
N GLY D 368 30.91 -22.77 41.06
CA GLY D 368 30.93 -22.31 42.46
C GLY D 368 31.43 -23.42 43.37
N ILE D 369 30.67 -24.50 43.56
CA ILE D 369 29.33 -24.70 42.98
C ILE D 369 28.26 -23.82 43.66
N ASN D 370 27.60 -22.99 42.86
CA ASN D 370 26.50 -22.16 43.33
C ASN D 370 25.22 -22.94 43.18
N VAL D 371 24.35 -22.82 44.18
CA VAL D 371 22.99 -23.37 44.11
C VAL D 371 21.98 -22.26 44.24
N GLU D 372 20.95 -22.29 43.38
CA GLU D 372 19.87 -21.32 43.41
C GLU D 372 18.51 -22.00 43.47
N MET D 373 17.63 -21.42 44.29
CA MET D 373 16.26 -21.87 44.39
C MET D 373 15.38 -20.65 44.62
N CYS D 374 14.18 -20.68 44.04
CA CYS D 374 13.18 -19.63 44.24
C CYS D 374 11.82 -20.26 44.41
N MET D 375 10.91 -19.53 45.07
CA MET D 375 9.52 -19.95 45.22
C MET D 375 8.61 -19.02 44.43
N LEU D 376 7.79 -19.61 43.56
CA LEU D 376 6.87 -18.85 42.73
C LEU D 376 5.43 -19.27 42.99
N LYS D 377 4.54 -18.30 42.89
CA LYS D 377 3.11 -18.59 42.85
C LYS D 377 2.59 -18.32 41.44
N ARG D 378 1.92 -19.31 40.87
CA ARG D 378 1.40 -19.25 39.52
C ARG D 378 -0.02 -18.72 39.54
N ARG D 379 -0.30 -17.70 38.72
CA ARG D 379 -1.66 -17.15 38.59
C ARG D 379 -2.57 -18.11 37.84
O1 P6G E . -3.81 -16.61 -1.76
C2 P6G E . -3.22 -15.64 -0.88
C3 P6G E . -1.75 -15.47 -1.28
O4 P6G E . -1.04 -16.66 -0.98
C5 P6G E . 0.32 -16.59 -1.43
C6 P6G E . 1.24 -17.30 -0.44
O7 P6G E . 2.57 -17.33 -0.93
C8 P6G E . 2.99 -18.64 -1.29
C9 P6G E . 3.18 -18.75 -2.81
O10 P6G E . 4.44 -19.35 -3.14
C11 P6G E . 4.36 -20.14 -4.33
C12 P6G E . 5.71 -20.70 -4.75
O13 P6G E . 6.03 -20.22 -6.06
C14 P6G E . 6.96 -21.03 -6.80
C15 P6G E . 8.21 -20.24 -7.15
O16 P6G E . 7.97 -19.29 -8.21
C17 P6G E . 8.71 -18.08 -8.04
C18 P6G E . 8.69 -17.30 -9.36
O19 P6G E . 8.38 -15.93 -9.12
O1 P6G F . 0.62 27.10 -32.71
C2 P6G F . -0.29 26.17 -33.30
C3 P6G F . -1.57 26.90 -33.68
O4 P6G F . -2.67 26.01 -33.56
C5 P6G F . -3.94 26.68 -33.49
C6 P6G F . -5.00 25.71 -32.97
O7 P6G F . -6.15 26.42 -32.50
C8 P6G F . -6.15 26.61 -31.08
C9 P6G F . -7.43 27.32 -30.65
O10 P6G F . -7.62 27.10 -29.26
C11 P6G F . -7.87 28.31 -28.53
C12 P6G F . -9.36 28.55 -28.35
O13 P6G F . -9.53 29.86 -27.82
C14 P6G F . -10.72 30.00 -27.03
C15 P6G F . -11.71 30.94 -27.72
O16 P6G F . -11.05 32.14 -28.13
C17 P6G F . -11.64 32.70 -29.30
C18 P6G F . -11.35 34.19 -29.34
O19 P6G F . -10.49 34.49 -30.44
#